data_7WRG
#
_entry.id   7WRG
#
_cell.length_a   56.138
_cell.length_b   68.816
_cell.length_c   253.216
_cell.angle_alpha   90.000
_cell.angle_beta   92.750
_cell.angle_gamma   90.000
#
_symmetry.space_group_name_H-M   'P 1 21 1'
#
loop_
_entity.id
_entity.type
_entity.pdbx_description
1 polymer 'Kinesin-like protein'
2 non-polymer "ADENOSINE-5'-DIPHOSPHATE"
3 non-polymer 'MAGNESIUM ION'
4 water water
#
_entity_poly.entity_id   1
_entity_poly.type   'polypeptide(L)'
_entity_poly.pdbx_seq_one_letter_code
;MGKGDSIIVAVRVRPFNDREKTRNCKLVIEMPDEETTVIRDPKTNDEKRFTYDHSYWSHDGFSEKKNGYLEPTDPHYADQ
RRVFEDLGRGVLANAWAGYNCSLFAYGQTGSGKSYSIVGFKNNKGIVPIVCEELFKQIADNKKKNMQFEVFVSMMEIYCE
KVRDLLSSTPPPKGGLKVREHPKNGFYVENLTTVPVNSFKEIEAKIEEGTKSRTIAATQMNATSSRAHTIVKITFNQKSS
KQAGGTSMKKSEINLVDLAGSERQSAAGTEGDRLKEGIVINQSLTTLGRVIKALHDSQKAKSGKKTQIPYRDSVLTCLLK
NALGGNSKTIMIAAISPADINFEETLSTLRFADRAKSIKTNAVVNENQTERALRELREENLRLQSQIQGGTAGDASNEEI
EKLRRQLAENQKEMEEMEKSWQQKIAEEAAKHASGASEKVEMEAKKKKMCHLWNLNEDPALTNVIVHFIPVGESVVGNKP
TSSGNFIQMSGLSILPQHVTLKNDGNNQIHLSPCSEDLDIFINGKPVHGETQLQQNDRVFFGGNHLYVFNNPTKKGIRTD
ITYENAQAEIAQNHAAALGNRGLGGGSKRDLILEEELMSTLPLVQRANAMATELGRNVKFEIVLVSPEMRGLTSGLTEIW
VKVHNISEDTYFLWEKSRFMNRYYGMQEMYEAKQDGSEDWNMPKERDPFYEPPDSPVFIASSVVFLQSLAYLIDVEEQFP
IVDLSGQEIGLLTVGLSPCSTTGKELRGEYVEDPDQLIGKNIAFKVKVISAVGLPRRILKSNCKYRFFGSKKMTTTATVS
GNTPAYGHEETFQFKPVTKEVADYLANSNLYITFWGTQRPRGASSRKNSISTIGSNEAREGPNKAKRVERLVHQAKTSEN
RNISVKALETVLKGVDDNENRKTRKQSMKKAGSTTIKSRSGSKKPKAKGTKLLEVLFQGPHHHHHHGSGSGSWSHPQFEK
;
_entity_poly.pdbx_strand_id   A,B
#
loop_
_chem_comp.id
_chem_comp.type
_chem_comp.name
_chem_comp.formula
ADP non-polymer ADENOSINE-5'-DIPHOSPHATE 'C10 H15 N5 O10 P2'
MG non-polymer 'MAGNESIUM ION' 'Mg 2'
#
# COMPACT_ATOMS: atom_id res chain seq x y z
N ASP A 5 21.02 23.80 -29.31
CA ASP A 5 20.44 23.11 -28.18
C ASP A 5 20.08 24.11 -27.08
N SER A 6 18.89 24.69 -27.17
CA SER A 6 18.50 25.81 -26.33
C SER A 6 17.47 25.39 -25.27
N ILE A 7 17.23 26.31 -24.34
CA ILE A 7 16.26 26.08 -23.28
C ILE A 7 14.84 26.04 -23.86
N ILE A 8 13.92 25.47 -23.08
CA ILE A 8 12.51 25.44 -23.45
C ILE A 8 11.75 26.28 -22.43
N VAL A 9 11.37 27.49 -22.83
CA VAL A 9 10.62 28.41 -21.97
C VAL A 9 9.14 28.31 -22.32
N ALA A 10 8.30 28.19 -21.31
CA ALA A 10 6.85 28.13 -21.49
C ALA A 10 6.18 28.93 -20.39
N VAL A 11 5.27 29.81 -20.78
CA VAL A 11 4.53 30.64 -19.83
C VAL A 11 3.12 30.07 -19.72
N ARG A 12 2.51 30.22 -18.54
CA ARG A 12 1.17 29.71 -18.30
C ARG A 12 0.37 30.71 -17.49
N VAL A 13 -0.90 30.90 -17.86
CA VAL A 13 -1.80 31.84 -17.20
C VAL A 13 -2.84 31.06 -16.42
N ARG A 14 -2.89 31.29 -15.10
CA ARG A 14 -3.91 30.71 -14.25
C ARG A 14 -5.23 31.45 -14.43
N PRO A 15 -6.34 30.86 -14.01
CA PRO A 15 -7.63 31.57 -14.07
C PRO A 15 -7.81 32.50 -12.87
N PHE A 16 -8.84 33.34 -12.97
CA PHE A 16 -9.20 34.21 -11.87
C PHE A 16 -9.63 33.39 -10.66
N ASN A 17 -8.97 33.61 -9.52
CA ASN A 17 -9.40 32.94 -8.31
C ASN A 17 -10.64 33.63 -7.75
N ASP A 18 -11.19 33.04 -6.67
CA ASP A 18 -12.50 33.44 -6.21
C ASP A 18 -12.52 34.81 -5.54
N ARG A 19 -11.37 35.36 -5.16
CA ARG A 19 -11.34 36.67 -4.55
C ARG A 19 -10.97 37.79 -5.51
N GLU A 20 -10.33 37.47 -6.64
CA GLU A 20 -10.10 38.48 -7.66
C GLU A 20 -11.37 38.79 -8.44
N LYS A 21 -12.29 37.83 -8.53
CA LYS A 21 -13.51 38.04 -9.31
C LYS A 21 -14.44 39.04 -8.62
N THR A 22 -14.61 38.90 -7.29
CA THR A 22 -15.40 39.88 -6.56
C THR A 22 -14.71 41.24 -6.53
N ARG A 23 -13.38 41.26 -6.66
CA ARG A 23 -12.62 42.51 -6.71
C ARG A 23 -12.76 43.23 -8.05
N ASN A 24 -13.40 42.60 -9.03
CA ASN A 24 -13.61 43.19 -10.36
C ASN A 24 -12.28 43.53 -11.03
N CYS A 25 -11.55 42.48 -11.37
CA CYS A 25 -10.26 42.59 -12.05
C CYS A 25 -10.44 42.31 -13.54
N LYS A 26 -9.82 43.16 -14.36
CA LYS A 26 -9.87 43.01 -15.81
C LYS A 26 -8.75 42.05 -16.25
N LEU A 27 -9.05 41.28 -17.29
CA LEU A 27 -8.03 40.43 -17.89
C LEU A 27 -7.06 41.26 -18.71
N VAL A 28 -5.76 41.14 -18.42
CA VAL A 28 -4.73 41.90 -19.11
C VAL A 28 -3.80 41.01 -19.91
N ILE A 29 -4.12 39.73 -20.04
CA ILE A 29 -3.26 38.77 -20.75
C ILE A 29 -4.08 38.12 -21.85
N GLU A 30 -3.51 38.07 -23.05
CA GLU A 30 -4.12 37.41 -24.19
C GLU A 30 -3.07 36.55 -24.88
N MET A 31 -3.48 35.35 -25.30
CA MET A 31 -2.60 34.42 -26.01
C MET A 31 -3.17 34.13 -27.38
N PRO A 32 -2.71 34.83 -28.43
CA PRO A 32 -3.27 34.62 -29.78
C PRO A 32 -3.09 33.19 -30.26
N ASP A 33 -1.84 32.77 -30.43
CA ASP A 33 -1.51 31.39 -30.77
C ASP A 33 -0.99 30.68 -29.53
N GLU A 34 -0.52 29.44 -29.72
CA GLU A 34 0.03 28.68 -28.61
C GLU A 34 1.51 28.98 -28.46
N GLU A 35 1.93 30.17 -28.88
CA GLU A 35 3.32 30.57 -28.80
C GLU A 35 3.48 31.95 -28.18
N THR A 36 2.46 32.80 -28.33
CA THR A 36 2.58 34.22 -28.04
C THR A 36 1.76 34.61 -26.81
N THR A 37 2.30 35.54 -26.02
CA THR A 37 1.61 36.09 -24.86
C THR A 37 1.63 37.61 -24.98
N VAL A 38 0.46 38.23 -24.92
CA VAL A 38 0.32 39.67 -25.06
C VAL A 38 -0.15 40.24 -23.73
N ILE A 39 0.67 41.12 -23.14
CA ILE A 39 0.32 41.81 -21.90
C ILE A 39 -0.06 43.24 -22.25
N ARG A 40 -1.29 43.61 -21.93
CA ARG A 40 -1.82 44.94 -22.23
C ARG A 40 -1.91 45.74 -20.93
N ASP A 41 -1.43 46.98 -20.98
CA ASP A 41 -1.43 47.82 -19.78
C ASP A 41 -2.87 48.24 -19.47
N PRO A 42 -3.29 48.16 -18.20
CA PRO A 42 -4.69 48.53 -17.90
C PRO A 42 -5.00 50.00 -18.15
N LYS A 43 -4.18 50.91 -17.62
CA LYS A 43 -4.43 52.34 -17.73
C LYS A 43 -3.85 52.97 -18.99
N THR A 44 -3.22 52.18 -19.86
CA THR A 44 -2.57 52.70 -21.05
C THR A 44 -2.98 52.00 -22.33
N ASN A 45 -3.44 50.75 -22.27
CA ASN A 45 -3.78 49.92 -23.42
C ASN A 45 -2.58 49.64 -24.32
N ASP A 46 -1.38 50.00 -23.89
CA ASP A 46 -0.18 49.62 -24.62
C ASP A 46 0.07 48.13 -24.48
N GLU A 47 0.39 47.48 -25.59
CA GLU A 47 0.60 46.04 -25.63
C GLU A 47 2.08 45.73 -25.74
N LYS A 48 2.53 44.73 -24.98
CA LYS A 48 3.82 44.09 -25.19
C LYS A 48 3.59 42.64 -25.56
N ARG A 49 4.36 42.16 -26.54
CA ARG A 49 4.11 40.89 -27.20
C ARG A 49 5.35 40.01 -27.08
N PHE A 50 5.26 38.93 -26.31
CA PHE A 50 6.37 38.01 -26.10
C PHE A 50 6.09 36.68 -26.79
N THR A 51 7.16 36.02 -27.20
CA THR A 51 7.08 34.70 -27.82
C THR A 51 7.86 33.69 -27.00
N TYR A 52 7.30 32.49 -26.85
CA TYR A 52 7.94 31.42 -26.10
C TYR A 52 7.68 30.10 -26.82
N ASP A 53 8.28 29.03 -26.30
CA ASP A 53 7.99 27.70 -26.82
C ASP A 53 6.54 27.32 -26.61
N HIS A 54 5.93 27.78 -25.52
CA HIS A 54 4.53 27.50 -25.24
C HIS A 54 3.92 28.66 -24.48
N SER A 55 2.71 29.05 -24.88
CA SER A 55 1.90 30.02 -24.16
C SER A 55 0.63 29.28 -23.74
N TYR A 56 0.65 28.72 -22.53
CA TYR A 56 -0.44 27.92 -22.00
C TYR A 56 -1.54 28.84 -21.46
N TRP A 57 -2.71 28.75 -22.07
CA TRP A 57 -3.88 29.52 -21.67
C TRP A 57 -4.73 28.63 -20.77
N SER A 58 -4.58 28.78 -19.46
CA SER A 58 -5.39 28.06 -18.49
C SER A 58 -6.37 28.98 -17.78
N HIS A 59 -6.88 29.99 -18.48
CA HIS A 59 -7.77 30.99 -17.90
C HIS A 59 -9.22 30.82 -18.32
N ASP A 60 -9.48 30.55 -19.60
CA ASP A 60 -10.84 30.40 -20.12
C ASP A 60 -11.05 29.00 -20.66
N GLY A 61 -12.32 28.65 -20.87
CA GLY A 61 -12.70 27.45 -21.57
C GLY A 61 -12.36 26.14 -20.89
N PHE A 62 -12.73 26.01 -19.61
CA PHE A 62 -12.56 24.75 -18.91
C PHE A 62 -13.81 24.45 -18.10
N SER A 63 -13.96 23.18 -17.73
CA SER A 63 -15.07 22.75 -16.89
C SER A 63 -14.55 21.81 -15.82
N GLU A 64 -14.95 22.07 -14.58
CA GLU A 64 -14.60 21.19 -13.46
C GLU A 64 -15.49 19.96 -13.51
N LYS A 65 -14.88 18.79 -13.70
CA LYS A 65 -15.63 17.56 -13.72
C LYS A 65 -15.95 17.11 -12.29
N LYS A 66 -16.78 16.08 -12.17
CA LYS A 66 -17.16 15.58 -10.85
C LYS A 66 -15.94 15.04 -10.09
N ASN A 67 -14.96 14.48 -10.81
CA ASN A 67 -13.73 14.03 -10.19
C ASN A 67 -12.87 15.18 -9.70
N GLY A 68 -13.19 16.42 -10.07
CA GLY A 68 -12.40 17.58 -9.73
C GLY A 68 -11.44 18.01 -10.82
N TYR A 69 -11.23 17.18 -11.84
CA TYR A 69 -10.31 17.53 -12.92
C TYR A 69 -10.92 18.62 -13.80
N LEU A 70 -10.07 19.56 -14.19
CA LEU A 70 -10.47 20.67 -15.07
C LEU A 70 -10.23 20.25 -16.51
N GLU A 71 -11.29 19.88 -17.21
CA GLU A 71 -11.13 19.45 -18.60
C GLU A 71 -11.36 20.62 -19.55
N PRO A 72 -10.54 20.76 -20.60
CA PRO A 72 -10.71 21.87 -21.53
C PRO A 72 -11.99 21.72 -22.36
N THR A 73 -12.73 22.82 -22.48
CA THR A 73 -13.91 22.85 -23.35
C THR A 73 -13.55 23.29 -24.76
N ASP A 74 -12.89 24.44 -24.90
CA ASP A 74 -12.39 24.86 -26.19
C ASP A 74 -10.97 24.36 -26.40
N PRO A 75 -10.48 24.33 -27.64
CA PRO A 75 -9.14 23.79 -27.89
C PRO A 75 -8.00 24.68 -27.39
N HIS A 76 -8.32 25.72 -26.62
CA HIS A 76 -7.28 26.64 -26.16
C HIS A 76 -6.89 26.43 -24.69
N TYR A 77 -7.77 25.85 -23.87
CA TYR A 77 -7.43 25.66 -22.48
C TYR A 77 -6.30 24.65 -22.33
N ALA A 78 -5.25 25.04 -21.61
CA ALA A 78 -4.11 24.17 -21.37
C ALA A 78 -4.36 23.42 -20.06
N ASP A 79 -4.92 22.22 -20.19
CA ASP A 79 -5.13 21.40 -19.01
C ASP A 79 -3.81 20.77 -18.56
N GLN A 80 -3.85 20.05 -17.44
CA GLN A 80 -2.65 19.43 -16.91
C GLN A 80 -2.06 18.43 -17.88
N ARG A 81 -2.92 17.65 -18.56
CA ARG A 81 -2.44 16.64 -19.48
C ARG A 81 -1.70 17.26 -20.67
N ARG A 82 -2.09 18.46 -21.10
CA ARG A 82 -1.39 19.10 -22.20
C ARG A 82 0.00 19.56 -21.78
N VAL A 83 0.09 20.24 -20.63
CA VAL A 83 1.38 20.64 -20.10
C VAL A 83 2.28 19.42 -19.94
N PHE A 84 1.70 18.30 -19.51
CA PHE A 84 2.47 17.07 -19.41
C PHE A 84 2.96 16.62 -20.79
N GLU A 85 2.02 16.35 -21.71
CA GLU A 85 2.39 15.85 -23.03
C GLU A 85 3.39 16.75 -23.74
N ASP A 86 3.53 18.01 -23.30
CA ASP A 86 4.52 18.88 -23.91
C ASP A 86 5.86 18.90 -23.16
N LEU A 87 5.84 18.84 -21.83
CA LEU A 87 7.08 18.99 -21.07
C LEU A 87 7.49 17.76 -20.27
N GLY A 88 6.54 17.07 -19.64
CA GLY A 88 6.88 15.85 -18.94
C GLY A 88 7.28 14.73 -19.88
N ARG A 89 6.65 14.67 -21.06
CA ARG A 89 7.14 13.77 -22.10
C ARG A 89 8.59 14.08 -22.44
N GLY A 90 8.94 15.36 -22.49
CA GLY A 90 10.32 15.74 -22.78
C GLY A 90 11.28 15.34 -21.69
N VAL A 91 10.89 15.55 -20.42
CA VAL A 91 11.78 15.17 -19.33
C VAL A 91 11.92 13.66 -19.24
N LEU A 92 10.86 12.92 -19.59
CA LEU A 92 10.95 11.46 -19.61
C LEU A 92 11.86 10.98 -20.74
N ALA A 93 11.74 11.62 -21.91
CA ALA A 93 12.64 11.27 -23.02
C ALA A 93 14.08 11.58 -22.68
N ASN A 94 14.32 12.71 -22.00
CA ASN A 94 15.67 13.05 -21.58
C ASN A 94 16.19 12.04 -20.56
N ALA A 95 15.35 11.64 -19.61
CA ALA A 95 15.77 10.64 -18.61
C ALA A 95 16.10 9.32 -19.27
N TRP A 96 15.30 8.89 -20.26
CA TRP A 96 15.57 7.63 -20.91
C TRP A 96 16.78 7.70 -21.84
N ALA A 97 17.05 8.86 -22.43
CA ALA A 97 18.15 8.98 -23.37
C ALA A 97 19.51 9.03 -22.67
N GLY A 98 19.56 9.50 -21.43
CA GLY A 98 20.80 9.70 -20.71
C GLY A 98 21.15 11.15 -20.45
N TYR A 99 20.36 12.09 -20.96
CA TYR A 99 20.56 13.50 -20.64
C TYR A 99 19.92 13.81 -19.29
N ASN A 100 20.67 14.46 -18.41
CA ASN A 100 20.08 14.93 -17.16
C ASN A 100 19.33 16.24 -17.42
N CYS A 101 18.13 16.33 -16.87
CA CYS A 101 17.23 17.43 -17.16
C CYS A 101 16.96 18.27 -15.92
N SER A 102 16.41 19.46 -16.14
CA SER A 102 16.05 20.35 -15.04
C SER A 102 14.86 21.19 -15.46
N LEU A 103 13.73 21.00 -14.79
CA LEU A 103 12.54 21.82 -14.98
C LEU A 103 12.37 22.71 -13.75
N PHE A 104 12.20 24.00 -13.96
CA PHE A 104 11.95 24.93 -12.86
C PHE A 104 10.82 25.87 -13.22
N ALA A 105 10.06 26.26 -12.19
CA ALA A 105 8.94 27.19 -12.35
C ALA A 105 9.27 28.50 -11.66
N TYR A 106 9.24 29.58 -12.44
CA TYR A 106 9.40 30.94 -11.98
C TYR A 106 8.04 31.62 -11.94
N GLY A 107 7.90 32.62 -11.10
CA GLY A 107 6.67 33.40 -11.10
C GLY A 107 6.34 33.93 -9.73
N GLN A 108 5.25 34.71 -9.70
CA GLN A 108 4.80 35.39 -8.50
C GLN A 108 4.10 34.41 -7.56
N THR A 109 4.11 34.74 -6.27
CA THR A 109 3.40 33.93 -5.27
C THR A 109 1.91 34.02 -5.55
N GLY A 110 1.32 32.91 -5.98
CA GLY A 110 -0.07 32.88 -6.39
C GLY A 110 -0.26 32.75 -7.89
N SER A 111 0.80 32.92 -8.68
CA SER A 111 0.70 32.81 -10.13
C SER A 111 0.52 31.38 -10.61
N GLY A 112 1.08 30.41 -9.90
CA GLY A 112 0.85 29.01 -10.24
C GLY A 112 2.08 28.18 -10.46
N LYS A 113 3.17 28.47 -9.75
CA LYS A 113 4.36 27.63 -9.84
C LYS A 113 4.09 26.26 -9.26
N SER A 114 3.59 26.21 -8.02
CA SER A 114 3.32 24.94 -7.37
C SER A 114 2.20 24.17 -8.06
N TYR A 115 1.23 24.89 -8.64
CA TYR A 115 0.17 24.21 -9.40
C TYR A 115 0.73 23.56 -10.66
N SER A 116 1.63 24.25 -11.36
CA SER A 116 2.18 23.70 -12.58
C SER A 116 3.12 22.53 -12.31
N ILE A 117 3.94 22.65 -11.27
CA ILE A 117 4.93 21.61 -10.98
C ILE A 117 4.27 20.39 -10.36
N VAL A 118 3.71 20.55 -9.16
CA VAL A 118 3.21 19.43 -8.39
C VAL A 118 1.74 19.16 -8.69
N GLY A 119 0.95 20.21 -8.85
CA GLY A 119 -0.49 20.07 -8.97
C GLY A 119 -1.18 20.32 -7.66
N PHE A 120 -2.49 20.03 -7.65
CA PHE A 120 -3.30 20.29 -6.47
C PHE A 120 -4.56 19.43 -6.56
N LYS A 121 -4.64 18.42 -5.70
CA LYS A 121 -5.78 17.49 -5.62
C LYS A 121 -5.84 16.73 -6.95
N ASN A 122 -7.02 16.59 -7.57
CA ASN A 122 -7.18 15.76 -8.76
C ASN A 122 -6.62 16.39 -10.03
N ASN A 123 -5.93 17.52 -9.94
CA ASN A 123 -5.24 18.12 -11.07
C ASN A 123 -3.74 17.98 -10.81
N LYS A 124 -3.23 16.77 -11.01
CA LYS A 124 -1.83 16.50 -10.74
C LYS A 124 -0.93 17.19 -11.75
N GLY A 125 0.22 17.65 -11.29
CA GLY A 125 1.17 18.40 -12.10
C GLY A 125 2.26 17.53 -12.68
N ILE A 126 3.41 18.17 -12.95
CA ILE A 126 4.50 17.48 -13.65
C ILE A 126 5.05 16.34 -12.81
N VAL A 127 5.40 16.62 -11.55
CA VAL A 127 6.09 15.61 -10.73
C VAL A 127 5.31 14.30 -10.62
N PRO A 128 4.04 14.29 -10.19
CA PRO A 128 3.38 13.00 -9.95
C PRO A 128 3.27 12.12 -11.19
N ILE A 129 2.72 12.65 -12.28
CA ILE A 129 2.53 11.82 -13.46
C ILE A 129 3.85 11.55 -14.17
N VAL A 130 4.87 12.41 -14.03
CA VAL A 130 6.17 12.09 -14.58
C VAL A 130 6.77 10.89 -13.84
N CYS A 131 6.69 10.88 -12.51
CA CYS A 131 7.14 9.72 -11.76
C CYS A 131 6.36 8.46 -12.15
N GLU A 132 5.03 8.59 -12.24
CA GLU A 132 4.18 7.45 -12.55
C GLU A 132 4.50 6.88 -13.93
N GLU A 133 4.63 7.76 -14.93
CA GLU A 133 4.96 7.32 -16.28
C GLU A 133 6.38 6.76 -16.36
N LEU A 134 7.31 7.30 -15.57
CA LEU A 134 8.66 6.73 -15.55
C LEU A 134 8.63 5.30 -15.05
N PHE A 135 7.92 5.05 -13.95
CA PHE A 135 7.87 3.68 -13.42
C PHE A 135 7.10 2.74 -14.35
N LYS A 136 6.00 3.21 -14.93
CA LYS A 136 5.27 2.39 -15.90
C LYS A 136 6.14 2.07 -17.11
N GLN A 137 6.85 3.08 -17.64
CA GLN A 137 7.72 2.89 -18.80
C GLN A 137 8.89 1.98 -18.48
N ILE A 138 9.31 1.94 -17.21
CA ILE A 138 10.27 0.93 -16.78
C ILE A 138 9.64 -0.46 -16.88
N ALA A 139 8.46 -0.62 -16.30
CA ALA A 139 7.83 -1.94 -16.23
C ALA A 139 7.35 -2.46 -17.57
N ASP A 140 7.26 -1.62 -18.60
CA ASP A 140 6.60 -1.98 -19.85
C ASP A 140 7.59 -2.16 -21.00
N ASN A 141 8.26 -1.09 -21.43
CA ASN A 141 8.86 -1.07 -22.75
C ASN A 141 10.21 -1.79 -22.81
N LYS A 142 11.09 -1.55 -21.83
CA LYS A 142 12.49 -1.95 -21.97
C LYS A 142 12.62 -3.45 -21.67
N LYS A 143 13.02 -4.21 -22.69
CA LYS A 143 13.27 -5.64 -22.57
C LYS A 143 14.77 -5.90 -22.42
N LYS A 144 15.20 -7.10 -22.82
CA LYS A 144 16.59 -7.56 -22.67
C LYS A 144 16.97 -7.63 -21.19
N ASN A 145 18.26 -7.87 -20.91
CA ASN A 145 18.74 -8.00 -19.53
C ASN A 145 19.30 -6.66 -19.08
N MET A 146 18.45 -5.86 -18.43
CA MET A 146 18.83 -4.56 -17.92
C MET A 146 18.19 -4.34 -16.55
N GLN A 147 18.97 -3.75 -15.64
CA GLN A 147 18.45 -3.33 -14.35
C GLN A 147 18.15 -1.83 -14.39
N PHE A 148 17.20 -1.41 -13.56
CA PHE A 148 16.77 -0.02 -13.50
C PHE A 148 16.72 0.44 -12.06
N GLU A 149 17.40 1.56 -11.79
CA GLU A 149 17.47 2.13 -10.45
C GLU A 149 16.86 3.52 -10.48
N VAL A 150 15.99 3.81 -9.52
CA VAL A 150 15.38 5.12 -9.37
C VAL A 150 15.64 5.59 -7.95
N PHE A 151 16.36 6.71 -7.82
CA PHE A 151 16.62 7.32 -6.52
C PHE A 151 15.95 8.68 -6.46
N VAL A 152 15.31 8.98 -5.33
CA VAL A 152 14.65 10.26 -5.13
C VAL A 152 15.32 10.99 -3.97
N SER A 153 15.43 12.31 -4.12
CA SER A 153 15.93 13.19 -3.08
C SER A 153 15.10 14.46 -3.11
N MET A 154 15.15 15.20 -2.00
CA MET A 154 14.31 16.39 -1.87
C MET A 154 14.98 17.33 -0.88
N MET A 155 15.24 18.55 -1.31
CA MET A 155 15.91 19.53 -0.47
C MET A 155 15.16 20.86 -0.53
N GLU A 156 15.37 21.67 0.51
CA GLU A 156 14.88 23.03 0.53
C GLU A 156 16.05 23.99 0.65
N ILE A 157 15.93 25.13 -0.01
CA ILE A 157 16.93 26.19 0.02
C ILE A 157 16.27 27.41 0.62
N TYR A 158 16.78 27.84 1.78
CA TYR A 158 16.17 28.92 2.54
C TYR A 158 17.27 29.72 3.20
N CYS A 159 17.33 31.02 2.91
CA CYS A 159 18.39 31.91 3.40
C CYS A 159 19.76 31.33 3.10
N GLU A 160 19.93 30.83 1.88
CA GLU A 160 21.17 30.25 1.38
C GLU A 160 21.60 29.02 2.18
N LYS A 161 20.67 28.38 2.89
CA LYS A 161 20.94 27.16 3.62
C LYS A 161 20.18 26.00 2.99
N VAL A 162 20.87 24.88 2.79
CA VAL A 162 20.29 23.69 2.20
C VAL A 162 19.89 22.74 3.32
N ARG A 163 18.62 22.34 3.32
CA ARG A 163 18.08 21.46 4.35
C ARG A 163 17.49 20.22 3.70
N ASP A 164 17.80 19.07 4.28
CA ASP A 164 17.41 17.77 3.74
C ASP A 164 15.97 17.46 4.14
N LEU A 165 15.06 17.46 3.17
CA LEU A 165 13.65 17.21 3.44
C LEU A 165 13.34 15.74 3.66
N LEU A 166 14.30 14.84 3.41
CA LEU A 166 14.09 13.41 3.57
C LEU A 166 14.88 12.82 4.73
N SER A 167 15.36 13.66 5.64
CA SER A 167 16.17 13.23 6.78
C SER A 167 15.55 13.75 8.06
N SER A 168 15.18 12.84 8.95
CA SER A 168 14.69 13.24 10.27
C SER A 168 15.81 13.69 11.19
N THR A 169 17.06 13.50 10.80
CA THR A 169 18.19 13.98 11.59
C THR A 169 18.11 15.49 11.72
N PRO A 170 18.34 16.06 12.90
CA PRO A 170 18.38 17.52 13.04
C PRO A 170 19.43 18.11 12.11
N PRO A 171 19.14 19.28 11.53
CA PRO A 171 20.02 19.82 10.49
C PRO A 171 21.29 20.38 11.09
N PRO A 172 22.40 20.34 10.35
CA PRO A 172 23.64 20.96 10.82
C PRO A 172 23.53 22.48 10.86
N LYS A 173 24.59 23.15 11.33
CA LYS A 173 24.63 24.59 11.31
C LYS A 173 25.02 25.09 9.93
N GLY A 174 24.37 26.16 9.48
CA GLY A 174 24.62 26.68 8.16
C GLY A 174 24.12 25.81 7.02
N GLY A 175 23.38 24.76 7.32
CA GLY A 175 22.84 23.89 6.29
C GLY A 175 23.88 22.93 5.75
N LEU A 176 23.43 22.08 4.82
CA LEU A 176 24.29 21.08 4.22
C LEU A 176 25.33 21.76 3.33
N LYS A 177 26.48 21.09 3.17
CA LYS A 177 27.58 21.63 2.40
C LYS A 177 27.30 21.50 0.91
N VAL A 178 27.78 22.49 0.15
CA VAL A 178 27.68 22.52 -1.30
C VAL A 178 29.09 22.50 -1.86
N ARG A 179 29.44 21.42 -2.56
CA ARG A 179 30.79 21.26 -3.09
C ARG A 179 30.74 21.06 -4.60
N GLU A 180 31.85 21.39 -5.26
CA GLU A 180 31.93 21.33 -6.72
C GLU A 180 32.79 20.13 -7.12
N HIS A 181 32.13 19.04 -7.51
CA HIS A 181 32.83 17.94 -8.15
C HIS A 181 33.47 18.44 -9.44
N PRO A 182 34.78 18.21 -9.63
CA PRO A 182 35.48 18.85 -10.75
C PRO A 182 34.96 18.48 -12.13
N LYS A 183 34.33 17.32 -12.26
CA LYS A 183 33.80 16.87 -13.55
C LYS A 183 32.29 16.98 -13.67
N ASN A 184 31.57 16.99 -12.54
CA ASN A 184 30.11 16.93 -12.59
C ASN A 184 29.42 18.20 -12.12
N GLY A 185 30.10 19.11 -11.45
CA GLY A 185 29.51 20.36 -11.04
C GLY A 185 29.14 20.42 -9.58
N PHE A 186 28.27 21.37 -9.25
CA PHE A 186 27.89 21.59 -7.86
C PHE A 186 26.92 20.52 -7.38
N TYR A 187 27.08 20.11 -6.12
CA TYR A 187 26.24 19.09 -5.52
C TYR A 187 26.17 19.32 -4.03
N VAL A 188 25.16 18.70 -3.40
CA VAL A 188 24.94 18.78 -1.96
C VAL A 188 25.54 17.55 -1.31
N GLU A 189 26.43 17.77 -0.34
CA GLU A 189 27.11 16.69 0.35
C GLU A 189 26.24 16.18 1.50
N ASN A 190 26.17 14.85 1.61
CA ASN A 190 25.37 14.17 2.64
C ASN A 190 23.88 14.48 2.47
N LEU A 191 23.40 14.34 1.24
CA LEU A 191 21.99 14.50 0.92
C LEU A 191 21.34 13.13 0.78
N THR A 192 20.21 12.94 1.45
CA THR A 192 19.56 11.63 1.47
C THR A 192 19.06 11.27 0.07
N THR A 193 19.51 10.12 -0.43
CA THR A 193 19.07 9.58 -1.72
C THR A 193 18.56 8.16 -1.46
N VAL A 194 17.25 7.99 -1.43
CA VAL A 194 16.67 6.68 -1.15
C VAL A 194 16.32 6.00 -2.46
N PRO A 195 16.54 4.69 -2.58
CA PRO A 195 16.08 3.96 -3.77
C PRO A 195 14.60 3.64 -3.66
N VAL A 196 13.87 3.88 -4.74
CA VAL A 196 12.43 3.64 -4.79
C VAL A 196 12.15 2.66 -5.92
N ASN A 197 11.33 1.65 -5.63
CA ASN A 197 11.05 0.57 -6.57
C ASN A 197 9.73 0.73 -7.31
N SER A 198 8.72 1.28 -6.67
CA SER A 198 7.42 1.51 -7.29
C SER A 198 7.07 3.00 -7.21
N PHE A 199 5.97 3.36 -7.87
CA PHE A 199 5.51 4.75 -7.82
C PHE A 199 4.95 5.10 -6.45
N LYS A 200 4.33 4.13 -5.76
CA LYS A 200 3.83 4.39 -4.41
C LYS A 200 4.96 4.78 -3.46
N GLU A 201 6.13 4.15 -3.62
CA GLU A 201 7.27 4.46 -2.76
C GLU A 201 7.72 5.91 -2.93
N ILE A 202 7.93 6.33 -4.18
CA ILE A 202 8.37 7.70 -4.42
C ILE A 202 7.28 8.69 -4.04
N GLU A 203 6.01 8.29 -4.18
CA GLU A 203 4.92 9.17 -3.78
C GLU A 203 4.93 9.40 -2.28
N ALA A 204 5.06 8.32 -1.49
CA ALA A 204 5.12 8.47 -0.04
C ALA A 204 6.38 9.20 0.40
N LYS A 205 7.49 9.03 -0.33
CA LYS A 205 8.72 9.74 0.03
C LYS A 205 8.58 11.23 -0.20
N ILE A 206 8.07 11.63 -1.37
CA ILE A 206 7.81 13.05 -1.61
C ILE A 206 6.74 13.57 -0.64
N GLU A 207 5.83 12.69 -0.22
CA GLU A 207 4.80 13.09 0.74
C GLU A 207 5.41 13.45 2.09
N GLU A 208 6.28 12.61 2.62
CA GLU A 208 6.94 12.94 3.87
C GLU A 208 7.92 14.11 3.70
N GLY A 209 8.46 14.29 2.49
CA GLY A 209 9.26 15.48 2.23
C GLY A 209 8.44 16.76 2.34
N THR A 210 7.24 16.76 1.75
CA THR A 210 6.35 17.91 1.89
C THR A 210 5.88 18.05 3.33
N LYS A 211 5.80 16.95 4.09
CA LYS A 211 5.47 17.05 5.50
C LYS A 211 6.55 17.80 6.27
N SER A 212 7.81 17.44 6.04
CA SER A 212 8.92 18.17 6.65
C SER A 212 8.91 19.64 6.21
N ARG A 213 8.64 19.89 4.94
CA ARG A 213 8.53 21.26 4.44
C ARG A 213 7.43 22.02 5.18
N THR A 214 6.29 21.37 5.40
CA THR A 214 5.18 22.01 6.12
C THR A 214 5.58 22.33 7.56
N ILE A 215 6.25 21.39 8.23
CA ILE A 215 6.68 21.63 9.60
C ILE A 215 7.62 22.82 9.65
N ALA A 216 8.56 22.90 8.71
CA ALA A 216 9.47 24.04 8.67
C ALA A 216 8.73 25.34 8.42
N ALA A 217 7.74 25.31 7.52
CA ALA A 217 7.01 26.52 7.18
C ALA A 217 6.16 27.01 8.35
N THR A 218 5.59 26.10 9.12
CA THR A 218 4.68 26.51 10.18
C THR A 218 5.39 26.80 11.50
N GLN A 219 6.47 26.10 11.81
CA GLN A 219 7.08 26.27 13.13
C GLN A 219 8.21 27.29 13.14
N MET A 220 9.00 27.36 12.06
CA MET A 220 10.11 28.30 11.97
C MET A 220 9.86 29.39 10.94
N ASN A 221 8.63 29.51 10.44
CA ASN A 221 8.25 30.49 9.42
C ASN A 221 9.13 30.38 8.18
N ALA A 222 9.55 29.15 7.85
CA ALA A 222 10.24 28.90 6.59
C ALA A 222 9.21 28.98 5.46
N THR A 223 8.84 30.22 5.13
CA THR A 223 7.75 30.46 4.20
C THR A 223 8.09 29.92 2.81
N SER A 224 7.09 29.28 2.18
CA SER A 224 7.28 28.73 0.85
C SER A 224 7.51 29.82 -0.19
N SER A 225 6.87 30.98 -0.03
CA SER A 225 7.10 32.09 -0.94
C SER A 225 8.50 32.68 -0.81
N ARG A 226 9.24 32.31 0.23
CA ARG A 226 10.60 32.80 0.44
C ARG A 226 11.63 31.68 0.42
N ALA A 227 11.27 30.52 -0.13
CA ALA A 227 12.15 29.37 -0.15
C ALA A 227 12.00 28.63 -1.47
N HIS A 228 13.02 27.84 -1.80
CA HIS A 228 13.02 27.02 -3.00
C HIS A 228 12.98 25.54 -2.60
N THR A 229 12.32 24.73 -3.42
CA THR A 229 12.16 23.31 -3.13
C THR A 229 12.54 22.50 -4.36
N ILE A 230 13.51 21.59 -4.21
CA ILE A 230 14.03 20.82 -5.32
C ILE A 230 13.77 19.34 -5.06
N VAL A 231 13.25 18.65 -6.07
CA VAL A 231 13.13 17.19 -6.09
C VAL A 231 14.09 16.67 -7.14
N LYS A 232 14.98 15.76 -6.73
CA LYS A 232 16.07 15.27 -7.57
C LYS A 232 15.87 13.78 -7.79
N ILE A 233 15.58 13.39 -9.03
CA ILE A 233 15.32 12.00 -9.37
C ILE A 233 16.45 11.51 -10.27
N THR A 234 17.19 10.51 -9.81
CA THR A 234 18.24 9.90 -10.61
C THR A 234 17.74 8.57 -11.17
N PHE A 235 17.85 8.43 -12.49
CA PHE A 235 17.40 7.25 -13.21
C PHE A 235 18.62 6.59 -13.84
N ASN A 236 18.89 5.36 -13.43
CA ASN A 236 20.06 4.61 -13.88
C ASN A 236 19.61 3.36 -14.63
N GLN A 237 20.14 3.19 -15.84
CA GLN A 237 19.88 2.02 -16.68
C GLN A 237 21.18 1.23 -16.77
N LYS A 238 21.24 0.10 -16.08
CA LYS A 238 22.42 -0.76 -16.06
C LYS A 238 22.23 -1.88 -17.07
N SER A 239 23.17 -1.98 -18.02
CA SER A 239 23.15 -3.02 -19.04
C SER A 239 24.36 -3.93 -18.87
N SER A 240 24.11 -5.23 -18.83
CA SER A 240 25.14 -6.24 -18.66
C SER A 240 25.26 -7.10 -19.91
N LYS A 241 26.34 -7.89 -19.95
CA LYS A 241 26.58 -8.86 -21.01
C LYS A 241 26.61 -8.19 -22.39
N GLN A 242 27.44 -7.17 -22.52
CA GLN A 242 27.61 -6.43 -23.76
C GLN A 242 28.98 -6.76 -24.37
N ALA A 243 29.34 -6.03 -25.43
CA ALA A 243 30.67 -6.16 -25.99
C ALA A 243 31.72 -5.76 -24.95
N GLY A 244 31.56 -4.58 -24.36
CA GLY A 244 32.29 -4.26 -23.16
C GLY A 244 31.74 -5.02 -21.97
N GLY A 245 32.44 -4.89 -20.84
CA GLY A 245 32.06 -5.60 -19.64
C GLY A 245 30.62 -5.37 -19.20
N THR A 246 30.33 -4.13 -18.79
CA THR A 246 28.99 -3.73 -18.36
C THR A 246 28.96 -2.22 -18.28
N SER A 247 27.79 -1.64 -18.54
CA SER A 247 27.68 -0.20 -18.65
C SER A 247 26.47 0.31 -17.87
N MET A 248 26.48 1.62 -17.60
CA MET A 248 25.34 2.27 -16.97
C MET A 248 25.12 3.63 -17.59
N LYS A 249 23.87 3.89 -17.98
CA LYS A 249 23.41 5.20 -18.44
C LYS A 249 22.72 5.89 -17.26
N LYS A 250 22.94 7.20 -17.12
CA LYS A 250 22.52 7.90 -15.93
C LYS A 250 21.89 9.24 -16.28
N SER A 251 20.76 9.56 -15.66
CA SER A 251 20.10 10.84 -15.82
C SER A 251 19.73 11.41 -14.46
N GLU A 252 19.84 12.72 -14.31
CA GLU A 252 19.58 13.41 -13.05
C GLU A 252 18.59 14.55 -13.31
N ILE A 253 17.32 14.31 -12.97
CA ILE A 253 16.25 15.28 -13.16
C ILE A 253 16.15 16.14 -11.91
N ASN A 254 16.04 17.45 -12.11
CA ASN A 254 15.86 18.41 -11.03
C ASN A 254 14.58 19.20 -11.29
N LEU A 255 13.57 18.97 -10.45
CA LEU A 255 12.30 19.68 -10.54
C LEU A 255 12.27 20.70 -9.41
N VAL A 256 12.25 21.98 -9.78
CA VAL A 256 12.53 23.07 -8.85
C VAL A 256 11.32 23.99 -8.78
N ASP A 257 10.74 24.11 -7.58
CA ASP A 257 9.71 25.09 -7.28
C ASP A 257 10.41 26.28 -6.62
N LEU A 258 10.55 27.37 -7.36
CA LEU A 258 11.26 28.55 -6.89
C LEU A 258 10.41 29.34 -5.92
N ALA A 259 11.06 30.27 -5.22
CA ALA A 259 10.36 31.18 -4.33
C ALA A 259 9.62 32.25 -5.14
N GLY A 260 8.76 32.98 -4.45
CA GLY A 260 8.01 34.06 -5.08
C GLY A 260 8.92 35.12 -5.67
N SER A 261 8.70 35.47 -6.93
CA SER A 261 9.55 36.43 -7.63
C SER A 261 9.26 37.87 -7.26
N GLU A 262 8.33 38.12 -6.34
CA GLU A 262 8.00 39.47 -5.92
C GLU A 262 9.13 40.06 -5.07
N GLU A 270 13.71 53.09 -0.53
CA GLU A 270 13.26 52.95 0.84
C GLU A 270 14.18 53.72 1.79
N GLY A 271 13.91 53.63 3.09
CA GLY A 271 14.66 54.38 4.07
C GLY A 271 15.84 53.65 4.66
N ASP A 272 15.82 52.32 4.60
CA ASP A 272 16.86 51.50 5.24
C ASP A 272 17.27 50.38 4.30
N ARG A 273 18.55 50.39 3.89
CA ARG A 273 19.06 49.33 3.02
C ARG A 273 19.23 48.03 3.76
N LEU A 274 20.09 48.01 4.78
CA LEU A 274 20.52 46.78 5.42
C LEU A 274 19.42 46.12 6.26
N LYS A 275 18.34 46.84 6.55
CA LYS A 275 17.27 46.30 7.39
C LYS A 275 16.20 45.57 6.58
N GLU A 276 16.36 45.47 5.27
CA GLU A 276 15.50 44.63 4.45
C GLU A 276 16.18 43.27 4.27
N GLY A 277 15.79 42.51 3.26
CA GLY A 277 16.41 41.23 3.01
C GLY A 277 17.66 41.33 2.14
N ILE A 278 18.62 40.45 2.40
CA ILE A 278 19.81 40.32 1.56
C ILE A 278 20.06 38.85 1.31
N VAL A 279 19.93 38.03 2.35
CA VAL A 279 20.21 36.59 2.21
C VAL A 279 18.99 35.85 1.69
N ILE A 280 17.78 36.29 2.04
CA ILE A 280 16.57 35.60 1.60
C ILE A 280 16.45 35.63 0.08
N ASN A 281 16.47 36.83 -0.50
CA ASN A 281 16.26 37.00 -1.93
C ASN A 281 17.52 36.72 -2.74
N GLN A 282 18.64 36.41 -2.07
CA GLN A 282 19.93 36.23 -2.75
C GLN A 282 19.81 35.29 -3.93
N SER A 283 19.38 34.05 -3.67
CA SER A 283 19.29 33.05 -4.74
C SER A 283 18.40 33.51 -5.88
N LEU A 284 17.38 34.31 -5.59
CA LEU A 284 16.58 34.90 -6.66
C LEU A 284 17.31 36.06 -7.32
N THR A 285 17.89 36.94 -6.52
CA THR A 285 18.60 38.12 -7.04
C THR A 285 19.64 37.71 -8.07
N THR A 286 20.59 36.86 -7.68
CA THR A 286 21.59 36.40 -8.62
C THR A 286 20.99 35.58 -9.74
N LEU A 287 19.87 34.90 -9.48
CA LEU A 287 19.16 34.23 -10.59
C LEU A 287 18.75 35.24 -11.65
N GLY A 288 18.31 36.43 -11.22
CA GLY A 288 18.09 37.50 -12.17
C GLY A 288 19.37 37.96 -12.82
N ARG A 289 20.46 38.00 -12.05
CA ARG A 289 21.75 38.41 -12.59
C ARG A 289 22.24 37.42 -13.63
N VAL A 290 22.39 36.15 -13.23
CA VAL A 290 22.94 35.11 -14.10
C VAL A 290 22.23 35.12 -15.45
N ILE A 291 20.90 35.00 -15.43
CA ILE A 291 20.12 35.03 -16.66
C ILE A 291 20.50 36.25 -17.49
N LYS A 292 20.44 37.43 -16.86
CA LYS A 292 20.86 38.66 -17.54
C LYS A 292 22.26 38.51 -18.11
N ALA A 293 23.21 38.06 -17.28
CA ALA A 293 24.58 37.87 -17.75
C ALA A 293 24.64 36.88 -18.90
N LEU A 294 23.77 35.87 -18.89
CA LEU A 294 23.76 34.91 -19.99
C LEU A 294 23.11 35.49 -21.23
N HIS A 295 22.20 36.45 -21.07
CA HIS A 295 21.54 37.04 -22.24
C HIS A 295 22.39 38.12 -22.89
N ASP A 296 23.13 38.90 -22.08
CA ASP A 296 24.01 39.91 -22.64
C ASP A 296 25.12 39.31 -23.48
N SER A 297 25.45 38.03 -23.27
CA SER A 297 26.45 37.36 -24.09
C SER A 297 25.93 37.14 -25.51
N GLN A 298 26.06 38.17 -26.35
CA GLN A 298 25.62 38.11 -27.74
C GLN A 298 26.20 39.27 -28.54
N GLY A 303 31.54 42.35 -28.75
CA GLY A 303 31.74 40.91 -28.68
C GLY A 303 32.95 40.50 -27.88
N LYS A 304 32.91 40.77 -26.57
CA LYS A 304 33.97 40.40 -25.66
C LYS A 304 33.38 39.67 -24.46
N LYS A 305 34.15 38.71 -23.94
CA LYS A 305 33.65 37.81 -22.91
C LYS A 305 33.27 38.57 -21.63
N THR A 306 32.20 38.11 -21.00
CA THR A 306 31.77 38.57 -19.68
C THR A 306 31.83 37.40 -18.70
N GLN A 307 31.50 37.68 -17.44
CA GLN A 307 31.52 36.69 -16.39
C GLN A 307 30.11 36.48 -15.84
N ILE A 308 29.76 35.22 -15.61
CA ILE A 308 28.45 34.85 -15.09
C ILE A 308 28.61 34.45 -13.63
N PRO A 309 27.90 35.09 -12.69
CA PRO A 309 28.14 34.86 -11.25
C PRO A 309 27.35 33.69 -10.68
N TYR A 310 27.82 32.48 -10.99
CA TYR A 310 27.15 31.29 -10.47
C TYR A 310 27.38 31.13 -8.98
N ARG A 311 28.58 31.45 -8.50
CA ARG A 311 28.94 31.18 -7.11
C ARG A 311 28.37 32.19 -6.12
N ASP A 312 27.62 33.19 -6.59
CA ASP A 312 27.08 34.20 -5.70
C ASP A 312 25.86 33.72 -4.92
N SER A 313 25.35 32.52 -5.20
CA SER A 313 24.22 32.00 -4.45
C SER A 313 24.21 30.48 -4.59
N VAL A 314 23.49 29.84 -3.67
CA VAL A 314 23.42 28.38 -3.66
C VAL A 314 22.60 27.87 -4.85
N LEU A 315 21.49 28.54 -5.17
CA LEU A 315 20.62 28.09 -6.24
C LEU A 315 21.34 28.12 -7.58
N THR A 316 21.94 29.26 -7.92
CA THR A 316 22.65 29.37 -9.19
C THR A 316 23.85 28.45 -9.25
N CYS A 317 24.42 28.07 -8.10
CA CYS A 317 25.43 27.02 -8.08
C CYS A 317 24.83 25.68 -8.46
N LEU A 318 23.76 25.28 -7.78
CA LEU A 318 23.16 23.97 -8.01
C LEU A 318 22.48 23.87 -9.37
N LEU A 319 22.17 25.00 -10.01
CA LEU A 319 21.57 25.01 -11.33
C LEU A 319 22.52 25.52 -12.40
N LYS A 320 23.83 25.38 -12.17
CA LYS A 320 24.80 25.88 -13.14
C LYS A 320 24.78 25.09 -14.43
N ASN A 321 24.66 23.76 -14.34
CA ASN A 321 24.53 22.94 -15.53
C ASN A 321 23.21 23.22 -16.26
N ALA A 322 22.14 23.42 -15.49
CA ALA A 322 20.85 23.75 -16.10
C ALA A 322 20.89 25.10 -16.80
N LEU A 323 21.69 26.02 -16.30
CA LEU A 323 21.77 27.38 -16.85
C LEU A 323 23.03 27.54 -17.71
N GLY A 324 23.08 26.78 -18.78
CA GLY A 324 24.15 26.89 -19.74
C GLY A 324 25.22 25.81 -19.70
N GLY A 325 24.96 24.68 -19.04
CA GLY A 325 25.94 23.62 -18.97
C GLY A 325 25.45 22.31 -19.53
N ASN A 326 25.73 21.20 -18.83
CA ASN A 326 25.36 19.87 -19.29
C ASN A 326 24.00 19.50 -18.71
N SER A 327 22.96 19.94 -19.41
CA SER A 327 21.59 19.69 -19.00
C SER A 327 20.63 20.15 -20.08
N LYS A 328 19.47 19.50 -20.14
CA LYS A 328 18.32 19.98 -20.89
C LYS A 328 17.42 20.73 -19.91
N THR A 329 17.12 21.99 -20.22
CA THR A 329 16.46 22.87 -19.26
C THR A 329 15.09 23.29 -19.76
N ILE A 330 14.09 23.16 -18.88
CA ILE A 330 12.72 23.57 -19.15
C ILE A 330 12.27 24.52 -18.05
N MET A 331 11.54 25.56 -18.45
CA MET A 331 11.12 26.63 -17.55
C MET A 331 9.63 26.88 -17.71
N ILE A 332 8.93 27.02 -16.59
CA ILE A 332 7.52 27.34 -16.55
C ILE A 332 7.37 28.67 -15.82
N ALA A 333 7.01 29.72 -16.55
CA ALA A 333 6.75 31.03 -15.98
C ALA A 333 5.26 31.17 -15.76
N ALA A 334 4.85 31.13 -14.49
CA ALA A 334 3.44 31.28 -14.15
C ALA A 334 3.11 32.76 -13.98
N ILE A 335 2.04 33.21 -14.63
CA ILE A 335 1.64 34.61 -14.53
C ILE A 335 0.15 34.67 -14.19
N SER A 336 -0.22 35.73 -13.47
CA SER A 336 -1.58 36.06 -13.03
C SER A 336 -2.26 36.96 -14.07
N PRO A 337 -3.55 36.76 -14.30
CA PRO A 337 -4.24 37.51 -15.35
C PRO A 337 -4.97 38.73 -14.85
N ALA A 338 -4.44 39.40 -13.81
CA ALA A 338 -5.15 40.48 -13.15
C ALA A 338 -4.48 41.82 -13.41
N ASP A 339 -5.24 42.89 -13.11
CA ASP A 339 -4.73 44.24 -13.26
C ASP A 339 -3.59 44.51 -12.28
N ILE A 340 -3.81 44.20 -11.00
CA ILE A 340 -2.90 44.65 -9.95
C ILE A 340 -1.50 44.11 -10.14
N ASN A 341 -1.37 42.92 -10.71
CA ASN A 341 -0.07 42.26 -10.88
C ASN A 341 0.59 42.61 -12.21
N PHE A 342 0.00 43.52 -13.00
CA PHE A 342 0.52 43.83 -14.32
C PHE A 342 2.03 44.06 -14.32
N GLU A 343 2.53 44.79 -13.32
CA GLU A 343 3.97 45.00 -13.21
C GLU A 343 4.71 43.68 -13.04
N GLU A 344 4.41 42.96 -11.95
CA GLU A 344 5.13 41.72 -11.67
C GLU A 344 5.02 40.74 -12.82
N THR A 345 3.80 40.54 -13.34
CA THR A 345 3.60 39.73 -14.53
C THR A 345 4.59 40.12 -15.62
N LEU A 346 4.64 41.41 -15.96
CA LEU A 346 5.58 41.87 -16.97
C LEU A 346 7.00 41.43 -16.64
N SER A 347 7.43 41.68 -15.40
CA SER A 347 8.75 41.24 -14.97
C SER A 347 8.93 39.75 -15.23
N THR A 348 7.95 38.94 -14.82
CA THR A 348 7.99 37.52 -15.13
C THR A 348 8.17 37.30 -16.62
N LEU A 349 7.29 37.91 -17.43
CA LEU A 349 7.38 37.75 -18.87
C LEU A 349 8.73 38.24 -19.40
N ARG A 350 9.34 39.22 -18.74
CA ARG A 350 10.65 39.66 -19.17
C ARG A 350 11.73 38.68 -18.74
N PHE A 351 11.62 38.15 -17.53
CA PHE A 351 12.58 37.14 -17.07
C PHE A 351 12.58 35.95 -18.02
N ALA A 352 11.40 35.37 -18.26
CA ALA A 352 11.28 34.28 -19.22
C ALA A 352 11.75 34.71 -20.61
N ASP A 353 11.68 36.01 -20.92
CA ASP A 353 12.19 36.49 -22.19
C ASP A 353 13.71 36.45 -22.22
N ARG A 354 14.35 36.81 -21.11
CA ARG A 354 15.81 36.82 -21.07
C ARG A 354 16.37 35.40 -21.05
N ALA A 355 15.77 34.51 -20.25
CA ALA A 355 16.22 33.13 -20.19
C ALA A 355 15.98 32.38 -21.50
N LYS A 356 15.11 32.91 -22.37
CA LYS A 356 14.82 32.24 -23.62
C LYS A 356 16.07 32.08 -24.49
N SER A 357 17.05 32.97 -24.32
CA SER A 357 18.30 32.89 -25.06
C SER A 357 19.38 32.24 -24.20
N ILE A 358 19.19 30.95 -23.95
CA ILE A 358 20.13 30.15 -23.18
C ILE A 358 20.37 28.85 -23.94
N LYS A 359 21.61 28.63 -24.37
CA LYS A 359 21.99 27.40 -25.05
C LYS A 359 22.75 26.50 -24.07
N THR A 360 22.30 25.25 -23.96
CA THR A 360 22.89 24.29 -23.04
C THR A 360 23.40 23.09 -23.82
N ASN A 361 24.50 22.51 -23.35
CA ASN A 361 25.20 21.42 -24.05
C ASN A 361 25.04 20.14 -23.23
N ALA A 362 23.89 19.50 -23.40
CA ALA A 362 23.61 18.24 -22.70
C ALA A 362 24.22 17.08 -23.47
N VAL A 363 24.90 16.19 -22.75
CA VAL A 363 25.53 15.02 -23.34
C VAL A 363 24.99 13.76 -22.66
N VAL A 364 25.11 12.64 -23.35
CA VAL A 364 24.69 11.36 -22.80
C VAL A 364 25.70 10.92 -21.75
N ASN A 365 25.18 10.44 -20.61
CA ASN A 365 26.02 10.01 -19.49
C ASN A 365 26.04 8.48 -19.47
N GLU A 366 26.92 7.89 -20.27
CA GLU A 366 27.18 6.46 -20.23
C GLU A 366 28.62 6.30 -19.76
N ASN A 367 28.81 5.36 -18.85
CA ASN A 367 30.16 5.09 -18.30
C ASN A 367 30.25 3.63 -17.92
N GLN A 368 31.34 2.96 -18.29
CA GLN A 368 31.55 1.57 -17.91
C GLN A 368 31.64 1.39 -16.39
N THR A 369 30.95 0.36 -15.88
CA THR A 369 30.86 0.19 -14.43
C THR A 369 32.23 -0.01 -13.81
N GLU A 370 33.09 -0.81 -14.46
CA GLU A 370 34.40 -1.08 -13.89
C GLU A 370 35.27 0.17 -13.90
N ARG A 371 35.23 0.95 -14.98
CA ARG A 371 36.03 2.19 -15.02
C ARG A 371 35.48 3.22 -14.05
N ALA A 372 34.16 3.28 -13.87
CA ALA A 372 33.59 4.19 -12.87
C ALA A 372 34.06 3.79 -11.46
N LEU A 373 33.99 2.50 -11.14
CA LEU A 373 34.49 2.03 -9.86
C LEU A 373 35.97 2.35 -9.68
N ARG A 374 36.75 2.19 -10.74
CA ARG A 374 38.19 2.42 -10.65
C ARG A 374 38.50 3.91 -10.45
N GLU A 375 37.78 4.79 -11.14
CA GLU A 375 37.96 6.23 -10.95
C GLU A 375 37.57 6.64 -9.53
N LEU A 376 36.43 6.13 -9.04
CA LEU A 376 36.01 6.44 -7.69
C LEU A 376 37.03 5.95 -6.67
N ARG A 377 37.61 4.77 -6.91
CA ARG A 377 38.61 4.24 -5.98
C ARG A 377 39.90 5.06 -6.02
N GLU A 378 40.31 5.53 -7.20
CA GLU A 378 41.51 6.33 -7.26
C GLU A 378 41.30 7.70 -6.61
N GLU A 379 40.09 8.24 -6.68
CA GLU A 379 39.81 9.47 -5.93
C GLU A 379 39.82 9.21 -4.43
N ASN A 380 39.27 8.07 -4.01
CA ASN A 380 39.36 7.67 -2.60
C ASN A 380 40.81 7.60 -2.14
N LEU A 381 41.68 7.04 -2.99
CA LEU A 381 43.09 6.92 -2.63
C LEU A 381 43.77 8.29 -2.58
N ARG A 382 43.41 9.18 -3.51
CA ARG A 382 43.93 10.54 -3.45
C ARG A 382 43.55 11.21 -2.13
N LEU A 383 42.31 11.02 -1.67
CA LEU A 383 41.90 11.62 -0.41
C LEU A 383 42.59 10.98 0.78
N GLN A 384 42.80 9.66 0.73
CA GLN A 384 43.51 8.99 1.79
C GLN A 384 44.95 9.51 1.89
N SER A 385 45.60 9.71 0.75
CA SER A 385 46.93 10.32 0.76
C SER A 385 46.88 11.78 1.23
N GLN A 386 45.79 12.50 0.95
CA GLN A 386 45.67 13.86 1.48
C GLN A 386 45.62 13.84 3.01
N ILE A 387 44.87 12.91 3.60
CA ILE A 387 44.83 12.85 5.06
C ILE A 387 46.16 12.35 5.61
N GLN A 388 46.87 11.50 4.86
CA GLN A 388 48.23 11.14 5.26
C GLN A 388 49.11 12.37 5.34
N GLY A 389 49.09 13.20 4.29
CA GLY A 389 49.83 14.44 4.34
C GLY A 389 49.35 15.39 5.42
N GLY A 390 48.10 15.24 5.82
CA GLY A 390 47.56 16.01 6.93
C GLY A 390 48.19 15.66 8.26
N THR A 391 48.01 14.42 8.72
CA THR A 391 48.45 14.06 10.07
C THR A 391 49.96 14.26 10.26
N ALA A 392 50.74 14.08 9.21
CA ALA A 392 52.19 14.20 9.29
C ALA A 392 52.72 15.55 8.82
N GLY A 393 51.84 16.47 8.39
CA GLY A 393 52.28 17.73 7.85
C GLY A 393 51.58 18.95 8.39
N ASP A 394 50.92 19.71 7.51
CA ASP A 394 50.27 20.95 7.92
C ASP A 394 49.18 20.70 8.94
N ALA A 395 48.32 19.70 8.69
CA ALA A 395 47.29 19.27 9.63
C ALA A 395 46.34 20.41 9.98
N SER A 396 45.93 21.18 8.97
CA SER A 396 44.93 22.21 9.17
C SER A 396 43.64 21.57 9.66
N ASN A 397 43.37 21.65 10.97
CA ASN A 397 42.21 20.97 11.55
C ASN A 397 40.91 21.39 10.89
N GLU A 398 40.88 22.57 10.26
CA GLU A 398 39.74 22.94 9.43
C GLU A 398 39.70 22.09 8.17
N GLU A 399 40.85 21.92 7.51
CA GLU A 399 40.92 21.19 6.25
C GLU A 399 40.84 19.68 6.42
N ILE A 400 41.49 19.12 7.46
CA ILE A 400 41.49 17.68 7.69
C ILE A 400 40.16 17.15 8.21
N GLU A 401 39.13 17.99 8.32
CA GLU A 401 37.76 17.55 8.52
C GLU A 401 36.96 17.58 7.23
N LYS A 402 37.16 18.61 6.42
CA LYS A 402 36.60 18.65 5.06
C LYS A 402 37.06 17.44 4.26
N LEU A 403 38.35 17.09 4.35
CA LEU A 403 38.86 15.95 3.60
C LEU A 403 38.22 14.65 4.08
N ARG A 404 38.00 14.51 5.38
CA ARG A 404 37.35 13.30 5.88
C ARG A 404 35.89 13.23 5.47
N ARG A 405 35.21 14.37 5.42
CA ARG A 405 33.86 14.42 4.85
C ARG A 405 33.85 13.88 3.43
N GLN A 406 34.75 14.41 2.59
CA GLN A 406 34.81 13.97 1.19
C GLN A 406 35.14 12.48 1.10
N LEU A 407 36.06 12.02 1.95
CA LEU A 407 36.42 10.60 1.95
C LEU A 407 35.24 9.73 2.32
N ALA A 408 34.46 10.13 3.33
CA ALA A 408 33.30 9.35 3.73
C ALA A 408 32.24 9.32 2.63
N GLU A 409 32.05 10.45 1.93
CA GLU A 409 31.08 10.46 0.85
C GLU A 409 31.52 9.55 -0.31
N ASN A 410 32.80 9.62 -0.69
CA ASN A 410 33.32 8.71 -1.71
C ASN A 410 33.18 7.25 -1.27
N GLN A 411 33.41 6.98 0.02
CA GLN A 411 33.29 5.63 0.54
C GLN A 411 31.86 5.11 0.42
N LYS A 412 30.88 5.95 0.76
CA LYS A 412 29.48 5.56 0.62
C LYS A 412 29.14 5.32 -0.85
N GLU A 413 29.64 6.16 -1.75
CA GLU A 413 29.37 5.97 -3.17
C GLU A 413 29.94 4.63 -3.66
N MET A 414 31.16 4.30 -3.25
CA MET A 414 31.75 3.02 -3.64
C MET A 414 30.98 1.85 -3.05
N GLU A 415 30.54 1.96 -1.79
CA GLU A 415 29.76 0.89 -1.18
C GLU A 415 28.44 0.70 -1.90
N GLU A 416 27.87 1.77 -2.45
CA GLU A 416 26.62 1.64 -3.19
C GLU A 416 26.84 1.11 -4.60
N MET A 417 28.00 1.38 -5.21
CA MET A 417 28.26 0.86 -6.55
C MET A 417 28.34 -0.67 -6.54
N GLU A 418 29.07 -1.24 -5.59
CA GLU A 418 29.19 -2.68 -5.49
C GLU A 418 27.86 -3.35 -5.20
N LYS A 419 26.95 -2.64 -4.53
CA LYS A 419 25.73 -3.23 -4.03
C LYS A 419 24.72 -3.45 -5.16
N SER A 420 23.98 -4.55 -5.08
CA SER A 420 22.88 -4.79 -6.00
C SER A 420 21.67 -3.96 -5.60
N TRP A 421 20.83 -3.62 -6.58
CA TRP A 421 19.69 -2.77 -6.31
C TRP A 421 18.69 -3.43 -5.36
N GLN A 422 18.58 -4.75 -5.41
CA GLN A 422 17.71 -5.46 -4.49
C GLN A 422 18.16 -5.25 -3.04
N GLN A 423 19.47 -5.38 -2.79
CA GLN A 423 19.97 -5.10 -1.45
C GLN A 423 19.77 -3.65 -1.06
N LYS A 424 19.87 -2.72 -2.03
CA LYS A 424 19.64 -1.31 -1.71
C LYS A 424 18.21 -1.08 -1.24
N ILE A 425 17.23 -1.57 -2.02
CA ILE A 425 15.84 -1.36 -1.62
C ILE A 425 15.53 -2.12 -0.33
N ALA A 426 16.17 -3.27 -0.10
CA ALA A 426 15.95 -3.99 1.14
C ALA A 426 16.47 -3.21 2.34
N GLU A 427 17.70 -2.69 2.23
CA GLU A 427 18.27 -1.90 3.33
C GLU A 427 17.45 -0.64 3.59
N GLU A 428 16.97 0.00 2.52
CA GLU A 428 16.18 1.22 2.72
C GLU A 428 14.81 0.91 3.29
N ALA A 429 14.23 -0.24 2.94
CA ALA A 429 12.95 -0.63 3.52
C ALA A 429 13.09 -1.10 4.95
N ALA A 430 14.29 -1.53 5.36
CA ALA A 430 14.52 -1.89 6.75
C ALA A 430 14.44 -0.69 7.69
N LYS A 431 14.31 0.52 7.15
CA LYS A 431 14.26 1.73 7.96
C LYS A 431 13.16 2.68 7.46
N GLY A 435 8.55 1.66 10.02
CA GLY A 435 8.40 3.02 10.49
C GLY A 435 7.29 3.78 9.80
N ALA A 436 6.88 3.30 8.63
CA ALA A 436 5.81 3.93 7.87
C ALA A 436 4.42 3.66 8.46
N SER A 437 4.32 2.74 9.42
CA SER A 437 3.04 2.51 10.10
C SER A 437 2.62 3.70 10.95
N GLU A 438 3.50 4.67 11.17
CA GLU A 438 3.10 5.89 11.86
C GLU A 438 2.05 6.65 11.06
N LYS A 439 2.23 6.75 9.74
CA LYS A 439 1.24 7.43 8.91
C LYS A 439 -0.05 6.64 8.82
N VAL A 440 0.05 5.32 8.72
CA VAL A 440 -1.15 4.48 8.64
C VAL A 440 -2.00 4.66 9.89
N GLU A 441 -1.39 4.46 11.06
CA GLU A 441 -2.12 4.61 12.31
C GLU A 441 -2.50 6.05 12.60
N MET A 442 -1.78 7.03 12.04
CA MET A 442 -2.19 8.41 12.16
C MET A 442 -3.50 8.66 11.42
N GLU A 443 -3.54 8.28 10.14
CA GLU A 443 -4.78 8.37 9.38
C GLU A 443 -5.90 7.54 10.01
N ALA A 444 -5.54 6.45 10.69
CA ALA A 444 -6.54 5.61 11.34
C ALA A 444 -7.14 6.32 12.56
N LYS A 445 -6.30 6.74 13.49
CA LYS A 445 -6.79 7.40 14.70
C LYS A 445 -7.35 8.79 14.42
N LYS A 446 -7.15 9.35 13.23
CA LYS A 446 -7.88 10.55 12.86
C LYS A 446 -9.39 10.30 12.78
N LYS A 447 -9.81 9.05 12.69
CA LYS A 447 -11.22 8.68 12.70
C LYS A 447 -11.76 8.41 14.10
N LYS A 448 -10.91 8.52 15.13
CA LYS A 448 -11.35 8.19 16.49
C LYS A 448 -11.01 9.29 17.49
N MET A 449 -9.99 10.08 17.21
CA MET A 449 -9.46 11.05 18.16
C MET A 449 -9.65 12.46 17.65
N CYS A 450 -9.96 13.38 18.57
CA CYS A 450 -10.07 14.79 18.21
C CYS A 450 -8.71 15.34 17.82
N HIS A 451 -8.68 16.17 16.78
CA HIS A 451 -7.42 16.60 16.22
C HIS A 451 -7.58 17.96 15.54
N LEU A 452 -6.52 18.76 15.63
CA LEU A 452 -6.39 20.00 14.89
C LEU A 452 -5.48 19.75 13.69
N TRP A 453 -5.94 20.11 12.50
CA TRP A 453 -5.15 19.93 11.29
C TRP A 453 -4.66 21.26 10.75
N ASN A 454 -3.54 21.21 10.02
CA ASN A 454 -2.80 22.42 9.68
C ASN A 454 -3.59 23.28 8.68
N LEU A 455 -3.29 24.58 8.71
CA LEU A 455 -3.98 25.55 7.85
C LEU A 455 -2.95 26.63 7.49
N ASN A 456 -2.30 26.47 6.34
CA ASN A 456 -1.11 27.22 6.00
C ASN A 456 -1.34 28.11 4.78
N GLU A 457 -0.63 29.24 4.75
CA GLU A 457 -0.76 30.19 3.65
C GLU A 457 -0.41 29.57 2.31
N ASP A 458 0.48 28.56 2.30
CA ASP A 458 0.75 27.82 1.09
C ASP A 458 -0.31 26.74 0.95
N PRO A 459 -1.18 26.82 -0.07
CA PRO A 459 -2.23 25.81 -0.21
C PRO A 459 -1.70 24.39 -0.34
N ALA A 460 -0.51 24.22 -0.93
CA ALA A 460 0.07 22.89 -1.08
C ALA A 460 0.50 22.26 0.24
N LEU A 461 0.47 23.02 1.34
CA LEU A 461 0.87 22.51 2.65
C LEU A 461 -0.27 22.46 3.65
N THR A 462 -1.49 22.78 3.24
CA THR A 462 -2.64 22.75 4.14
C THR A 462 -3.12 21.32 4.34
N ASN A 463 -3.48 21.00 5.59
CA ASN A 463 -3.94 19.67 5.98
C ASN A 463 -2.87 18.62 5.70
N VAL A 464 -1.69 18.86 6.27
CA VAL A 464 -0.53 17.98 6.14
C VAL A 464 -0.07 17.47 7.50
N ILE A 465 0.14 18.37 8.46
CA ILE A 465 0.46 17.99 9.82
C ILE A 465 -0.83 17.99 10.63
N VAL A 466 -0.74 17.48 11.86
CA VAL A 466 -1.93 17.34 12.71
C VAL A 466 -1.47 17.16 14.15
N HIS A 467 -2.22 17.76 15.07
CA HIS A 467 -2.05 17.56 16.50
C HIS A 467 -3.27 16.84 17.04
N PHE A 468 -3.06 15.76 17.77
CA PHE A 468 -4.14 14.99 18.36
C PHE A 468 -4.39 15.43 19.79
N ILE A 469 -5.67 15.51 20.16
CA ILE A 469 -6.09 15.97 21.47
C ILE A 469 -6.41 14.75 22.32
N PRO A 470 -5.62 14.42 23.34
CA PRO A 470 -5.92 13.28 24.20
C PRO A 470 -7.26 13.46 24.92
N VAL A 471 -7.75 12.33 25.44
CA VAL A 471 -9.13 12.24 25.93
C VAL A 471 -9.21 12.84 27.33
N GLY A 472 -8.09 13.34 27.83
CA GLY A 472 -8.05 13.96 29.14
C GLY A 472 -7.86 15.46 29.11
N GLU A 473 -7.32 16.01 30.18
CA GLU A 473 -6.98 17.44 30.26
C GLU A 473 -5.48 17.57 30.01
N SER A 474 -5.13 18.08 28.84
CA SER A 474 -3.74 18.24 28.43
C SER A 474 -3.43 19.72 28.24
N VAL A 475 -2.14 20.02 28.09
CA VAL A 475 -1.65 21.39 27.96
C VAL A 475 -0.83 21.49 26.68
N VAL A 476 -1.13 22.48 25.86
CA VAL A 476 -0.37 22.76 24.65
C VAL A 476 0.71 23.78 25.00
N GLY A 477 1.96 23.49 24.62
CA GLY A 477 3.04 24.41 24.92
C GLY A 477 4.33 23.97 24.28
N ASN A 478 5.30 24.90 24.28
CA ASN A 478 6.63 24.63 23.74
C ASN A 478 7.56 24.15 24.84
N LYS A 479 7.31 22.92 25.27
CA LYS A 479 8.14 22.18 26.22
C LYS A 479 8.29 20.78 25.64
N PRO A 480 9.51 20.32 25.43
CA PRO A 480 9.67 19.00 24.81
C PRO A 480 9.11 17.86 25.66
N THR A 481 7.78 17.82 25.84
CA THR A 481 7.07 16.80 26.60
C THR A 481 7.76 16.48 27.93
N SER A 482 8.11 15.22 28.14
CA SER A 482 8.76 14.78 29.37
C SER A 482 7.84 14.98 30.57
N SER A 483 6.54 14.77 30.36
CA SER A 483 5.54 14.80 31.43
C SER A 483 4.24 14.26 30.85
N GLY A 484 3.27 14.03 31.73
CA GLY A 484 1.98 13.55 31.30
C GLY A 484 1.01 14.67 30.94
N ASN A 485 0.04 14.33 30.11
CA ASN A 485 -1.02 15.25 29.68
C ASN A 485 -0.43 16.48 28.99
N PHE A 486 0.17 16.24 27.82
CA PHE A 486 0.89 17.30 27.14
C PHE A 486 0.80 17.13 25.64
N ILE A 487 0.29 18.16 24.96
CA ILE A 487 0.41 18.30 23.51
C ILE A 487 1.52 19.30 23.25
N GLN A 488 2.51 18.92 22.45
CA GLN A 488 3.63 19.82 22.17
C GLN A 488 3.40 20.54 20.85
N MET A 489 3.22 21.85 20.93
CA MET A 489 3.44 22.75 19.80
C MET A 489 4.79 23.43 19.99
N SER A 490 5.61 23.37 18.96
CA SER A 490 6.92 24.01 18.98
C SER A 490 7.02 25.06 17.89
N GLY A 491 7.88 26.06 18.12
CA GLY A 491 8.21 27.03 17.12
C GLY A 491 7.75 28.42 17.53
N LEU A 492 7.44 29.23 16.52
CA LEU A 492 7.19 30.64 16.71
C LEU A 492 5.95 30.89 17.57
N SER A 493 6.08 31.82 18.52
CA SER A 493 5.00 32.38 19.32
C SER A 493 4.49 31.45 20.43
N ILE A 494 4.84 30.17 20.37
CA ILE A 494 4.29 29.20 21.32
C ILE A 494 5.08 29.27 22.62
N LEU A 495 4.37 29.38 23.73
CA LEU A 495 4.95 29.48 25.06
C LEU A 495 5.19 28.09 25.64
N PRO A 496 5.96 27.99 26.73
CA PRO A 496 6.10 26.69 27.40
C PRO A 496 4.79 26.12 27.91
N GLN A 497 3.81 26.98 28.22
CA GLN A 497 2.45 26.56 28.56
C GLN A 497 1.50 27.52 27.86
N HIS A 498 1.10 27.17 26.64
CA HIS A 498 0.31 28.08 25.81
C HIS A 498 -1.16 28.06 26.22
N VAL A 499 -1.87 26.98 25.91
CA VAL A 499 -3.29 26.85 26.21
C VAL A 499 -3.52 25.54 26.96
N THR A 500 -4.72 25.42 27.51
CA THR A 500 -5.16 24.22 28.21
C THR A 500 -6.35 23.64 27.48
N LEU A 501 -6.29 22.35 27.15
CA LEU A 501 -7.38 21.65 26.50
C LEU A 501 -8.00 20.64 27.45
N LYS A 502 -9.31 20.53 27.42
CA LYS A 502 -10.05 19.60 28.27
C LYS A 502 -11.01 18.81 27.39
N ASN A 503 -10.69 17.55 27.16
CA ASN A 503 -11.50 16.66 26.35
C ASN A 503 -12.35 15.79 27.25
N ASP A 504 -13.66 15.77 27.01
CA ASP A 504 -14.59 14.97 27.79
C ASP A 504 -15.06 13.80 26.91
N GLY A 505 -14.20 12.80 26.77
CA GLY A 505 -14.55 11.61 26.02
C GLY A 505 -14.87 11.88 24.55
N ASN A 506 -14.17 12.85 23.95
CA ASN A 506 -14.40 13.24 22.55
C ASN A 506 -15.85 13.66 22.32
N ASN A 507 -16.47 14.24 23.34
CA ASN A 507 -17.83 14.75 23.26
C ASN A 507 -17.94 16.24 23.51
N GLN A 508 -17.00 16.83 24.26
CA GLN A 508 -17.09 18.24 24.62
C GLN A 508 -15.69 18.71 24.97
N ILE A 509 -15.10 19.54 24.11
CA ILE A 509 -13.72 20.00 24.25
C ILE A 509 -13.74 21.48 24.58
N HIS A 510 -12.97 21.87 25.59
CA HIS A 510 -12.88 23.26 26.03
C HIS A 510 -11.43 23.73 25.97
N LEU A 511 -11.22 24.88 25.34
CA LEU A 511 -9.89 25.47 25.19
C LEU A 511 -9.81 26.72 26.04
N SER A 512 -8.77 26.81 26.88
CA SER A 512 -8.60 27.92 27.81
C SER A 512 -7.18 28.44 27.72
N PRO A 513 -6.98 29.72 27.43
CA PRO A 513 -5.61 30.26 27.36
C PRO A 513 -4.99 30.37 28.75
N CYS A 514 -3.69 30.10 28.82
CA CYS A 514 -2.95 30.12 30.07
C CYS A 514 -2.45 31.50 30.47
N SER A 515 -2.91 32.56 29.79
CA SER A 515 -2.48 33.91 30.11
C SER A 515 -3.48 34.91 29.57
N GLU A 516 -3.58 36.05 30.25
CA GLU A 516 -4.46 37.13 29.81
C GLU A 516 -3.83 37.97 28.71
N ASP A 517 -2.50 37.93 28.57
CA ASP A 517 -1.79 38.66 27.53
C ASP A 517 -1.42 37.76 26.35
N LEU A 518 -2.22 36.72 26.11
CA LEU A 518 -1.94 35.72 25.07
C LEU A 518 -3.00 35.87 23.98
N ASP A 519 -2.57 36.34 22.81
CA ASP A 519 -3.49 36.61 21.70
C ASP A 519 -3.74 35.31 20.94
N ILE A 520 -4.83 34.62 21.27
CA ILE A 520 -5.28 33.45 20.53
C ILE A 520 -6.71 33.69 20.08
N PHE A 521 -7.05 33.17 18.91
CA PHE A 521 -8.32 33.44 18.27
C PHE A 521 -9.07 32.14 17.97
N ILE A 522 -10.40 32.22 17.97
CA ILE A 522 -11.27 31.14 17.54
C ILE A 522 -12.29 31.74 16.59
N ASN A 523 -12.35 31.21 15.36
CA ASN A 523 -13.23 31.73 14.32
C ASN A 523 -12.98 33.22 14.06
N GLY A 524 -11.75 33.66 14.33
CA GLY A 524 -11.38 35.05 14.21
C GLY A 524 -11.66 35.88 15.44
N LYS A 525 -12.67 35.52 16.22
CA LYS A 525 -12.98 36.28 17.42
C LYS A 525 -11.95 35.98 18.49
N PRO A 526 -11.39 36.99 19.16
CA PRO A 526 -10.39 36.72 20.20
C PRO A 526 -10.99 35.97 21.38
N VAL A 527 -10.14 35.21 22.06
CA VAL A 527 -10.56 34.36 23.17
C VAL A 527 -9.95 34.91 24.46
N HIS A 528 -10.78 35.02 25.50
CA HIS A 528 -10.34 35.53 26.79
C HIS A 528 -10.49 34.55 27.93
N GLY A 529 -11.33 33.53 27.80
CA GLY A 529 -11.49 32.53 28.83
C GLY A 529 -11.80 31.16 28.27
N GLU A 530 -12.29 30.26 29.13
CA GLU A 530 -12.64 28.91 28.66
C GLU A 530 -13.71 28.99 27.58
N THR A 531 -13.43 28.36 26.45
CA THR A 531 -14.34 28.37 25.31
C THR A 531 -14.45 26.97 24.74
N GLN A 532 -15.68 26.54 24.48
CA GLN A 532 -15.93 25.20 23.98
C GLN A 532 -15.71 25.14 22.48
N LEU A 533 -14.77 24.30 22.04
CA LEU A 533 -14.56 24.09 20.62
C LEU A 533 -15.72 23.30 20.03
N GLN A 534 -16.02 23.56 18.76
CA GLN A 534 -17.06 22.85 18.06
C GLN A 534 -16.57 22.49 16.67
N GLN A 535 -17.34 21.64 15.99
CA GLN A 535 -16.90 21.04 14.74
C GLN A 535 -16.52 22.11 13.72
N ASN A 536 -15.36 21.92 13.10
CA ASN A 536 -14.83 22.78 12.04
C ASN A 536 -14.48 24.17 12.53
N ASP A 537 -14.29 24.36 13.83
CA ASP A 537 -13.82 25.64 14.34
C ASP A 537 -12.41 25.92 13.84
N ARG A 538 -12.10 27.20 13.72
CA ARG A 538 -10.81 27.65 13.19
C ARG A 538 -10.05 28.35 14.31
N VAL A 539 -9.10 27.64 14.91
CA VAL A 539 -8.35 28.11 16.07
C VAL A 539 -7.00 28.66 15.61
N PHE A 540 -6.60 29.78 16.20
CA PHE A 540 -5.31 30.40 15.91
C PHE A 540 -4.56 30.60 17.23
N PHE A 541 -3.39 29.99 17.34
CA PHE A 541 -2.61 30.05 18.58
C PHE A 541 -1.56 31.14 18.56
N GLY A 542 -1.09 31.52 17.38
CA GLY A 542 -0.06 32.54 17.23
C GLY A 542 0.90 32.16 16.12
N GLY A 543 1.64 33.17 15.65
CA GLY A 543 2.61 32.97 14.58
C GLY A 543 2.00 32.39 13.33
N ASN A 544 2.30 31.13 13.04
CA ASN A 544 1.72 30.41 11.92
C ASN A 544 0.83 29.26 12.36
N HIS A 545 0.59 29.12 13.67
CA HIS A 545 -0.17 27.99 14.19
C HIS A 545 -1.67 28.25 14.04
N LEU A 546 -2.11 28.13 12.80
CA LEU A 546 -3.52 28.23 12.43
C LEU A 546 -4.02 26.82 12.11
N TYR A 547 -5.03 26.37 12.84
CA TYR A 547 -5.54 25.01 12.70
C TYR A 547 -7.06 25.02 12.64
N VAL A 548 -7.62 23.87 12.27
CA VAL A 548 -9.05 23.64 12.27
C VAL A 548 -9.33 22.43 13.15
N PHE A 549 -10.26 22.59 14.09
CA PHE A 549 -10.61 21.52 15.01
C PHE A 549 -11.61 20.56 14.37
N ASN A 550 -11.41 19.26 14.61
CA ASN A 550 -12.29 18.22 14.08
C ASN A 550 -12.56 17.19 15.17
N ASN A 551 -13.84 16.98 15.48
CA ASN A 551 -14.24 15.90 16.37
C ASN A 551 -14.80 14.78 15.49
N PRO A 552 -14.08 13.67 15.31
CA PRO A 552 -14.54 12.65 14.37
C PRO A 552 -15.78 11.89 14.81
N THR A 553 -16.24 12.10 16.04
CA THR A 553 -17.40 11.37 16.56
C THR A 553 -18.71 12.12 16.36
N LYS A 554 -18.65 13.45 16.28
CA LYS A 554 -19.84 14.29 16.18
C LYS A 554 -20.00 14.84 14.76
N LYS A 555 -21.23 15.25 14.46
CA LYS A 555 -21.56 16.04 13.28
C LYS A 555 -20.93 15.52 11.99
N GLY A 556 -20.47 16.44 11.15
CA GLY A 556 -19.78 16.10 9.93
C GLY A 556 -18.54 16.95 9.74
N ILE A 557 -17.37 16.30 9.69
CA ILE A 557 -16.09 17.02 9.64
C ILE A 557 -15.96 17.77 8.32
N ARG A 558 -14.92 18.58 8.21
CA ARG A 558 -14.62 19.33 6.99
C ARG A 558 -13.12 19.42 6.80
N THR A 559 -12.68 19.27 5.54
CA THR A 559 -11.27 19.41 5.19
C THR A 559 -11.04 20.35 4.02
N ASP A 560 -12.08 20.99 3.50
CA ASP A 560 -11.96 21.93 2.39
C ASP A 560 -11.96 23.38 2.86
N ILE A 561 -11.38 23.64 4.03
CA ILE A 561 -11.26 24.98 4.58
C ILE A 561 -9.89 25.51 4.20
N THR A 562 -9.85 26.62 3.48
CA THR A 562 -8.59 27.20 3.04
C THR A 562 -8.08 28.21 4.06
N TYR A 563 -6.76 28.43 4.02
CA TYR A 563 -6.15 29.46 4.83
C TYR A 563 -6.75 30.82 4.54
N GLU A 564 -7.25 31.03 3.32
CA GLU A 564 -7.84 32.31 2.96
C GLU A 564 -9.14 32.56 3.70
N ASN A 565 -9.92 31.52 3.98
CA ASN A 565 -11.18 31.70 4.70
C ASN A 565 -10.93 32.12 6.15
N ALA A 566 -10.01 31.43 6.83
CA ALA A 566 -9.73 31.75 8.22
C ALA A 566 -9.14 33.15 8.35
N GLN A 567 -8.17 33.49 7.51
CA GLN A 567 -7.61 34.83 7.55
C GLN A 567 -8.64 35.88 7.15
N ALA A 568 -9.56 35.52 6.26
CA ALA A 568 -10.62 36.45 5.87
C ALA A 568 -11.52 36.77 7.05
N GLU A 569 -11.92 35.75 7.80
CA GLU A 569 -12.78 36.00 8.96
C GLU A 569 -12.02 36.71 10.07
N ILE A 570 -10.72 36.42 10.24
CA ILE A 570 -9.92 37.14 11.22
C ILE A 570 -9.83 38.62 10.86
N ALA A 571 -9.59 38.92 9.58
CA ALA A 571 -9.53 40.32 9.14
C ALA A 571 -10.89 40.99 9.27
N GLN A 572 -11.96 40.25 9.01
CA GLN A 572 -13.30 40.80 9.20
C GLN A 572 -13.52 41.22 10.65
N ASN A 573 -13.19 40.33 11.59
CA ASN A 573 -13.39 40.64 13.00
C ASN A 573 -12.49 41.78 13.43
N HIS A 574 -11.25 41.82 12.95
CA HIS A 574 -10.33 42.90 13.32
C HIS A 574 -10.82 44.25 12.80
N ALA A 575 -11.28 44.29 11.55
CA ALA A 575 -11.80 45.54 10.99
C ALA A 575 -13.06 45.98 11.72
N ALA A 576 -13.93 45.03 12.10
CA ALA A 576 -15.10 45.39 12.89
C ALA A 576 -14.69 45.95 14.24
N ALA A 577 -13.61 45.40 14.83
CA ALA A 577 -13.12 45.92 16.11
C ALA A 577 -12.63 47.35 15.95
N LEU A 578 -11.80 47.60 14.95
CA LEU A 578 -11.30 48.95 14.70
C LEU A 578 -12.20 49.68 13.71
N ASP A 590 -14.85 48.15 0.65
CA ASP A 590 -14.75 47.41 1.90
C ASP A 590 -13.88 46.17 1.74
N LEU A 591 -14.03 45.49 0.61
CA LEU A 591 -13.26 44.27 0.38
C LEU A 591 -11.80 44.56 0.04
N ILE A 592 -11.51 45.73 -0.54
CA ILE A 592 -10.12 46.11 -0.75
C ILE A 592 -9.39 46.20 0.58
N LEU A 593 -10.05 46.78 1.59
CA LEU A 593 -9.47 46.86 2.93
C LEU A 593 -9.37 45.49 3.57
N GLU A 594 -10.39 44.65 3.40
CA GLU A 594 -10.37 43.32 3.99
C GLU A 594 -9.26 42.47 3.38
N GLU A 595 -9.18 42.44 2.05
CA GLU A 595 -8.15 41.66 1.37
C GLU A 595 -6.74 42.15 1.66
N GLU A 596 -6.60 43.40 2.12
CA GLU A 596 -5.28 43.95 2.47
C GLU A 596 -4.91 43.66 3.92
N LEU A 597 -5.88 43.71 4.83
CA LEU A 597 -5.62 43.19 6.17
C LEU A 597 -5.30 41.70 6.12
N MET A 598 -5.93 40.97 5.20
CA MET A 598 -5.60 39.55 5.00
C MET A 598 -4.14 39.35 4.62
N SER A 599 -3.49 40.37 4.07
CA SER A 599 -2.08 40.30 3.75
C SER A 599 -1.19 40.86 4.86
N THR A 600 -1.68 41.84 5.61
CA THR A 600 -0.85 42.50 6.62
C THR A 600 -0.91 41.83 7.99
N LEU A 601 -2.12 41.53 8.49
CA LEU A 601 -2.30 41.00 9.84
C LEU A 601 -1.43 39.78 10.15
N PRO A 602 -1.40 38.72 9.33
CA PRO A 602 -0.54 37.58 9.69
C PRO A 602 0.92 37.96 9.81
N LEU A 603 1.39 38.83 8.91
CA LEU A 603 2.77 39.31 8.98
C LEU A 603 3.00 40.11 10.26
N VAL A 604 1.99 40.82 10.75
CA VAL A 604 2.15 41.57 12.00
C VAL A 604 2.19 40.62 13.19
N GLN A 605 1.37 39.57 13.17
CA GLN A 605 1.46 38.54 14.21
C GLN A 605 2.85 37.94 14.25
N ARG A 606 3.36 37.52 13.09
CA ARG A 606 4.70 36.94 13.02
C ARG A 606 5.76 37.94 13.42
N ALA A 607 5.57 39.22 13.10
CA ALA A 607 6.53 40.25 13.49
C ALA A 607 6.60 40.39 15.01
N ASN A 608 5.44 40.46 15.67
CA ASN A 608 5.43 40.54 17.13
C ASN A 608 6.08 39.31 17.76
N ALA A 609 5.75 38.13 17.25
CA ALA A 609 6.32 36.90 17.81
C ALA A 609 7.83 36.85 17.61
N MET A 610 8.30 37.15 16.40
CA MET A 610 9.73 37.18 16.12
C MET A 610 10.43 38.21 17.01
N ALA A 611 9.83 39.38 17.18
CA ALA A 611 10.44 40.41 18.01
C ALA A 611 10.62 39.91 19.43
N THR A 612 9.54 39.41 20.04
CA THR A 612 9.63 38.98 21.43
C THR A 612 10.49 37.73 21.59
N GLU A 613 10.72 36.95 20.53
CA GLU A 613 11.59 35.79 20.64
C GLU A 613 13.05 36.12 20.40
N LEU A 614 13.34 37.06 19.52
CA LEU A 614 14.70 37.48 19.19
C LEU A 614 15.28 38.47 20.19
N GLY A 615 14.62 38.66 21.33
CA GLY A 615 15.10 39.60 22.33
C GLY A 615 14.76 41.05 22.06
N ARG A 616 14.09 41.36 20.95
CA ARG A 616 13.73 42.73 20.61
C ARG A 616 12.41 43.09 21.28
N ASN A 617 12.45 44.08 22.17
CA ASN A 617 11.27 44.48 22.95
C ASN A 617 10.47 45.52 22.16
N VAL A 618 9.89 45.06 21.05
CA VAL A 618 9.16 45.90 20.12
C VAL A 618 7.78 45.29 19.87
N LYS A 619 6.78 46.15 19.72
CA LYS A 619 5.40 45.72 19.51
C LYS A 619 4.83 46.41 18.28
N PHE A 620 4.22 45.63 17.40
CA PHE A 620 3.65 46.13 16.15
C PHE A 620 2.12 46.04 16.21
N GLU A 621 1.46 47.10 15.75
CA GLU A 621 0.01 47.17 15.77
C GLU A 621 -0.47 47.93 14.54
N ILE A 622 -1.51 47.40 13.90
CA ILE A 622 -2.02 47.99 12.66
C ILE A 622 -2.90 49.19 12.99
N VAL A 623 -2.52 50.36 12.48
CA VAL A 623 -3.34 51.56 12.57
C VAL A 623 -3.78 51.93 11.16
N LEU A 624 -5.08 52.10 10.96
CA LEU A 624 -5.64 52.40 9.64
C LEU A 624 -6.20 53.81 9.63
N VAL A 625 -5.91 54.54 8.55
CA VAL A 625 -6.37 55.91 8.37
C VAL A 625 -7.52 55.89 7.35
N SER A 626 -8.72 56.24 7.80
CA SER A 626 -9.89 56.22 6.96
C SER A 626 -9.93 57.45 6.05
N PRO A 627 -10.71 57.41 4.97
CA PRO A 627 -10.90 58.62 4.16
C PRO A 627 -11.48 59.78 4.95
N GLU A 628 -12.41 59.51 5.86
CA GLU A 628 -12.97 60.58 6.69
C GLU A 628 -11.90 61.24 7.56
N MET A 629 -10.90 60.47 7.99
CA MET A 629 -9.78 61.04 8.72
C MET A 629 -8.93 61.96 7.84
N ARG A 630 -9.04 61.84 6.52
CA ARG A 630 -8.32 62.69 5.58
C ARG A 630 -9.20 63.81 5.02
N GLY A 631 -10.39 64.02 5.58
CA GLY A 631 -11.29 65.01 5.04
C GLY A 631 -11.93 64.63 3.73
N LEU A 632 -12.09 63.34 3.46
CA LEU A 632 -12.70 62.84 2.25
C LEU A 632 -14.00 62.11 2.57
N THR A 633 -14.78 61.86 1.53
CA THR A 633 -16.02 61.09 1.63
C THR A 633 -15.84 59.66 1.14
N SER A 634 -15.34 59.49 -0.07
CA SER A 634 -14.95 58.20 -0.60
C SER A 634 -13.44 58.14 -0.73
N GLY A 635 -12.90 56.94 -0.66
CA GLY A 635 -11.47 56.79 -0.85
C GLY A 635 -10.96 55.47 -0.29
N LEU A 636 -9.72 55.18 -0.64
CA LEU A 636 -9.03 54.01 -0.13
C LEU A 636 -8.57 54.25 1.29
N THR A 637 -8.66 53.22 2.13
CA THR A 637 -8.26 53.33 3.53
C THR A 637 -6.80 52.95 3.67
N GLU A 638 -6.00 53.86 4.23
CA GLU A 638 -4.57 53.65 4.38
C GLU A 638 -4.30 52.72 5.57
N ILE A 639 -3.33 51.82 5.39
CA ILE A 639 -2.90 50.90 6.44
C ILE A 639 -1.50 51.31 6.89
N TRP A 640 -1.33 51.48 8.20
CA TRP A 640 -0.03 51.76 8.79
C TRP A 640 0.23 50.75 9.89
N VAL A 641 1.51 50.48 10.14
CA VAL A 641 1.93 49.59 11.22
C VAL A 641 2.61 50.45 12.28
N LYS A 642 1.92 50.68 13.39
CA LYS A 642 2.51 51.38 14.51
C LYS A 642 3.60 50.53 15.15
N VAL A 643 4.76 51.13 15.37
CA VAL A 643 5.92 50.43 15.91
C VAL A 643 6.28 51.07 17.24
N HIS A 644 6.12 50.30 18.33
CA HIS A 644 6.47 50.76 19.67
C HIS A 644 7.72 50.03 20.12
N ASN A 645 8.81 50.79 20.29
CA ASN A 645 10.04 50.25 20.86
C ASN A 645 9.98 50.48 22.37
N ILE A 646 9.64 49.43 23.12
CA ILE A 646 9.41 49.57 24.55
C ILE A 646 10.68 50.02 25.26
N SER A 647 11.80 49.35 25.00
CA SER A 647 13.08 49.90 25.36
C SER A 647 13.28 51.22 24.61
N GLU A 648 13.82 52.22 25.32
CA GLU A 648 13.95 53.60 24.84
C GLU A 648 12.61 54.30 24.78
N ASP A 649 11.51 53.53 24.85
CA ASP A 649 10.14 54.05 24.82
C ASP A 649 9.95 55.06 23.69
N THR A 650 10.19 54.58 22.48
CA THR A 650 10.04 55.39 21.28
C THR A 650 8.93 54.82 20.40
N TYR A 651 8.25 55.72 19.69
CA TYR A 651 7.13 55.36 18.83
C TYR A 651 7.45 55.72 17.39
N PHE A 652 6.99 54.89 16.46
CA PHE A 652 7.17 55.13 15.04
C PHE A 652 5.90 54.69 14.31
N LEU A 653 5.88 54.95 13.00
CA LEU A 653 4.74 54.58 12.18
C LEU A 653 5.24 54.31 10.78
N TRP A 654 5.09 53.07 10.32
CA TRP A 654 5.59 52.66 9.02
C TRP A 654 4.45 52.54 8.02
N GLU A 655 4.70 53.02 6.80
CA GLU A 655 3.84 52.66 5.69
C GLU A 655 3.85 51.15 5.52
N LYS A 656 2.73 50.61 5.00
CA LYS A 656 2.61 49.17 4.85
C LYS A 656 3.78 48.57 4.07
N SER A 657 4.21 49.26 3.01
CA SER A 657 5.31 48.75 2.18
C SER A 657 6.61 48.65 2.97
N ARG A 658 6.94 49.72 3.70
CA ARG A 658 8.13 49.70 4.55
C ARG A 658 8.06 48.54 5.55
N PHE A 659 6.86 48.28 6.08
CA PHE A 659 6.69 47.14 6.97
C PHE A 659 6.95 45.83 6.24
N MET A 660 6.53 45.72 4.98
CA MET A 660 6.78 44.50 4.22
C MET A 660 8.28 44.26 4.06
N ASN A 661 9.02 45.30 3.66
CA ASN A 661 10.46 45.14 3.44
C ASN A 661 11.18 44.80 4.74
N ARG A 662 10.92 45.57 5.80
CA ARG A 662 11.60 45.27 7.05
C ARG A 662 11.08 43.99 7.68
N TYR A 663 9.92 43.48 7.25
CA TYR A 663 9.49 42.15 7.67
C TYR A 663 10.29 41.07 6.97
N TYR A 664 10.62 41.28 5.69
CA TYR A 664 11.59 40.41 5.05
C TYR A 664 12.87 40.36 5.88
N GLY A 665 13.33 41.53 6.32
CA GLY A 665 14.51 41.58 7.18
C GLY A 665 14.33 40.80 8.48
N MET A 666 13.17 40.97 9.13
CA MET A 666 12.89 40.27 10.37
C MET A 666 12.89 38.75 10.18
N GLN A 667 12.28 38.29 9.08
CA GLN A 667 12.25 36.86 8.80
C GLN A 667 13.65 36.30 8.59
N GLU A 668 14.48 37.05 7.86
CA GLU A 668 15.87 36.63 7.68
C GLU A 668 16.59 36.53 9.02
N MET A 669 16.40 37.53 9.89
CA MET A 669 17.06 37.51 11.20
C MET A 669 16.57 36.34 12.05
N TYR A 670 15.27 36.04 11.98
CA TYR A 670 14.72 34.93 12.75
C TYR A 670 15.31 33.60 12.27
N GLU A 671 15.43 33.42 10.95
CA GLU A 671 16.09 32.21 10.45
C GLU A 671 17.54 32.16 10.90
N ALA A 672 18.23 33.29 10.89
CA ALA A 672 19.62 33.33 11.35
C ALA A 672 19.73 32.87 12.80
N LYS A 673 18.78 33.28 13.64
CA LYS A 673 18.80 32.80 15.03
C LYS A 673 18.50 31.31 15.10
N GLN A 674 17.46 30.86 14.39
CA GLN A 674 17.08 29.45 14.44
C GLN A 674 18.22 28.54 14.01
N ASP A 675 19.05 28.98 13.06
CA ASP A 675 20.22 28.20 12.68
C ASP A 675 21.30 28.18 13.74
N GLY A 676 21.16 28.98 14.80
CA GLY A 676 22.17 29.02 15.84
C GLY A 676 23.40 29.80 15.46
N SER A 677 23.27 30.79 14.58
CA SER A 677 24.41 31.57 14.14
C SER A 677 24.96 32.43 15.29
N GLU A 678 26.13 33.00 15.06
CA GLU A 678 26.78 33.90 16.00
C GLU A 678 26.49 35.37 15.71
N ASP A 679 25.77 35.66 14.63
CA ASP A 679 25.60 37.03 14.16
C ASP A 679 24.12 37.39 13.95
N TRP A 680 23.22 36.78 14.74
CA TRP A 680 21.82 37.16 14.62
C TRP A 680 21.51 38.41 15.45
N ASN A 681 21.92 38.42 16.72
CA ASN A 681 21.83 39.63 17.52
C ASN A 681 22.87 40.62 16.98
N MET A 682 22.41 41.57 16.18
CA MET A 682 23.29 42.38 15.35
C MET A 682 23.20 43.86 15.75
N PRO A 683 24.12 44.71 15.28
CA PRO A 683 24.09 46.12 15.67
C PRO A 683 22.81 46.83 15.24
N LYS A 684 22.66 48.06 15.72
CA LYS A 684 21.47 48.85 15.45
C LYS A 684 21.29 49.12 13.96
N GLU A 685 22.38 49.48 13.27
CA GLU A 685 22.32 49.84 11.86
C GLU A 685 21.88 48.69 10.96
N ARG A 686 21.89 47.44 11.45
CA ARG A 686 21.56 46.28 10.64
C ARG A 686 20.32 45.52 11.09
N ASP A 687 19.80 45.74 12.34
CA ASP A 687 18.68 44.86 12.58
C ASP A 687 17.37 45.54 12.17
N PRO A 688 16.43 44.75 11.65
CA PRO A 688 15.19 45.33 11.12
C PRO A 688 14.21 45.80 12.18
N PHE A 689 14.43 45.50 13.45
CA PHE A 689 13.51 45.91 14.49
C PHE A 689 13.81 47.28 15.08
N TYR A 690 15.02 47.79 14.88
CA TYR A 690 15.43 49.07 15.46
C TYR A 690 15.21 50.19 14.46
N GLU A 691 14.82 51.36 14.98
CA GLU A 691 14.62 52.56 14.20
C GLU A 691 15.23 53.72 14.98
N PRO A 692 16.10 54.52 14.37
CA PRO A 692 16.71 55.63 15.10
C PRO A 692 15.65 56.59 15.61
N PRO A 693 15.88 57.19 16.77
CA PRO A 693 14.84 58.04 17.37
C PRO A 693 14.64 59.36 16.65
N ASP A 694 15.69 59.96 16.09
CA ASP A 694 15.57 61.19 15.34
C ASP A 694 14.90 60.99 13.99
N SER A 695 14.42 59.78 13.69
CA SER A 695 13.69 59.55 12.46
C SER A 695 12.30 60.18 12.55
N PRO A 696 11.90 61.00 11.59
CA PRO A 696 10.58 61.64 11.67
C PRO A 696 9.46 60.61 11.56
N VAL A 697 8.34 60.92 12.22
CA VAL A 697 7.19 60.02 12.28
C VAL A 697 5.91 60.82 12.15
N PHE A 698 4.98 60.31 11.34
CA PHE A 698 3.66 60.90 11.18
C PHE A 698 2.88 60.73 12.48
N ILE A 699 2.61 61.84 13.16
CA ILE A 699 2.12 61.83 14.53
C ILE A 699 0.68 62.32 14.64
N ALA A 700 0.32 63.37 13.91
CA ALA A 700 -0.98 64.00 14.12
C ALA A 700 -1.61 64.37 12.79
N SER A 701 -2.93 64.57 12.83
CA SER A 701 -3.72 64.98 11.67
C SER A 701 -4.57 66.19 12.02
N SER A 702 -4.82 67.03 11.02
CA SER A 702 -5.64 68.21 11.20
C SER A 702 -6.42 68.45 9.92
N VAL A 703 -7.71 68.72 10.06
CA VAL A 703 -8.62 68.90 8.93
C VAL A 703 -9.10 70.36 8.97
N VAL A 704 -8.57 71.19 8.08
CA VAL A 704 -8.87 72.61 8.03
C VAL A 704 -9.91 72.83 6.94
N PHE A 705 -11.15 73.09 7.35
CA PHE A 705 -12.20 73.40 6.38
C PHE A 705 -11.96 74.77 5.75
N LEU A 706 -12.04 74.82 4.42
CA LEU A 706 -11.72 76.03 3.67
C LEU A 706 -12.95 76.86 3.35
N GLN A 707 -14.04 76.70 4.10
CA GLN A 707 -15.25 77.45 3.82
C GLN A 707 -15.03 78.95 3.90
N SER A 708 -14.12 79.40 4.77
CA SER A 708 -13.84 80.82 4.91
C SER A 708 -13.35 81.41 3.59
N LEU A 709 -12.52 80.66 2.85
CA LEU A 709 -12.04 81.13 1.56
C LEU A 709 -13.15 81.16 0.52
N ALA A 710 -14.14 80.27 0.64
CA ALA A 710 -15.21 80.21 -0.34
C ALA A 710 -16.05 81.46 -0.35
N TYR A 711 -16.12 82.17 0.78
CA TYR A 711 -16.90 83.40 0.89
C TYR A 711 -16.02 84.63 1.01
N LEU A 712 -14.73 84.50 0.69
CA LEU A 712 -13.79 85.62 0.64
C LEU A 712 -13.71 86.39 1.96
N ILE A 713 -13.90 85.69 3.08
CA ILE A 713 -13.80 86.31 4.39
C ILE A 713 -12.43 85.99 4.97
N ASP A 714 -11.88 86.93 5.73
CA ASP A 714 -10.56 86.80 6.35
C ASP A 714 -10.77 86.45 7.82
N VAL A 715 -10.56 85.19 8.17
CA VAL A 715 -10.63 84.72 9.54
C VAL A 715 -9.46 83.80 9.83
N GLU A 716 -9.19 83.60 11.12
CA GLU A 716 -8.19 82.66 11.59
C GLU A 716 -8.73 81.99 12.84
N GLU A 717 -8.98 80.69 12.76
CA GLU A 717 -9.56 79.94 13.86
C GLU A 717 -8.71 78.71 14.15
N GLN A 718 -9.10 77.97 15.18
CA GLN A 718 -8.40 76.77 15.61
C GLN A 718 -9.10 75.53 15.07
N PHE A 719 -8.29 74.56 14.63
CA PHE A 719 -8.82 73.31 14.14
C PHE A 719 -8.27 72.15 14.96
N PRO A 720 -9.08 71.12 15.20
CA PRO A 720 -8.65 70.03 16.08
C PRO A 720 -7.44 69.29 15.52
N ILE A 721 -6.50 68.98 16.41
CA ILE A 721 -5.38 68.10 16.11
C ILE A 721 -5.70 66.73 16.70
N VAL A 722 -5.65 65.70 15.87
CA VAL A 722 -6.03 64.35 16.28
C VAL A 722 -4.85 63.40 16.03
N ASP A 723 -4.56 62.57 17.02
CA ASP A 723 -3.61 61.50 16.81
C ASP A 723 -4.27 60.38 15.99
N LEU A 724 -3.46 59.40 15.59
CA LEU A 724 -3.96 58.38 14.68
C LEU A 724 -4.94 57.42 15.33
N SER A 725 -5.16 57.51 16.64
CA SER A 725 -6.27 56.81 17.26
C SER A 725 -7.60 57.52 17.04
N GLY A 726 -7.58 58.69 16.39
CA GLY A 726 -8.77 59.49 16.21
C GLY A 726 -9.07 60.44 17.34
N GLN A 727 -8.34 60.35 18.45
CA GLN A 727 -8.62 61.17 19.62
C GLN A 727 -8.09 62.58 19.42
N GLU A 728 -8.94 63.58 19.67
CA GLU A 728 -8.52 64.96 19.59
C GLU A 728 -7.59 65.30 20.73
N ILE A 729 -6.43 65.89 20.41
CA ILE A 729 -5.42 66.17 21.41
C ILE A 729 -4.94 67.61 21.41
N GLY A 730 -5.17 68.40 20.37
CA GLY A 730 -4.65 69.74 20.34
C GLY A 730 -5.42 70.64 19.40
N LEU A 731 -4.92 71.86 19.26
CA LEU A 731 -5.54 72.89 18.43
C LEU A 731 -4.48 73.53 17.54
N LEU A 732 -4.82 73.72 16.26
CA LEU A 732 -3.92 74.32 15.28
C LEU A 732 -4.57 75.58 14.74
N THR A 733 -4.01 76.74 15.08
CA THR A 733 -4.49 78.01 14.55
C THR A 733 -3.94 78.20 13.14
N VAL A 734 -4.83 78.31 12.16
CA VAL A 734 -4.42 78.59 10.80
C VAL A 734 -5.13 79.85 10.31
N GLY A 735 -4.49 80.55 9.38
CA GLY A 735 -5.02 81.77 8.82
C GLY A 735 -5.55 81.53 7.41
N LEU A 736 -6.75 82.03 7.15
CA LEU A 736 -7.41 81.90 5.85
C LEU A 736 -7.87 83.28 5.40
N SER A 737 -7.46 83.69 4.21
CA SER A 737 -7.79 85.02 3.72
C SER A 737 -7.66 85.03 2.21
N PRO A 738 -8.51 85.79 1.51
CA PRO A 738 -8.32 86.00 0.07
C PRO A 738 -7.44 87.20 -0.22
N CYS A 739 -6.75 87.13 -1.34
CA CYS A 739 -5.89 88.23 -1.78
C CYS A 739 -5.83 88.24 -3.30
N SER A 740 -5.64 89.43 -3.87
CA SER A 740 -5.59 89.55 -5.31
C SER A 740 -4.29 88.97 -5.86
N THR A 741 -4.27 88.74 -7.18
CA THR A 741 -3.08 88.24 -7.83
C THR A 741 -1.89 89.18 -7.68
N THR A 742 -2.15 90.46 -7.45
CA THR A 742 -1.07 91.38 -7.08
C THR A 742 -0.44 90.99 -5.75
N GLY A 743 -1.26 90.54 -4.81
CA GLY A 743 -0.84 90.27 -3.44
C GLY A 743 -1.57 91.06 -2.39
N LYS A 744 -2.40 92.02 -2.78
CA LYS A 744 -3.14 92.85 -1.85
C LYS A 744 -4.46 92.19 -1.48
N GLU A 745 -5.12 92.74 -0.46
CA GLU A 745 -6.34 92.15 0.08
C GLU A 745 -7.57 92.32 -0.82
N LEU A 746 -7.46 92.16 -2.13
CA LEU A 746 -8.64 91.95 -3.01
C LEU A 746 -9.54 93.19 -2.93
N ARG A 747 -10.84 93.01 -2.98
CA ARG A 747 -11.79 94.09 -2.81
C ARG A 747 -12.99 93.55 -2.06
N GLY A 748 -13.50 94.36 -1.13
CA GLY A 748 -14.55 93.93 -0.22
C GLY A 748 -15.92 93.79 -0.85
N GLU A 749 -16.20 92.61 -1.40
CA GLU A 749 -17.52 92.29 -1.91
C GLU A 749 -18.27 91.43 -0.88
N TYR A 750 -19.44 90.93 -1.28
CA TYR A 750 -20.22 90.00 -0.45
C TYR A 750 -20.56 88.78 -1.29
N VAL A 751 -19.90 87.66 -1.00
CA VAL A 751 -20.19 86.40 -1.66
C VAL A 751 -21.35 85.73 -0.93
N GLU A 752 -22.46 85.51 -1.65
CA GLU A 752 -23.57 84.76 -1.10
C GLU A 752 -23.64 83.33 -1.62
N ASP A 753 -23.14 83.09 -2.83
CA ASP A 753 -22.91 81.75 -3.33
C ASP A 753 -21.49 81.69 -3.88
N PRO A 754 -20.71 80.66 -3.52
CA PRO A 754 -19.28 80.65 -3.91
C PRO A 754 -19.03 80.62 -5.41
N ASP A 755 -20.05 80.39 -6.23
CA ASP A 755 -19.84 80.43 -7.67
C ASP A 755 -19.56 81.84 -8.18
N GLN A 756 -19.87 82.87 -7.38
CA GLN A 756 -19.46 84.23 -7.72
C GLN A 756 -17.96 84.34 -7.93
N LEU A 757 -17.19 83.43 -7.34
CA LEU A 757 -15.73 83.46 -7.49
C LEU A 757 -15.29 83.01 -8.87
N ILE A 758 -16.15 82.33 -9.63
CA ILE A 758 -15.71 81.76 -10.89
C ILE A 758 -15.38 82.86 -11.89
N GLY A 759 -14.29 82.66 -12.64
CA GLY A 759 -13.85 83.62 -13.63
C GLY A 759 -12.97 84.74 -13.11
N LYS A 760 -12.87 84.88 -11.79
CA LYS A 760 -12.08 85.95 -11.19
C LYS A 760 -10.67 85.45 -10.85
N ASN A 761 -9.71 86.36 -10.92
CA ASN A 761 -8.32 86.06 -10.57
C ASN A 761 -8.14 86.31 -9.08
N ILE A 762 -8.26 85.26 -8.28
CA ILE A 762 -8.23 85.36 -6.83
C ILE A 762 -7.15 84.42 -6.29
N ALA A 763 -6.39 84.88 -5.30
CA ALA A 763 -5.41 84.07 -4.62
C ALA A 763 -5.80 83.89 -3.16
N PHE A 764 -5.37 82.77 -2.59
CA PHE A 764 -5.73 82.41 -1.22
C PHE A 764 -4.48 81.99 -0.47
N LYS A 765 -4.14 82.74 0.58
CA LYS A 765 -2.99 82.41 1.40
C LYS A 765 -3.43 81.61 2.62
N VAL A 766 -2.66 80.58 2.94
CA VAL A 766 -2.88 79.75 4.12
C VAL A 766 -1.72 80.00 5.08
N LYS A 767 -2.05 80.38 6.31
CA LYS A 767 -1.05 80.71 7.32
C LYS A 767 -1.16 79.71 8.47
N VAL A 768 -0.31 78.68 8.44
CA VAL A 768 -0.21 77.77 9.58
C VAL A 768 0.49 78.52 10.70
N ILE A 769 -0.30 79.11 11.60
CA ILE A 769 0.21 80.04 12.60
C ILE A 769 0.94 79.30 13.71
N SER A 770 0.20 78.55 14.52
CA SER A 770 0.78 77.89 15.68
C SER A 770 -0.12 76.74 16.10
N ALA A 771 0.49 75.74 16.75
CA ALA A 771 -0.23 74.59 17.27
C ALA A 771 0.04 74.43 18.75
N VAL A 772 -0.92 73.84 19.46
CA VAL A 772 -0.76 73.47 20.86
C VAL A 772 -1.31 72.07 21.03
N GLY A 773 -0.89 71.41 22.11
CA GLY A 773 -1.36 70.07 22.42
C GLY A 773 -0.61 68.95 21.75
N LEU A 774 0.54 69.22 21.13
CA LEU A 774 1.35 68.16 20.57
C LEU A 774 1.86 67.25 21.68
N PRO A 775 2.19 66.00 21.36
CA PRO A 775 2.68 65.08 22.38
C PRO A 775 3.93 65.60 23.07
N ARG A 776 3.99 65.39 24.39
CA ARG A 776 5.14 65.85 25.18
C ARG A 776 6.44 65.22 24.70
N ARG A 777 6.38 64.03 24.11
CA ARG A 777 7.59 63.35 23.67
C ARG A 777 8.22 63.99 22.44
N ILE A 778 7.54 64.94 21.79
CA ILE A 778 8.02 65.53 20.54
C ILE A 778 8.90 66.72 20.84
N LEU A 779 10.03 66.81 20.12
CA LEU A 779 10.96 67.93 20.25
C LEU A 779 11.12 68.76 19.00
N LYS A 780 10.74 68.24 17.83
CA LYS A 780 10.76 68.98 16.57
C LYS A 780 9.57 68.53 15.74
N SER A 781 8.90 69.47 15.08
CA SER A 781 7.73 69.12 14.29
C SER A 781 7.52 70.12 13.17
N ASN A 782 6.83 69.68 12.12
CA ASN A 782 6.40 70.53 11.04
C ASN A 782 5.13 69.96 10.44
N CYS A 783 4.46 70.77 9.61
CA CYS A 783 3.22 70.39 8.97
C CYS A 783 3.44 70.13 7.49
N LYS A 784 2.52 69.35 6.92
CA LYS A 784 2.59 68.99 5.50
C LYS A 784 1.18 68.94 4.92
N TYR A 785 1.00 69.55 3.75
CA TYR A 785 -0.27 69.48 3.04
C TYR A 785 -0.01 69.76 1.57
N ARG A 786 -1.05 69.57 0.76
CA ARG A 786 -0.99 69.88 -0.67
C ARG A 786 -2.30 70.55 -1.06
N PHE A 787 -2.24 71.85 -1.36
CA PHE A 787 -3.43 72.59 -1.77
C PHE A 787 -3.94 72.05 -3.11
N PHE A 788 -5.11 72.55 -3.51
CA PHE A 788 -5.79 72.04 -4.70
C PHE A 788 -4.93 72.23 -5.94
N GLY A 789 -4.67 71.14 -6.65
CA GLY A 789 -3.99 71.15 -7.93
C GLY A 789 -2.68 71.90 -7.94
N SER A 790 -1.74 71.49 -7.08
CA SER A 790 -0.44 72.15 -6.98
C SER A 790 0.74 71.23 -7.22
N LYS A 791 0.58 69.92 -7.04
CA LYS A 791 1.65 68.91 -7.11
C LYS A 791 2.97 69.42 -6.55
N LYS A 792 2.90 70.18 -5.45
CA LYS A 792 4.08 70.61 -4.71
C LYS A 792 3.71 70.50 -3.23
N MET A 793 4.14 69.42 -2.59
CA MET A 793 3.83 69.19 -1.18
C MET A 793 4.34 70.33 -0.32
N THR A 794 3.43 71.15 0.20
CA THR A 794 3.80 72.25 1.07
C THR A 794 4.17 71.71 2.45
N THR A 795 5.35 72.09 2.94
CA THR A 795 5.81 71.68 4.25
C THR A 795 6.37 72.88 4.99
N THR A 796 5.93 73.06 6.23
CA THR A 796 6.31 74.22 7.03
C THR A 796 7.72 74.02 7.61
N ALA A 797 8.21 75.05 8.30
CA ALA A 797 9.48 74.94 8.99
C ALA A 797 9.32 74.11 10.25
N THR A 798 10.46 73.70 10.81
CA THR A 798 10.48 72.87 12.01
C THR A 798 10.73 73.75 13.24
N VAL A 799 9.89 73.56 14.27
CA VAL A 799 9.92 74.39 15.47
C VAL A 799 10.08 73.48 16.68
N SER A 800 10.62 74.05 17.76
CA SER A 800 11.07 73.25 18.91
C SER A 800 9.91 72.77 19.78
N GLY A 801 9.28 73.68 20.52
CA GLY A 801 8.43 73.31 21.63
C GLY A 801 7.21 72.49 21.23
N ASN A 802 6.55 71.95 22.26
CA ASN A 802 5.30 71.24 22.07
C ASN A 802 4.13 72.17 21.79
N THR A 803 4.33 73.48 21.92
CA THR A 803 3.40 74.50 21.42
C THR A 803 4.18 75.35 20.42
N PRO A 804 4.38 74.84 19.21
CA PRO A 804 5.26 75.51 18.25
C PRO A 804 4.57 76.59 17.45
N ALA A 805 5.36 77.59 17.06
CA ALA A 805 4.91 78.69 16.21
C ALA A 805 5.55 78.49 14.84
N TYR A 806 4.84 77.75 13.97
CA TYR A 806 5.38 77.44 12.66
C TYR A 806 5.58 78.70 11.83
N GLY A 807 4.64 79.64 11.89
CA GLY A 807 4.78 80.89 11.17
C GLY A 807 4.86 80.72 9.67
N HIS A 808 4.10 79.79 9.11
CA HIS A 808 4.14 79.52 7.68
C HIS A 808 3.10 80.38 6.95
N GLU A 809 3.34 80.58 5.66
CA GLU A 809 2.47 81.38 4.82
C GLU A 809 2.78 81.10 3.37
N GLU A 810 1.74 80.91 2.56
CA GLU A 810 1.90 80.73 1.11
C GLU A 810 0.59 81.04 0.42
N THR A 811 0.61 81.98 -0.52
CA THR A 811 -0.55 82.24 -1.35
C THR A 811 -0.66 81.21 -2.46
N PHE A 812 -1.89 80.91 -2.86
CA PHE A 812 -2.17 79.97 -3.94
C PHE A 812 -2.97 80.69 -5.01
N GLN A 813 -2.32 81.01 -6.12
CA GLN A 813 -2.93 81.77 -7.20
C GLN A 813 -3.83 80.87 -8.05
N PHE A 814 -4.81 81.51 -8.69
CA PHE A 814 -5.70 80.82 -9.62
C PHE A 814 -6.11 81.81 -10.71
N LYS A 815 -5.77 81.47 -11.98
CA LYS A 815 -6.06 82.42 -13.06
C LYS A 815 -7.56 82.52 -13.31
N PRO A 816 -8.28 81.45 -13.69
CA PRO A 816 -9.71 81.45 -13.41
C PRO A 816 -9.99 80.62 -12.17
N VAL A 817 -10.62 81.21 -11.15
CA VAL A 817 -11.16 80.39 -10.07
C VAL A 817 -12.22 79.50 -10.69
N THR A 818 -11.95 78.20 -10.72
CA THR A 818 -12.80 77.25 -11.44
C THR A 818 -13.91 76.74 -10.54
N LYS A 819 -15.02 76.35 -11.16
CA LYS A 819 -16.10 75.70 -10.42
C LYS A 819 -15.59 74.52 -9.61
N GLU A 820 -14.57 73.83 -10.12
CA GLU A 820 -13.90 72.80 -9.33
C GLU A 820 -13.21 73.41 -8.11
N VAL A 821 -12.54 74.55 -8.30
CA VAL A 821 -11.86 75.21 -7.18
C VAL A 821 -12.90 75.81 -6.22
N ALA A 822 -13.98 76.36 -6.77
CA ALA A 822 -15.04 76.90 -5.91
C ALA A 822 -15.66 75.80 -5.06
N ASP A 823 -15.98 74.66 -5.68
CA ASP A 823 -16.51 73.53 -4.92
C ASP A 823 -15.49 73.03 -3.90
N TYR A 824 -14.20 73.03 -4.27
CA TYR A 824 -13.16 72.66 -3.32
C TYR A 824 -13.21 73.54 -2.09
N LEU A 825 -13.16 74.87 -2.28
CA LEU A 825 -13.17 75.79 -1.15
C LEU A 825 -14.45 75.67 -0.34
N ALA A 826 -15.58 75.43 -1.01
CA ALA A 826 -16.88 75.47 -0.34
C ALA A 826 -17.28 74.16 0.33
N ASN A 827 -16.70 73.03 -0.07
CA ASN A 827 -17.16 71.74 0.43
C ASN A 827 -16.05 70.81 0.91
N SER A 828 -14.78 71.11 0.64
CA SER A 828 -13.71 70.24 1.05
C SER A 828 -12.85 70.95 2.10
N ASN A 829 -11.61 70.48 2.28
CA ASN A 829 -10.80 70.90 3.41
C ASN A 829 -9.34 70.56 3.13
N LEU A 830 -8.45 71.29 3.82
CA LEU A 830 -7.02 71.04 3.73
C LEU A 830 -6.63 69.99 4.75
N TYR A 831 -5.88 68.97 4.30
CA TYR A 831 -5.49 67.85 5.14
C TYR A 831 -4.04 68.06 5.57
N ILE A 832 -3.86 68.54 6.79
CA ILE A 832 -2.55 68.89 7.32
C ILE A 832 -2.08 67.76 8.23
N THR A 833 -0.91 67.21 7.92
CA THR A 833 -0.32 66.13 8.71
C THR A 833 0.92 66.64 9.44
N PHE A 834 1.15 66.09 10.63
CA PHE A 834 2.24 66.50 11.49
C PHE A 834 3.33 65.43 11.52
N TRP A 835 4.58 65.87 11.48
CA TRP A 835 5.74 64.98 11.44
C TRP A 835 6.74 65.45 12.47
N GLY A 836 7.12 64.56 13.39
CA GLY A 836 7.91 64.95 14.54
C GLY A 836 8.98 63.94 14.89
N THR A 837 9.88 64.39 15.76
CA THR A 837 10.94 63.57 16.34
C THR A 837 10.84 63.61 17.85
N GLN A 838 11.36 62.57 18.50
CA GLN A 838 11.07 62.32 19.91
C GLN A 838 12.28 62.32 20.83
N ARG A 839 13.45 61.88 20.37
CA ARG A 839 14.64 61.83 21.22
C ARG A 839 15.72 62.69 20.59
N PRO A 840 16.88 62.93 21.26
CA PRO A 840 17.85 63.89 20.71
C PRO A 840 18.49 63.47 19.40
N ARG A 841 19.36 64.32 18.88
CA ARG A 841 20.05 64.04 17.63
C ARG A 841 21.52 63.70 17.89
N ASP B 5 22.19 -36.34 -18.94
CA ASP B 5 20.97 -37.14 -18.83
C ASP B 5 20.30 -36.92 -17.48
N SER B 6 19.69 -35.74 -17.32
CA SER B 6 19.05 -35.34 -16.08
C SER B 6 17.54 -35.33 -16.25
N ILE B 7 16.84 -35.17 -15.12
CA ILE B 7 15.38 -35.19 -15.12
C ILE B 7 14.84 -33.92 -15.78
N ILE B 8 13.78 -34.09 -16.58
CA ILE B 8 13.08 -32.96 -17.17
C ILE B 8 11.99 -32.51 -16.20
N VAL B 9 12.22 -31.36 -15.55
CA VAL B 9 11.33 -30.85 -14.52
C VAL B 9 10.52 -29.70 -15.08
N ALA B 10 9.23 -29.68 -14.77
CA ALA B 10 8.35 -28.61 -15.20
C ALA B 10 7.34 -28.32 -14.11
N VAL B 11 7.00 -27.05 -13.96
CA VAL B 11 6.00 -26.59 -13.00
C VAL B 11 4.88 -25.91 -13.78
N ARG B 12 3.66 -25.97 -13.26
CA ARG B 12 2.51 -25.39 -13.92
C ARG B 12 1.57 -24.79 -12.88
N VAL B 13 0.96 -23.65 -13.24
CA VAL B 13 0.01 -22.95 -12.39
C VAL B 13 -1.37 -22.97 -13.04
N ARG B 14 -2.36 -23.44 -12.29
CA ARG B 14 -3.74 -23.43 -12.75
C ARG B 14 -4.35 -22.04 -12.54
N PRO B 15 -5.50 -21.76 -13.14
CA PRO B 15 -6.18 -20.49 -12.88
C PRO B 15 -6.97 -20.52 -11.57
N PHE B 16 -7.42 -19.33 -11.17
CA PHE B 16 -8.32 -19.23 -10.04
C PHE B 16 -9.63 -19.97 -10.35
N ASN B 17 -9.98 -20.93 -9.50
CA ASN B 17 -11.29 -21.55 -9.67
C ASN B 17 -12.37 -20.60 -9.17
N ASP B 18 -13.62 -20.91 -9.52
CA ASP B 18 -14.71 -19.96 -9.35
C ASP B 18 -15.01 -19.61 -7.90
N ARG B 19 -14.43 -20.31 -6.92
CA ARG B 19 -14.66 -19.98 -5.52
C ARG B 19 -13.44 -19.37 -4.84
N GLU B 20 -12.27 -19.41 -5.46
CA GLU B 20 -11.13 -18.66 -4.94
C GLU B 20 -11.20 -17.19 -5.35
N LYS B 21 -11.87 -16.90 -6.46
CA LYS B 21 -12.06 -15.50 -6.87
C LYS B 21 -13.01 -14.77 -5.93
N THR B 22 -14.12 -15.41 -5.57
CA THR B 22 -15.04 -14.81 -4.62
C THR B 22 -14.45 -14.77 -3.21
N ARG B 23 -13.52 -15.66 -2.90
CA ARG B 23 -12.87 -15.70 -1.60
C ARG B 23 -11.86 -14.58 -1.41
N ASN B 24 -11.65 -13.73 -2.42
CA ASN B 24 -10.69 -12.63 -2.38
C ASN B 24 -9.28 -13.15 -2.11
N CYS B 25 -8.76 -13.86 -3.11
CA CYS B 25 -7.41 -14.39 -3.08
C CYS B 25 -6.54 -13.64 -4.08
N LYS B 26 -5.34 -13.28 -3.64
CA LYS B 26 -4.40 -12.54 -4.49
C LYS B 26 -3.45 -13.48 -5.20
N LEU B 27 -2.81 -12.97 -6.24
CA LEU B 27 -1.87 -13.75 -7.04
C LEU B 27 -0.48 -13.66 -6.40
N VAL B 28 0.01 -14.80 -5.92
CA VAL B 28 1.34 -14.86 -5.32
C VAL B 28 2.39 -15.45 -6.26
N ILE B 29 1.97 -16.00 -7.40
CA ILE B 29 2.88 -16.63 -8.35
C ILE B 29 3.15 -15.66 -9.49
N GLU B 30 4.43 -15.50 -9.82
CA GLU B 30 4.85 -14.68 -10.96
C GLU B 30 5.80 -15.50 -11.82
N MET B 31 5.58 -15.51 -13.12
CA MET B 31 6.44 -16.22 -14.07
C MET B 31 6.90 -15.24 -15.14
N PRO B 32 8.10 -14.67 -15.02
CA PRO B 32 8.57 -13.75 -16.06
C PRO B 32 8.76 -14.42 -17.41
N ASP B 33 9.48 -15.55 -17.44
CA ASP B 33 9.67 -16.29 -18.69
C ASP B 33 9.14 -17.71 -18.56
N GLU B 34 9.60 -18.60 -19.45
CA GLU B 34 9.10 -19.97 -19.52
C GLU B 34 9.90 -20.96 -18.69
N GLU B 35 10.83 -20.48 -17.85
CA GLU B 35 11.72 -21.39 -17.13
C GLU B 35 11.82 -21.12 -15.63
N THR B 36 11.47 -19.94 -15.15
CA THR B 36 11.69 -19.57 -13.76
C THR B 36 10.43 -19.00 -13.14
N THR B 37 10.09 -19.48 -11.95
CA THR B 37 8.91 -19.06 -11.22
C THR B 37 9.30 -18.17 -10.03
N VAL B 38 8.47 -17.17 -9.75
CA VAL B 38 8.68 -16.25 -8.65
C VAL B 38 7.50 -16.36 -7.70
N ILE B 39 7.77 -16.68 -6.45
CA ILE B 39 6.76 -16.81 -5.42
C ILE B 39 6.90 -15.65 -4.44
N ARG B 40 5.78 -14.98 -4.15
CA ARG B 40 5.76 -13.79 -3.31
C ARG B 40 4.90 -14.05 -2.08
N ASP B 41 5.47 -13.82 -0.91
CA ASP B 41 4.75 -14.07 0.33
C ASP B 41 3.60 -13.07 0.48
N PRO B 42 2.39 -13.52 0.80
CA PRO B 42 1.28 -12.56 0.94
C PRO B 42 1.48 -11.55 2.06
N LYS B 43 2.08 -11.97 3.17
CA LYS B 43 2.24 -11.10 4.33
C LYS B 43 3.60 -10.43 4.41
N THR B 44 4.67 -11.12 4.02
CA THR B 44 6.02 -10.60 4.12
C THR B 44 6.53 -10.02 2.80
N ASN B 45 6.00 -10.45 1.67
CA ASN B 45 6.45 -10.09 0.32
C ASN B 45 7.86 -10.57 0.03
N ASP B 46 8.41 -11.45 0.88
CA ASP B 46 9.70 -12.06 0.61
C ASP B 46 9.63 -12.91 -0.65
N GLU B 47 10.28 -12.46 -1.72
CA GLU B 47 10.21 -13.13 -3.01
C GLU B 47 11.30 -14.21 -3.10
N LYS B 48 10.89 -15.42 -3.45
CA LYS B 48 11.81 -16.50 -3.77
C LYS B 48 11.67 -16.85 -5.25
N THR B 51 14.21 -22.11 -10.43
CA THR B 51 14.49 -22.41 -11.82
C THR B 51 14.04 -23.83 -12.16
N TYR B 52 13.42 -23.99 -13.32
CA TYR B 52 12.96 -25.29 -13.78
C TYR B 52 13.21 -25.41 -15.28
N ASP B 53 13.22 -26.66 -15.76
CA ASP B 53 13.40 -26.89 -17.19
C ASP B 53 12.21 -26.34 -17.98
N HIS B 54 11.01 -26.35 -17.40
CA HIS B 54 9.87 -25.69 -18.03
C HIS B 54 8.99 -25.07 -16.96
N SER B 55 8.60 -23.81 -17.18
CA SER B 55 7.69 -23.08 -16.30
C SER B 55 6.45 -22.73 -17.08
N TYR B 56 5.28 -23.13 -16.55
CA TYR B 56 4.03 -23.11 -17.28
C TYR B 56 3.04 -22.21 -16.56
N TRP B 57 2.71 -21.08 -17.19
CA TRP B 57 1.75 -20.13 -16.68
C TRP B 57 0.42 -20.40 -17.35
N SER B 58 -0.44 -21.20 -16.70
CA SER B 58 -1.75 -21.52 -17.21
C SER B 58 -2.86 -20.85 -16.39
N HIS B 59 -2.57 -19.68 -15.81
CA HIS B 59 -3.50 -18.95 -14.97
C HIS B 59 -4.15 -17.77 -15.68
N ASP B 60 -3.39 -17.00 -16.44
CA ASP B 60 -3.90 -15.81 -17.09
C ASP B 60 -3.32 -15.69 -18.49
N GLY B 61 -4.17 -15.43 -19.47
CA GLY B 61 -3.74 -15.30 -20.84
C GLY B 61 -4.39 -16.30 -21.77
N PHE B 62 -5.57 -16.78 -21.40
CA PHE B 62 -6.29 -17.78 -22.19
C PHE B 62 -7.71 -17.32 -22.44
N SER B 63 -8.40 -18.04 -23.32
CA SER B 63 -9.80 -17.79 -23.64
C SER B 63 -10.51 -19.11 -23.82
N GLU B 64 -11.70 -19.23 -23.23
CA GLU B 64 -12.53 -20.43 -23.39
C GLU B 64 -13.22 -20.36 -24.74
N LYS B 65 -13.01 -21.38 -25.57
CA LYS B 65 -13.57 -21.40 -26.92
C LYS B 65 -15.04 -21.84 -26.88
N LYS B 66 -15.60 -22.11 -28.05
CA LYS B 66 -16.99 -22.54 -28.14
C LYS B 66 -17.19 -23.99 -27.73
N ASN B 67 -16.14 -24.80 -27.76
CA ASN B 67 -16.23 -26.20 -27.36
C ASN B 67 -15.52 -26.49 -26.05
N GLY B 68 -15.04 -25.46 -25.36
CA GLY B 68 -14.45 -25.61 -24.04
C GLY B 68 -12.94 -25.55 -24.00
N TYR B 69 -12.26 -25.65 -25.14
CA TYR B 69 -10.80 -25.66 -25.15
C TYR B 69 -10.26 -24.29 -24.79
N LEU B 70 -9.25 -24.26 -23.90
CA LEU B 70 -8.62 -23.01 -23.47
C LEU B 70 -7.50 -22.69 -24.44
N GLU B 71 -7.70 -21.63 -25.25
CA GLU B 71 -6.73 -21.25 -26.26
C GLU B 71 -5.92 -20.06 -25.78
N PRO B 72 -4.60 -20.06 -25.96
CA PRO B 72 -3.80 -18.94 -25.47
C PRO B 72 -3.99 -17.69 -26.33
N THR B 73 -3.94 -16.53 -25.66
CA THR B 73 -3.93 -15.24 -26.35
C THR B 73 -2.54 -14.63 -26.41
N ASP B 74 -1.76 -14.76 -25.34
CA ASP B 74 -0.39 -14.29 -25.27
C ASP B 74 0.58 -15.47 -25.36
N PRO B 75 1.82 -15.23 -25.81
CA PRO B 75 2.81 -16.32 -25.87
C PRO B 75 3.24 -16.85 -24.52
N HIS B 76 2.69 -16.34 -23.42
CA HIS B 76 3.08 -16.80 -22.08
C HIS B 76 2.16 -17.86 -21.52
N TYR B 77 0.93 -17.97 -22.01
CA TYR B 77 0.00 -18.96 -21.48
C TYR B 77 0.46 -20.37 -21.85
N ALA B 78 0.46 -21.25 -20.85
CA ALA B 78 0.82 -22.65 -21.06
C ALA B 78 -0.39 -23.40 -21.59
N ASP B 79 -0.29 -23.86 -22.83
CA ASP B 79 -1.39 -24.58 -23.47
C ASP B 79 -1.24 -26.07 -23.25
N GLN B 80 -2.37 -26.77 -23.29
CA GLN B 80 -2.35 -28.24 -23.35
C GLN B 80 -1.45 -28.71 -24.48
N ARG B 81 -1.59 -28.09 -25.66
CA ARG B 81 -0.78 -28.49 -26.80
C ARG B 81 0.68 -28.06 -26.65
N ARG B 82 0.95 -26.96 -25.96
CA ARG B 82 2.35 -26.59 -25.73
C ARG B 82 3.01 -27.55 -24.76
N VAL B 83 2.33 -27.86 -23.65
CA VAL B 83 2.84 -28.87 -22.72
C VAL B 83 3.06 -30.19 -23.45
N PHE B 84 2.16 -30.54 -24.36
CA PHE B 84 2.33 -31.77 -25.13
C PHE B 84 3.58 -31.68 -26.02
N GLU B 85 3.63 -30.70 -26.92
CA GLU B 85 4.77 -30.56 -27.81
C GLU B 85 6.09 -30.43 -27.06
N ASP B 86 6.06 -30.09 -25.78
CA ASP B 86 7.27 -30.05 -24.99
C ASP B 86 7.62 -31.39 -24.36
N LEU B 87 6.65 -32.13 -23.83
CA LEU B 87 6.94 -33.30 -23.02
C LEU B 87 6.36 -34.60 -23.58
N GLY B 88 5.14 -34.57 -24.10
CA GLY B 88 4.57 -35.77 -24.68
C GLY B 88 5.26 -36.16 -25.98
N ARG B 89 5.68 -35.17 -26.77
CA ARG B 89 6.51 -35.48 -27.92
C ARG B 89 7.84 -36.07 -27.48
N GLY B 90 8.37 -35.60 -26.35
CA GLY B 90 9.60 -36.18 -25.83
C GLY B 90 9.43 -37.62 -25.39
N VAL B 91 8.31 -37.93 -24.73
CA VAL B 91 8.09 -39.32 -24.32
C VAL B 91 7.79 -40.20 -25.54
N LEU B 92 7.17 -39.63 -26.58
CA LEU B 92 7.02 -40.36 -27.84
C LEU B 92 8.38 -40.70 -28.43
N ALA B 93 9.29 -39.73 -28.45
CA ALA B 93 10.63 -39.98 -28.97
C ALA B 93 11.36 -41.00 -28.12
N ASN B 94 11.20 -40.94 -26.80
CA ASN B 94 11.84 -41.91 -25.91
C ASN B 94 11.30 -43.32 -26.17
N ALA B 95 9.99 -43.43 -26.41
CA ALA B 95 9.41 -44.74 -26.71
C ALA B 95 9.90 -45.27 -28.05
N TRP B 96 9.96 -44.41 -29.07
CA TRP B 96 10.41 -44.85 -30.38
C TRP B 96 11.90 -45.22 -30.38
N ALA B 97 12.71 -44.52 -29.58
CA ALA B 97 14.13 -44.79 -29.55
C ALA B 97 14.48 -46.04 -28.74
N GLY B 98 13.64 -46.42 -27.78
CA GLY B 98 13.89 -47.59 -26.96
C GLY B 98 14.08 -47.30 -25.50
N TYR B 99 14.01 -46.03 -25.08
CA TYR B 99 14.16 -45.68 -23.68
C TYR B 99 12.82 -45.78 -22.98
N ASN B 100 12.85 -46.24 -21.73
CA ASN B 100 11.65 -46.35 -20.90
C ASN B 100 11.56 -45.12 -20.01
N CYS B 101 10.56 -44.29 -20.26
CA CYS B 101 10.40 -43.03 -19.55
C CYS B 101 9.24 -43.10 -18.58
N SER B 102 9.26 -42.19 -17.61
CA SER B 102 8.23 -42.08 -16.59
C SER B 102 7.86 -40.61 -16.44
N LEU B 103 6.62 -40.27 -16.78
CA LEU B 103 6.10 -38.91 -16.67
C LEU B 103 5.09 -38.90 -15.54
N PHE B 104 5.43 -38.23 -14.44
CA PHE B 104 4.56 -38.21 -13.27
C PHE B 104 4.30 -36.79 -12.80
N ALA B 105 3.15 -36.58 -12.19
CA ALA B 105 2.73 -35.30 -11.67
C ALA B 105 2.76 -35.32 -10.14
N TYR B 106 2.92 -34.12 -9.57
CA TYR B 106 3.08 -33.95 -8.14
C TYR B 106 2.50 -32.61 -7.74
N GLY B 107 1.83 -32.58 -6.60
CA GLY B 107 1.29 -31.34 -6.09
C GLY B 107 0.16 -31.58 -5.11
N GLN B 108 -0.41 -30.48 -4.65
CA GLN B 108 -1.54 -30.51 -3.72
C GLN B 108 -2.80 -30.92 -4.46
N THR B 109 -3.73 -31.51 -3.70
CA THR B 109 -5.05 -31.84 -4.26
C THR B 109 -5.76 -30.58 -4.73
N GLY B 110 -6.29 -30.62 -5.95
CA GLY B 110 -6.92 -29.48 -6.55
C GLY B 110 -5.98 -28.56 -7.30
N SER B 111 -4.67 -28.78 -7.21
CA SER B 111 -3.73 -27.93 -7.94
C SER B 111 -3.72 -28.21 -9.43
N GLY B 112 -4.19 -29.38 -9.85
CA GLY B 112 -4.33 -29.68 -11.27
C GLY B 112 -3.38 -30.73 -11.80
N LYS B 113 -3.01 -31.71 -10.97
CA LYS B 113 -2.13 -32.77 -11.45
C LYS B 113 -2.87 -33.76 -12.34
N SER B 114 -4.14 -34.07 -12.00
CA SER B 114 -4.94 -34.90 -12.89
C SER B 114 -5.30 -34.14 -14.17
N TYR B 115 -5.42 -32.82 -14.07
CA TYR B 115 -5.65 -32.01 -15.26
C TYR B 115 -4.44 -32.02 -16.19
N SER B 116 -3.24 -32.22 -15.63
CA SER B 116 -2.03 -32.25 -16.46
C SER B 116 -1.80 -33.64 -17.03
N ILE B 117 -1.89 -34.67 -16.19
CA ILE B 117 -1.61 -36.03 -16.65
C ILE B 117 -2.69 -36.51 -17.62
N VAL B 118 -3.94 -36.44 -17.20
CA VAL B 118 -5.06 -37.00 -17.97
C VAL B 118 -5.83 -35.92 -18.71
N GLY B 119 -6.20 -34.86 -18.02
CA GLY B 119 -7.01 -33.80 -18.59
C GLY B 119 -8.41 -33.77 -18.01
N PHE B 120 -9.32 -33.17 -18.76
CA PHE B 120 -10.71 -33.06 -18.32
C PHE B 120 -11.58 -32.72 -19.52
N LYS B 121 -12.51 -33.61 -19.86
CA LYS B 121 -13.48 -33.42 -20.96
C LYS B 121 -12.69 -33.21 -22.25
N ASN B 122 -13.13 -32.31 -23.13
CA ASN B 122 -12.42 -32.02 -24.38
C ASN B 122 -11.22 -31.10 -24.15
N ASN B 123 -10.47 -31.32 -23.08
CA ASN B 123 -9.21 -30.63 -22.81
C ASN B 123 -8.18 -31.71 -22.49
N LYS B 124 -7.88 -32.53 -23.50
CA LYS B 124 -7.09 -33.74 -23.31
C LYS B 124 -5.71 -33.41 -22.75
N GLY B 125 -5.33 -34.12 -21.68
CA GLY B 125 -4.01 -33.97 -21.09
C GLY B 125 -2.96 -34.75 -21.85
N ILE B 126 -2.00 -35.29 -21.12
CA ILE B 126 -0.88 -35.99 -21.75
C ILE B 126 -1.34 -37.35 -22.28
N VAL B 127 -1.96 -38.16 -21.42
CA VAL B 127 -2.20 -39.57 -21.74
C VAL B 127 -3.01 -39.77 -23.03
N PRO B 128 -4.19 -39.15 -23.20
CA PRO B 128 -5.01 -39.50 -24.37
C PRO B 128 -4.35 -39.13 -25.70
N ILE B 129 -3.81 -37.93 -25.80
CA ILE B 129 -3.20 -37.53 -27.07
C ILE B 129 -1.89 -38.26 -27.29
N VAL B 130 -1.18 -38.63 -26.21
CA VAL B 130 0.02 -39.45 -26.38
C VAL B 130 -0.36 -40.80 -26.98
N CYS B 131 -1.42 -41.43 -26.47
CA CYS B 131 -1.87 -42.70 -27.03
C CYS B 131 -2.28 -42.54 -28.50
N GLU B 132 -3.07 -41.49 -28.79
CA GLU B 132 -3.56 -41.30 -30.14
C GLU B 132 -2.43 -41.05 -31.12
N GLU B 133 -1.46 -40.20 -30.75
CA GLU B 133 -0.34 -39.92 -31.64
C GLU B 133 0.60 -41.11 -31.74
N LEU B 134 0.72 -41.92 -30.69
CA LEU B 134 1.50 -43.16 -30.80
C LEU B 134 0.89 -44.08 -31.84
N PHE B 135 -0.43 -44.29 -31.77
CA PHE B 135 -1.05 -45.19 -32.73
C PHE B 135 -1.07 -44.61 -34.15
N LYS B 136 -1.16 -43.28 -34.27
CA LYS B 136 -1.04 -42.66 -35.59
C LYS B 136 0.36 -42.86 -36.16
N GLN B 137 1.39 -42.46 -35.41
CA GLN B 137 2.77 -42.63 -35.80
C GLN B 137 3.12 -44.10 -36.06
N ILE B 138 2.36 -45.03 -35.49
CA ILE B 138 2.46 -46.43 -35.89
C ILE B 138 1.84 -46.64 -37.26
N ALA B 139 0.59 -46.19 -37.43
CA ALA B 139 -0.16 -46.46 -38.65
C ALA B 139 0.21 -45.54 -39.81
N ASP B 140 0.89 -44.43 -39.54
CA ASP B 140 1.27 -43.50 -40.60
C ASP B 140 2.74 -43.66 -41.02
N ASN B 141 3.65 -43.64 -40.06
CA ASN B 141 5.07 -43.73 -40.33
C ASN B 141 5.57 -45.15 -40.05
N LYS B 142 6.89 -45.32 -40.05
CA LYS B 142 7.54 -46.59 -39.75
C LYS B 142 7.06 -47.70 -40.69
N LYS B 143 7.25 -47.45 -41.99
CA LYS B 143 6.85 -48.39 -43.04
C LYS B 143 8.02 -49.30 -43.36
N LYS B 144 7.93 -50.56 -42.92
CA LYS B 144 8.96 -51.56 -43.19
C LYS B 144 8.42 -52.96 -42.89
N ASN B 145 9.31 -53.93 -42.74
CA ASN B 145 8.93 -55.29 -42.34
C ASN B 145 9.00 -55.44 -40.82
N MET B 146 8.19 -54.62 -40.14
CA MET B 146 8.23 -54.54 -38.69
C MET B 146 6.82 -54.63 -38.12
N GLN B 147 6.70 -55.28 -36.98
CA GLN B 147 5.47 -55.35 -36.20
C GLN B 147 5.56 -54.43 -34.99
N PHE B 148 4.40 -54.02 -34.50
CA PHE B 148 4.32 -53.11 -33.36
C PHE B 148 3.30 -53.64 -32.37
N GLU B 149 3.74 -53.84 -31.14
CA GLU B 149 2.90 -54.39 -30.08
C GLU B 149 2.70 -53.35 -28.99
N VAL B 150 1.45 -53.15 -28.59
CA VAL B 150 1.09 -52.18 -27.55
C VAL B 150 0.32 -52.92 -26.47
N PHE B 151 0.79 -52.83 -25.23
CA PHE B 151 0.10 -53.37 -24.08
C PHE B 151 -0.12 -52.23 -23.08
N VAL B 152 -1.27 -52.25 -22.40
CA VAL B 152 -1.58 -51.23 -21.41
C VAL B 152 -1.93 -51.90 -20.10
N SER B 153 -1.35 -51.41 -19.01
CA SER B 153 -1.65 -51.84 -17.65
C SER B 153 -2.11 -50.63 -16.86
N MET B 154 -2.90 -50.86 -15.83
CA MET B 154 -3.40 -49.76 -15.00
C MET B 154 -3.48 -50.25 -13.56
N MET B 155 -2.82 -49.53 -12.65
CA MET B 155 -2.76 -49.93 -11.26
C MET B 155 -2.94 -48.73 -10.36
N GLU B 156 -3.34 -49.00 -9.13
CA GLU B 156 -3.42 -47.98 -8.10
C GLU B 156 -2.56 -48.38 -6.90
N ILE B 157 -2.04 -47.37 -6.21
CA ILE B 157 -1.29 -47.55 -4.98
C ILE B 157 -2.04 -46.82 -3.89
N TYR B 158 -2.66 -47.58 -2.98
CA TYR B 158 -3.44 -46.99 -1.89
C TYR B 158 -3.13 -47.75 -0.61
N CYS B 159 -2.70 -47.02 0.42
CA CYS B 159 -2.27 -47.60 1.69
C CYS B 159 -1.20 -48.65 1.47
N GLU B 160 -0.22 -48.31 0.62
CA GLU B 160 0.89 -49.17 0.23
C GLU B 160 0.43 -50.43 -0.49
N LYS B 161 -0.86 -50.55 -0.79
CA LYS B 161 -1.41 -51.71 -1.47
C LYS B 161 -1.48 -51.44 -2.97
N VAL B 162 -0.91 -52.34 -3.76
CA VAL B 162 -1.06 -52.29 -5.20
C VAL B 162 -2.35 -53.00 -5.58
N ARG B 163 -3.18 -52.34 -6.37
CA ARG B 163 -4.47 -52.88 -6.77
C ARG B 163 -4.61 -52.77 -8.28
N ASP B 164 -4.98 -53.89 -8.91
CA ASP B 164 -5.11 -53.96 -10.36
C ASP B 164 -6.41 -53.30 -10.80
N LEU B 165 -6.30 -52.34 -11.71
CA LEU B 165 -7.46 -51.62 -12.19
C LEU B 165 -8.07 -52.21 -13.46
N LEU B 166 -7.33 -53.05 -14.17
CA LEU B 166 -7.81 -53.69 -15.40
C LEU B 166 -8.20 -55.14 -15.17
N SER B 167 -8.81 -55.46 -14.04
CA SER B 167 -9.18 -56.84 -13.73
C SER B 167 -10.26 -56.82 -12.67
N SER B 168 -11.44 -57.37 -13.01
CA SER B 168 -12.50 -57.55 -12.02
C SER B 168 -12.23 -58.71 -11.09
N THR B 169 -11.07 -59.36 -11.21
CA THR B 169 -10.66 -60.37 -10.25
C THR B 169 -10.66 -59.76 -8.84
N PRO B 170 -11.21 -60.44 -7.84
CA PRO B 170 -11.23 -59.89 -6.49
C PRO B 170 -9.83 -59.55 -6.01
N PRO B 171 -9.66 -58.39 -5.38
CA PRO B 171 -8.32 -57.96 -4.97
C PRO B 171 -7.75 -58.87 -3.91
N PRO B 172 -6.50 -59.30 -4.07
CA PRO B 172 -5.89 -60.20 -3.08
C PRO B 172 -5.65 -59.50 -1.75
N LYS B 173 -5.27 -60.29 -0.76
CA LYS B 173 -4.92 -59.75 0.55
C LYS B 173 -3.53 -59.14 0.50
N GLY B 174 -3.39 -57.94 1.05
CA GLY B 174 -2.16 -57.20 0.92
C GLY B 174 -1.89 -56.69 -0.48
N GLY B 175 -2.90 -56.70 -1.36
CA GLY B 175 -2.72 -56.27 -2.73
C GLY B 175 -1.88 -57.24 -3.53
N LEU B 176 -1.60 -56.84 -4.77
CA LEU B 176 -0.73 -57.64 -5.62
C LEU B 176 0.70 -57.61 -5.10
N LYS B 177 1.46 -58.64 -5.46
CA LYS B 177 2.81 -58.80 -4.95
C LYS B 177 3.80 -57.97 -5.75
N VAL B 178 4.74 -57.35 -5.05
CA VAL B 178 5.82 -56.57 -5.64
C VAL B 178 7.09 -57.41 -5.58
N ARG B 179 7.69 -57.68 -6.73
CA ARG B 179 8.90 -58.45 -6.84
C ARG B 179 10.00 -57.60 -7.47
N GLU B 180 11.22 -58.14 -7.47
CA GLU B 180 12.37 -57.48 -8.09
C GLU B 180 13.02 -58.46 -9.06
N HIS B 181 12.72 -58.29 -10.36
CA HIS B 181 13.46 -59.00 -11.38
C HIS B 181 14.91 -58.56 -11.35
N PRO B 182 15.87 -59.49 -11.24
CA PRO B 182 17.26 -59.09 -10.96
C PRO B 182 17.88 -58.18 -12.01
N LYS B 183 17.29 -58.06 -13.20
CA LYS B 183 17.81 -57.18 -14.24
C LYS B 183 16.90 -56.00 -14.55
N ASN B 184 15.59 -56.20 -14.51
CA ASN B 184 14.65 -55.15 -14.90
C ASN B 184 14.14 -54.33 -13.72
N GLY B 185 14.44 -54.72 -12.49
CA GLY B 185 14.02 -53.94 -11.35
C GLY B 185 12.70 -54.41 -10.77
N PHE B 186 12.05 -53.52 -10.02
CA PHE B 186 10.83 -53.87 -9.32
C PHE B 186 9.63 -53.88 -10.27
N TYR B 187 8.82 -54.92 -10.15
CA TYR B 187 7.59 -55.05 -10.93
C TYR B 187 6.49 -55.58 -10.02
N VAL B 188 5.28 -55.66 -10.56
CA VAL B 188 4.12 -56.18 -9.86
C VAL B 188 3.71 -57.47 -10.56
N GLU B 189 3.76 -58.58 -9.83
CA GLU B 189 3.43 -59.86 -10.44
C GLU B 189 1.92 -60.02 -10.56
N ASN B 190 1.51 -60.80 -11.56
CA ASN B 190 0.10 -61.02 -11.90
C ASN B 190 -0.61 -59.69 -12.20
N LEU B 191 0.11 -58.76 -12.81
CA LEU B 191 -0.47 -57.49 -13.25
C LEU B 191 -1.06 -57.67 -14.63
N THR B 192 -2.33 -57.29 -14.78
CA THR B 192 -3.05 -57.48 -16.04
C THR B 192 -2.44 -56.58 -17.11
N THR B 193 -1.81 -57.20 -18.10
CA THR B 193 -1.33 -56.51 -19.30
C THR B 193 -2.18 -56.98 -20.47
N VAL B 194 -2.88 -56.06 -21.11
CA VAL B 194 -3.83 -56.38 -22.17
C VAL B 194 -3.26 -55.86 -23.48
N PRO B 195 -3.00 -56.73 -24.47
CA PRO B 195 -2.52 -56.26 -25.77
C PRO B 195 -3.60 -55.51 -26.53
N VAL B 196 -3.24 -54.32 -27.03
CA VAL B 196 -4.13 -53.50 -27.84
C VAL B 196 -3.39 -53.11 -29.11
N ASN B 197 -4.17 -52.76 -30.15
CA ASN B 197 -3.59 -52.37 -31.42
C ASN B 197 -4.25 -51.13 -32.01
N SER B 198 -5.12 -50.45 -31.27
CA SER B 198 -5.77 -49.25 -31.76
C SER B 198 -5.93 -48.27 -30.61
N PHE B 199 -6.18 -47.00 -30.97
CA PHE B 199 -6.34 -45.97 -29.95
C PHE B 199 -7.65 -46.13 -29.18
N LYS B 200 -8.73 -46.50 -29.86
CA LYS B 200 -10.00 -46.71 -29.19
C LYS B 200 -9.93 -47.87 -28.20
N GLU B 201 -9.15 -48.89 -28.52
CA GLU B 201 -9.01 -50.04 -27.63
C GLU B 201 -8.38 -49.63 -26.30
N ILE B 202 -7.21 -48.98 -26.37
CA ILE B 202 -6.53 -48.54 -25.15
C ILE B 202 -7.35 -47.46 -24.45
N GLU B 203 -8.12 -46.68 -25.20
CA GLU B 203 -8.96 -45.65 -24.58
C GLU B 203 -10.06 -46.29 -23.75
N ALA B 204 -10.76 -47.28 -24.30
CA ALA B 204 -11.78 -47.98 -23.53
C ALA B 204 -11.18 -48.74 -22.35
N LYS B 205 -9.96 -49.25 -22.52
CA LYS B 205 -9.29 -49.94 -21.41
C LYS B 205 -9.01 -48.98 -20.26
N ILE B 206 -8.45 -47.80 -20.58
CA ILE B 206 -8.23 -46.77 -19.57
C ILE B 206 -9.55 -46.31 -18.98
N GLU B 207 -10.61 -46.29 -19.78
CA GLU B 207 -11.92 -45.87 -19.30
C GLU B 207 -12.44 -46.84 -18.23
N GLU B 208 -12.37 -48.14 -18.50
CA GLU B 208 -12.83 -49.09 -17.49
C GLU B 208 -11.89 -49.15 -16.30
N GLY B 209 -10.61 -48.87 -16.49
CA GLY B 209 -9.72 -48.73 -15.34
C GLY B 209 -10.12 -47.58 -14.43
N THR B 210 -10.41 -46.42 -15.03
CA THR B 210 -10.89 -45.29 -14.26
C THR B 210 -12.23 -45.60 -13.60
N LYS B 211 -13.07 -46.40 -14.26
CA LYS B 211 -14.34 -46.79 -13.64
C LYS B 211 -14.11 -47.65 -12.40
N SER B 212 -13.19 -48.62 -12.50
CA SER B 212 -12.80 -49.38 -11.31
C SER B 212 -12.28 -48.46 -10.21
N ARG B 213 -11.51 -47.44 -10.60
CA ARG B 213 -11.01 -46.47 -9.62
C ARG B 213 -12.17 -45.76 -8.91
N THR B 214 -13.16 -45.29 -9.68
CA THR B 214 -14.30 -44.60 -9.10
C THR B 214 -15.08 -45.51 -8.17
N ILE B 215 -15.24 -46.78 -8.56
CA ILE B 215 -15.98 -47.72 -7.72
C ILE B 215 -15.25 -47.93 -6.40
N ALA B 216 -13.94 -48.20 -6.46
CA ALA B 216 -13.18 -48.38 -5.25
C ALA B 216 -13.16 -47.11 -4.40
N ALA B 217 -13.26 -45.95 -5.03
CA ALA B 217 -13.30 -44.69 -4.28
C ALA B 217 -14.62 -44.55 -3.53
N THR B 218 -15.73 -44.69 -4.25
CA THR B 218 -17.04 -44.47 -3.64
C THR B 218 -17.47 -45.60 -2.72
N GLN B 219 -16.80 -46.75 -2.75
CA GLN B 219 -17.20 -47.89 -1.94
C GLN B 219 -16.26 -48.17 -0.77
N MET B 220 -14.96 -48.29 -1.02
CA MET B 220 -14.00 -48.51 0.04
C MET B 220 -13.37 -47.22 0.56
N ASN B 221 -13.96 -46.07 0.24
CA ASN B 221 -13.46 -44.76 0.67
C ASN B 221 -11.98 -44.59 0.32
N ALA B 222 -11.62 -45.02 -0.90
CA ALA B 222 -10.26 -44.79 -1.41
C ALA B 222 -10.25 -43.44 -2.11
N THR B 223 -10.05 -42.38 -1.34
CA THR B 223 -10.01 -41.04 -1.92
C THR B 223 -8.81 -40.89 -2.85
N SER B 224 -9.06 -40.40 -4.06
CA SER B 224 -8.00 -40.25 -5.06
C SER B 224 -6.89 -39.32 -4.59
N SER B 225 -7.20 -38.40 -3.67
CA SER B 225 -6.18 -37.54 -3.09
C SER B 225 -5.22 -38.30 -2.17
N ARG B 226 -5.52 -39.55 -1.85
CA ARG B 226 -4.69 -40.38 -0.99
C ARG B 226 -4.13 -41.61 -1.69
N ALA B 227 -4.19 -41.66 -3.01
CA ALA B 227 -3.71 -42.81 -3.77
C ALA B 227 -3.05 -42.35 -5.05
N HIS B 228 -2.18 -43.21 -5.59
CA HIS B 228 -1.47 -42.92 -6.82
C HIS B 228 -2.01 -43.80 -7.95
N THR B 229 -2.03 -43.26 -9.16
CA THR B 229 -2.55 -43.96 -10.34
C THR B 229 -1.42 -44.11 -11.34
N ILE B 230 -1.19 -45.34 -11.81
CA ILE B 230 -0.12 -45.63 -12.75
C ILE B 230 -0.72 -46.27 -14.00
N VAL B 231 -0.40 -45.70 -15.16
CA VAL B 231 -0.72 -46.28 -16.46
C VAL B 231 0.58 -46.72 -17.10
N LYS B 232 0.70 -48.01 -17.39
CA LYS B 232 1.95 -48.62 -17.87
C LYS B 232 1.73 -49.06 -19.31
N ILE B 233 2.21 -48.26 -20.25
CA ILE B 233 2.10 -48.56 -21.67
C ILE B 233 3.42 -49.14 -22.14
N THR B 234 3.42 -50.42 -22.50
CA THR B 234 4.59 -51.08 -23.03
C THR B 234 4.49 -51.15 -24.54
N PHE B 235 5.52 -50.66 -25.22
CA PHE B 235 5.56 -50.56 -26.68
C PHE B 235 6.76 -51.35 -27.20
N ASN B 236 6.49 -52.24 -28.15
CA ASN B 236 7.51 -53.12 -28.71
C ASN B 236 7.55 -52.98 -30.21
N GLN B 237 8.75 -52.84 -30.76
CA GLN B 237 8.99 -52.78 -32.20
C GLN B 237 9.78 -54.02 -32.60
N LYS B 238 9.11 -54.96 -33.27
CA LYS B 238 9.76 -56.18 -33.73
C LYS B 238 10.22 -55.96 -35.17
N SER B 239 11.53 -55.93 -35.38
CA SER B 239 12.13 -55.81 -36.71
C SER B 239 12.54 -57.20 -37.16
N GLY B 245 18.64 -63.84 -37.40
CA GLY B 245 17.29 -64.03 -36.94
C GLY B 245 16.47 -62.76 -37.04
N THR B 246 15.98 -62.27 -35.91
CA THR B 246 15.20 -61.04 -35.86
C THR B 246 15.62 -60.23 -34.64
N SER B 247 15.18 -58.98 -34.59
CA SER B 247 15.54 -58.07 -33.50
C SER B 247 14.28 -57.39 -32.97
N MET B 248 14.42 -56.73 -31.82
CA MET B 248 13.26 -56.07 -31.23
C MET B 248 13.72 -54.99 -30.24
N LYS B 249 13.04 -53.86 -30.27
CA LYS B 249 13.19 -52.80 -29.29
C LYS B 249 11.99 -52.79 -28.35
N LYS B 250 12.24 -52.50 -27.07
CA LYS B 250 11.23 -52.57 -26.04
C LYS B 250 11.25 -51.30 -25.20
N SER B 251 10.07 -50.80 -24.84
CA SER B 251 9.98 -49.60 -24.03
C SER B 251 8.78 -49.70 -23.09
N GLU B 252 8.93 -49.12 -21.91
CA GLU B 252 7.87 -49.07 -20.90
C GLU B 252 7.65 -47.62 -20.49
N ILE B 253 6.40 -47.19 -20.46
CA ILE B 253 6.03 -45.81 -20.19
C ILE B 253 5.11 -45.80 -18.98
N ASN B 254 5.58 -45.24 -17.88
CA ASN B 254 4.79 -45.10 -16.67
C ASN B 254 4.28 -43.66 -16.58
N LEU B 255 2.98 -43.48 -16.82
CA LEU B 255 2.32 -42.19 -16.66
C LEU B 255 1.61 -42.22 -15.31
N VAL B 256 2.08 -41.41 -14.37
CA VAL B 256 1.70 -41.51 -12.97
C VAL B 256 1.04 -40.21 -12.54
N ASP B 257 -0.10 -40.33 -11.88
CA ASP B 257 -0.77 -39.23 -11.19
C ASP B 257 -0.67 -39.54 -9.70
N LEU B 258 0.18 -38.81 -9.00
CA LEU B 258 0.44 -39.06 -7.58
C LEU B 258 -0.76 -38.59 -6.76
N ALA B 259 -0.56 -38.53 -5.44
CA ALA B 259 -1.60 -38.07 -4.52
C ALA B 259 -1.35 -36.63 -4.12
N GLY B 260 -2.17 -36.14 -3.20
CA GLY B 260 -1.96 -34.79 -2.69
C GLY B 260 -0.67 -34.66 -1.91
N SER B 261 -0.10 -33.46 -1.92
CA SER B 261 1.16 -33.19 -1.26
C SER B 261 1.01 -32.80 0.21
N GLU B 262 -0.22 -32.60 0.68
CA GLU B 262 -0.45 -32.20 2.07
C GLU B 262 0.01 -33.29 3.05
N GLY B 271 -2.47 -33.77 17.93
CA GLY B 271 -3.21 -34.53 18.93
C GLY B 271 -2.44 -35.74 19.43
N ASP B 272 -1.95 -36.55 18.49
CA ASP B 272 -1.17 -37.73 18.82
C ASP B 272 -0.24 -38.04 17.66
N ARG B 273 0.69 -38.96 17.89
CA ARG B 273 1.72 -39.29 16.90
C ARG B 273 1.37 -40.52 16.09
N LEU B 274 1.10 -41.65 16.74
CA LEU B 274 0.81 -42.89 16.03
C LEU B 274 -0.66 -43.03 15.64
N LYS B 275 -1.55 -42.29 16.29
CA LYS B 275 -2.99 -42.40 16.00
C LYS B 275 -3.37 -41.80 14.65
N GLU B 276 -2.42 -41.38 13.82
CA GLU B 276 -2.68 -40.78 12.53
C GLU B 276 -2.28 -41.78 11.43
N GLY B 277 -2.17 -41.29 10.20
CA GLY B 277 -1.85 -42.13 9.07
C GLY B 277 -0.36 -42.34 8.86
N ILE B 278 0.14 -43.51 9.24
CA ILE B 278 1.55 -43.84 9.03
C ILE B 278 1.78 -44.69 7.79
N VAL B 279 0.74 -45.35 7.27
CA VAL B 279 0.85 -46.15 6.06
C VAL B 279 0.28 -45.43 4.84
N ILE B 280 -0.65 -44.49 5.04
CA ILE B 280 -1.27 -43.78 3.91
C ILE B 280 -0.23 -42.94 3.18
N ASN B 281 0.34 -41.95 3.88
CA ASN B 281 1.28 -41.02 3.27
C ASN B 281 2.67 -41.61 3.04
N GLN B 282 2.88 -42.88 3.43
CA GLN B 282 4.20 -43.50 3.31
C GLN B 282 4.77 -43.37 1.92
N SER B 283 4.03 -43.84 0.91
CA SER B 283 4.48 -43.75 -0.48
C SER B 283 4.87 -42.33 -0.85
N LEU B 284 4.14 -41.34 -0.33
CA LEU B 284 4.53 -39.96 -0.53
C LEU B 284 5.73 -39.61 0.34
N THR B 285 5.66 -39.92 1.63
CA THR B 285 6.69 -39.54 2.58
C THR B 285 8.08 -39.99 2.12
N THR B 286 8.26 -41.30 2.00
CA THR B 286 9.54 -41.84 1.54
C THR B 286 9.95 -41.23 0.22
N LEU B 287 8.99 -40.87 -0.64
CA LEU B 287 9.30 -40.20 -1.89
C LEU B 287 10.19 -39.00 -1.62
N GLY B 288 9.71 -38.07 -0.79
CA GLY B 288 10.55 -36.95 -0.37
C GLY B 288 11.90 -37.41 0.15
N ARG B 289 11.89 -38.43 1.02
CA ARG B 289 13.13 -39.00 1.53
C ARG B 289 14.09 -39.33 0.39
N VAL B 290 13.59 -40.04 -0.62
CA VAL B 290 14.41 -40.35 -1.78
C VAL B 290 14.92 -39.07 -2.42
N ILE B 291 13.99 -38.15 -2.70
CA ILE B 291 14.35 -36.88 -3.30
C ILE B 291 15.23 -36.04 -2.39
N LYS B 292 15.35 -36.43 -1.12
CA LYS B 292 16.38 -35.87 -0.26
C LYS B 292 17.68 -36.67 -0.36
N ALA B 293 17.59 -37.99 -0.24
CA ALA B 293 18.80 -38.82 -0.24
C ALA B 293 19.49 -38.81 -1.59
N LEU B 294 18.75 -38.61 -2.67
CA LEU B 294 19.33 -38.47 -3.99
C LEU B 294 19.72 -37.03 -4.32
N HIS B 295 19.48 -36.09 -3.40
CA HIS B 295 19.87 -34.70 -3.60
C HIS B 295 21.18 -34.35 -2.91
N ASP B 296 21.42 -34.86 -1.72
CA ASP B 296 22.65 -34.60 -0.99
C ASP B 296 23.83 -35.42 -1.51
N SER B 297 23.61 -36.31 -2.47
CA SER B 297 24.69 -37.10 -3.04
C SER B 297 25.49 -36.30 -4.05
N ILE B 308 20.00 -44.48 -0.49
CA ILE B 308 18.72 -44.01 -1.01
C ILE B 308 17.63 -45.04 -0.68
N PRO B 309 16.59 -44.59 0.03
CA PRO B 309 15.54 -45.52 0.52
C PRO B 309 14.44 -45.83 -0.49
N TYR B 310 14.75 -46.70 -1.44
CA TYR B 310 13.75 -47.15 -2.39
C TYR B 310 12.79 -48.15 -1.77
N ARG B 311 13.33 -49.14 -1.05
CA ARG B 311 12.53 -50.21 -0.47
C ARG B 311 11.66 -49.77 0.70
N ASP B 312 11.65 -48.47 1.03
CA ASP B 312 10.81 -47.98 2.12
C ASP B 312 9.34 -47.86 1.74
N SER B 313 9.01 -48.02 0.46
CA SER B 313 7.62 -47.94 0.02
C SER B 313 7.49 -48.61 -1.34
N VAL B 314 6.25 -48.75 -1.80
CA VAL B 314 6.01 -49.37 -3.10
C VAL B 314 6.14 -48.35 -4.22
N LEU B 315 5.75 -47.09 -3.97
CA LEU B 315 5.88 -46.06 -5.00
C LEU B 315 7.34 -45.86 -5.40
N THR B 316 8.26 -45.98 -4.44
CA THR B 316 9.68 -45.86 -4.73
C THR B 316 10.28 -47.14 -5.29
N CYS B 317 9.67 -48.29 -4.99
CA CYS B 317 10.15 -49.54 -5.60
C CYS B 317 9.78 -49.58 -7.07
N LEU B 318 8.50 -49.38 -7.39
CA LEU B 318 8.06 -49.41 -8.79
C LEU B 318 8.67 -48.28 -9.61
N LEU B 319 9.21 -47.24 -8.96
CA LEU B 319 9.87 -46.16 -9.64
C LEU B 319 11.35 -46.06 -9.28
N LYS B 320 11.92 -47.11 -8.68
CA LYS B 320 13.35 -47.12 -8.40
C LYS B 320 14.16 -46.98 -9.68
N ASN B 321 13.71 -47.63 -10.76
CA ASN B 321 14.39 -47.50 -12.04
C ASN B 321 14.22 -46.10 -12.63
N ALA B 322 13.07 -45.47 -12.42
CA ALA B 322 12.86 -44.10 -12.88
C ALA B 322 13.51 -43.08 -11.96
N LEU B 323 13.91 -43.46 -10.75
CA LEU B 323 14.52 -42.54 -9.81
C LEU B 323 16.00 -42.84 -9.65
N GLY B 324 16.74 -42.82 -10.75
CA GLY B 324 18.18 -43.00 -10.70
C GLY B 324 18.74 -43.96 -11.71
N GLY B 325 18.04 -45.07 -11.95
CA GLY B 325 18.55 -46.12 -12.81
C GLY B 325 18.38 -45.90 -14.30
N ASN B 326 17.91 -46.93 -15.00
CA ASN B 326 17.75 -46.92 -16.45
C ASN B 326 16.36 -46.42 -16.79
N SER B 327 16.23 -45.11 -16.98
CA SER B 327 14.94 -44.51 -17.33
C SER B 327 15.14 -43.03 -17.62
N LYS B 328 14.24 -42.49 -18.44
CA LYS B 328 14.05 -41.05 -18.56
C LYS B 328 12.93 -40.63 -17.60
N THR B 329 13.01 -39.40 -17.11
CA THR B 329 12.06 -38.95 -16.11
C THR B 329 11.57 -37.54 -16.43
N ILE B 330 10.25 -37.38 -16.46
CA ILE B 330 9.61 -36.09 -16.63
C ILE B 330 8.68 -35.86 -15.44
N MET B 331 8.80 -34.69 -14.82
CA MET B 331 8.00 -34.34 -13.66
C MET B 331 7.15 -33.11 -13.97
N ILE B 332 5.87 -33.17 -13.64
CA ILE B 332 4.95 -32.06 -13.78
C ILE B 332 4.45 -31.71 -12.38
N ALA B 333 4.92 -30.59 -11.85
CA ALA B 333 4.41 -30.06 -10.59
C ALA B 333 3.23 -29.16 -10.88
N ALA B 334 2.21 -29.24 -10.03
CA ALA B 334 1.02 -28.41 -10.16
C ALA B 334 0.86 -27.59 -8.88
N ILE B 335 0.76 -26.26 -9.04
CA ILE B 335 0.63 -25.39 -7.89
C ILE B 335 -0.56 -24.45 -8.09
N SER B 336 -1.13 -24.03 -6.97
CA SER B 336 -2.29 -23.16 -6.84
C SER B 336 -1.86 -21.69 -6.84
N PRO B 337 -2.56 -20.82 -7.56
CA PRO B 337 -2.20 -19.40 -7.61
C PRO B 337 -2.76 -18.55 -6.49
N ALA B 338 -3.37 -19.15 -5.46
CA ALA B 338 -4.00 -18.39 -4.40
C ALA B 338 -3.01 -18.14 -3.26
N ASP B 339 -3.39 -17.20 -2.38
CA ASP B 339 -2.56 -16.88 -1.22
C ASP B 339 -2.74 -17.91 -0.11
N ILE B 340 -3.98 -18.37 0.11
CA ILE B 340 -4.26 -19.36 1.14
C ILE B 340 -3.46 -20.64 0.89
N ASN B 341 -3.11 -20.90 -0.38
CA ASN B 341 -2.32 -22.06 -0.75
C ASN B 341 -0.85 -21.72 -0.94
N PHE B 342 -0.34 -20.72 -0.23
CA PHE B 342 1.06 -20.32 -0.35
C PHE B 342 2.00 -21.43 0.09
N GLU B 343 1.98 -21.76 1.38
CA GLU B 343 2.99 -22.64 1.96
C GLU B 343 3.11 -23.96 1.20
N GLU B 344 1.97 -24.63 0.98
CA GLU B 344 2.00 -25.91 0.26
C GLU B 344 2.70 -25.77 -1.08
N THR B 345 2.39 -24.70 -1.83
CA THR B 345 3.08 -24.45 -3.09
C THR B 345 4.59 -24.52 -2.90
N LEU B 346 5.09 -23.78 -1.90
CA LEU B 346 6.52 -23.79 -1.60
C LEU B 346 7.04 -25.22 -1.48
N SER B 347 6.34 -26.06 -0.72
CA SER B 347 6.75 -27.45 -0.58
C SER B 347 6.96 -28.09 -1.95
N THR B 348 5.93 -28.01 -2.80
CA THR B 348 6.07 -28.52 -4.17
C THR B 348 7.26 -27.88 -4.84
N LEU B 349 7.38 -26.56 -4.77
CA LEU B 349 8.48 -25.86 -5.43
C LEU B 349 9.82 -26.24 -4.84
N ARG B 350 9.86 -26.74 -3.61
CA ARG B 350 11.11 -27.29 -3.09
C ARG B 350 11.28 -28.74 -3.50
N PHE B 351 10.18 -29.50 -3.51
CA PHE B 351 10.25 -30.88 -3.98
C PHE B 351 10.71 -30.94 -5.43
N ALA B 352 10.00 -30.22 -6.31
CA ALA B 352 10.44 -30.10 -7.69
C ALA B 352 11.82 -29.48 -7.81
N ASP B 353 12.32 -28.83 -6.75
CA ASP B 353 13.70 -28.35 -6.77
C ASP B 353 14.68 -29.46 -6.44
N ARG B 354 14.33 -30.32 -5.48
CA ARG B 354 15.24 -31.38 -5.07
C ARG B 354 15.33 -32.49 -6.11
N ALA B 355 14.26 -32.69 -6.89
CA ALA B 355 14.25 -33.72 -7.92
C ALA B 355 14.99 -33.30 -9.19
N LYS B 356 15.36 -32.02 -9.31
CA LYS B 356 16.07 -31.56 -10.49
C LYS B 356 17.51 -32.07 -10.51
N SER B 357 18.08 -32.33 -9.34
CA SER B 357 19.46 -32.79 -9.24
C SER B 357 19.52 -34.31 -9.07
N ILE B 358 18.96 -35.01 -10.05
CA ILE B 358 18.98 -36.48 -10.08
C ILE B 358 19.30 -36.91 -11.50
N LYS B 359 20.38 -37.68 -11.66
CA LYS B 359 20.83 -38.15 -12.96
C LYS B 359 20.50 -39.64 -13.11
N THR B 360 20.06 -40.02 -14.31
CA THR B 360 19.73 -41.40 -14.62
C THR B 360 20.60 -41.90 -15.77
N ASN B 361 20.67 -43.21 -15.91
CA ASN B 361 21.50 -43.87 -16.91
C ASN B 361 20.59 -44.66 -17.86
N ALA B 362 19.89 -43.95 -18.73
CA ALA B 362 18.95 -44.57 -19.65
C ALA B 362 19.69 -45.25 -20.79
N VAL B 363 19.44 -46.55 -20.98
CA VAL B 363 20.03 -47.30 -22.07
C VAL B 363 18.92 -47.70 -23.05
N VAL B 364 19.33 -48.20 -24.20
CA VAL B 364 18.39 -48.65 -25.23
C VAL B 364 18.14 -50.14 -25.03
N ASN B 365 16.86 -50.53 -25.02
CA ASN B 365 16.47 -51.91 -24.80
C ASN B 365 16.26 -52.62 -26.13
N GLU B 366 17.37 -52.87 -26.82
CA GLU B 366 17.36 -53.60 -28.08
C GLU B 366 17.92 -54.99 -27.85
N ASN B 367 17.26 -55.99 -28.45
CA ASN B 367 17.67 -57.37 -28.27
C ASN B 367 17.40 -58.14 -29.55
N GLN B 368 18.41 -58.84 -30.06
CA GLN B 368 18.22 -59.76 -31.16
C GLN B 368 17.31 -60.90 -30.71
N THR B 369 16.17 -61.05 -31.37
CA THR B 369 15.12 -61.93 -30.87
C THR B 369 15.60 -63.38 -30.77
N GLU B 370 16.38 -63.83 -31.74
CA GLU B 370 16.97 -65.17 -31.63
C GLU B 370 17.98 -65.21 -30.49
N ARG B 371 18.85 -64.21 -30.42
CA ARG B 371 19.78 -64.11 -29.29
C ARG B 371 19.03 -63.90 -27.99
N ALA B 372 17.94 -63.13 -28.01
CA ALA B 372 17.18 -62.90 -26.79
C ALA B 372 16.52 -64.18 -26.29
N LEU B 373 15.96 -64.98 -27.19
CA LEU B 373 15.36 -66.25 -26.77
C LEU B 373 16.43 -67.23 -26.32
N ARG B 374 17.60 -67.23 -26.94
CA ARG B 374 18.70 -68.06 -26.45
C ARG B 374 19.10 -67.65 -25.04
N GLU B 375 19.20 -66.34 -24.79
CA GLU B 375 19.59 -65.87 -23.46
C GLU B 375 18.52 -66.17 -22.43
N LEU B 376 17.24 -66.01 -22.78
CA LEU B 376 16.18 -66.32 -21.85
C LEU B 376 16.13 -67.82 -21.56
N ARG B 377 16.38 -68.65 -22.58
CA ARG B 377 16.38 -70.09 -22.37
C ARG B 377 17.57 -70.52 -21.51
N GLU B 378 18.73 -69.90 -21.70
CA GLU B 378 19.87 -70.26 -20.86
C GLU B 378 19.70 -69.75 -19.44
N GLU B 379 19.02 -68.62 -19.25
CA GLU B 379 18.65 -68.19 -17.91
C GLU B 379 17.67 -69.18 -17.28
N ASN B 380 16.73 -69.70 -18.06
CA ASN B 380 15.83 -70.74 -17.57
C ASN B 380 16.62 -71.99 -17.19
N LEU B 381 17.64 -72.33 -17.98
CA LEU B 381 18.48 -73.48 -17.64
C LEU B 381 19.25 -73.25 -16.35
N ARG B 382 19.77 -72.04 -16.15
CA ARG B 382 20.48 -71.74 -14.91
C ARG B 382 19.54 -71.80 -13.71
N LEU B 383 18.32 -71.26 -13.84
CA LEU B 383 17.38 -71.33 -12.75
C LEU B 383 16.90 -72.75 -12.50
N GLN B 384 16.82 -73.58 -13.54
CA GLN B 384 16.50 -74.99 -13.35
C GLN B 384 17.63 -75.72 -12.62
N SER B 385 18.87 -75.39 -12.95
CA SER B 385 20.01 -75.90 -12.17
C SER B 385 19.94 -75.43 -10.73
N GLN B 386 19.45 -74.21 -10.50
CA GLN B 386 19.30 -73.72 -9.14
C GLN B 386 18.22 -74.49 -8.38
N ILE B 387 17.09 -74.80 -9.02
CA ILE B 387 16.08 -75.57 -8.34
C ILE B 387 16.56 -77.00 -8.11
N GLN B 388 17.43 -77.51 -9.00
CA GLN B 388 18.03 -78.83 -8.77
C GLN B 388 18.95 -78.81 -7.57
N GLY B 389 19.78 -77.77 -7.45
CA GLY B 389 20.68 -77.66 -6.31
C GLY B 389 19.99 -77.30 -5.02
N GLY B 390 18.77 -76.76 -5.10
CA GLY B 390 18.03 -76.41 -3.89
C GLY B 390 17.14 -77.52 -3.38
N THR B 391 16.36 -78.14 -4.27
CA THR B 391 15.48 -79.23 -3.84
C THR B 391 16.27 -80.43 -3.35
N ALA B 392 17.41 -80.71 -3.97
CA ALA B 392 18.25 -81.83 -3.57
C ALA B 392 19.56 -81.34 -2.97
N GLY B 393 19.48 -80.40 -2.03
CA GLY B 393 20.64 -79.87 -1.36
C GLY B 393 20.26 -78.94 -0.22
N ASN B 397 12.77 -73.50 2.53
CA ASN B 397 11.39 -73.54 2.06
C ASN B 397 10.93 -72.17 1.56
N GLU B 398 11.78 -71.15 1.71
CA GLU B 398 11.48 -69.80 1.29
C GLU B 398 12.15 -69.39 -0.02
N GLU B 399 13.36 -69.89 -0.28
CA GLU B 399 14.09 -69.48 -1.46
C GLU B 399 13.63 -70.22 -2.72
N ILE B 400 13.32 -71.51 -2.58
CA ILE B 400 12.94 -72.30 -3.73
C ILE B 400 11.60 -71.84 -4.30
N GLU B 401 10.68 -71.39 -3.44
CA GLU B 401 9.41 -70.91 -3.94
C GLU B 401 9.53 -69.57 -4.66
N LYS B 402 10.66 -68.87 -4.50
CA LYS B 402 10.96 -67.67 -5.27
C LYS B 402 11.69 -67.99 -6.56
N LEU B 403 12.63 -68.95 -6.50
CA LEU B 403 13.25 -69.43 -7.74
C LEU B 403 12.22 -70.04 -8.68
N ARG B 404 11.19 -70.68 -8.12
CA ARG B 404 10.11 -71.20 -8.97
C ARG B 404 9.32 -70.08 -9.62
N ARG B 405 9.07 -68.99 -8.88
CA ARG B 405 8.43 -67.82 -9.47
C ARG B 405 9.24 -67.29 -10.65
N GLN B 406 10.55 -67.14 -10.44
CA GLN B 406 11.41 -66.62 -11.51
C GLN B 406 11.45 -67.55 -12.71
N LEU B 407 11.54 -68.86 -12.47
CA LEU B 407 11.55 -69.82 -13.57
C LEU B 407 10.23 -69.80 -14.33
N ALA B 408 9.11 -69.72 -13.61
CA ALA B 408 7.81 -69.69 -14.26
C ALA B 408 7.62 -68.41 -15.07
N GLU B 409 8.12 -67.28 -14.56
CA GLU B 409 8.01 -66.04 -15.32
C GLU B 409 8.88 -66.09 -16.57
N ASN B 410 10.09 -66.66 -16.46
CA ASN B 410 10.91 -66.87 -17.66
C ASN B 410 10.20 -67.76 -18.66
N GLN B 411 9.53 -68.81 -18.18
CA GLN B 411 8.84 -69.74 -19.07
C GLN B 411 7.68 -69.05 -19.79
N LYS B 412 6.88 -68.29 -19.05
CA LYS B 412 5.76 -67.57 -19.66
C LYS B 412 6.24 -66.49 -20.62
N GLU B 413 7.36 -65.82 -20.29
CA GLU B 413 7.91 -64.83 -21.20
C GLU B 413 8.39 -65.48 -22.49
N MET B 414 9.01 -66.65 -22.40
CA MET B 414 9.40 -67.37 -23.61
C MET B 414 8.19 -67.83 -24.40
N GLU B 415 7.13 -68.23 -23.71
CA GLU B 415 5.89 -68.60 -24.41
C GLU B 415 5.29 -67.40 -25.14
N GLU B 416 5.43 -66.20 -24.57
CA GLU B 416 4.98 -65.00 -25.24
C GLU B 416 5.92 -64.53 -26.35
N MET B 417 7.20 -64.95 -26.30
CA MET B 417 8.14 -64.57 -27.34
C MET B 417 7.76 -65.18 -28.69
N GLU B 418 7.63 -66.51 -28.72
CA GLU B 418 7.29 -67.21 -29.96
C GLU B 418 5.81 -67.10 -30.31
N LYS B 419 5.03 -66.35 -29.55
CA LYS B 419 3.60 -66.21 -29.79
C LYS B 419 3.33 -65.05 -30.73
N SER B 420 2.40 -65.25 -31.66
CA SER B 420 2.08 -64.24 -32.66
C SER B 420 1.17 -63.18 -32.07
N TRP B 421 1.15 -62.02 -32.73
CA TRP B 421 0.28 -60.92 -32.30
C TRP B 421 -1.18 -61.27 -32.45
N GLN B 422 -1.53 -61.96 -33.54
CA GLN B 422 -2.88 -62.49 -33.70
C GLN B 422 -3.30 -63.31 -32.49
N GLN B 423 -2.43 -64.23 -32.07
CA GLN B 423 -2.77 -65.09 -30.94
C GLN B 423 -2.91 -64.28 -29.66
N LYS B 424 -2.05 -63.28 -29.46
CA LYS B 424 -2.15 -62.45 -28.25
C LYS B 424 -3.48 -61.72 -28.20
N ILE B 425 -3.83 -61.01 -29.28
CA ILE B 425 -5.07 -60.23 -29.25
C ILE B 425 -6.28 -61.14 -29.17
N ALA B 426 -6.24 -62.30 -29.83
CA ALA B 426 -7.38 -63.21 -29.77
C ALA B 426 -7.54 -63.81 -28.38
N GLU B 427 -6.43 -64.22 -27.75
CA GLU B 427 -6.50 -64.79 -26.41
C GLU B 427 -6.98 -63.77 -25.40
N GLU B 428 -6.55 -62.51 -25.53
CA GLU B 428 -7.03 -61.51 -24.59
C GLU B 428 -8.49 -61.14 -24.86
N ALA B 429 -8.92 -61.12 -26.12
CA ALA B 429 -10.33 -60.93 -26.43
C ALA B 429 -11.18 -62.09 -25.93
N ALA B 430 -10.59 -63.28 -25.77
CA ALA B 430 -11.33 -64.39 -25.19
C ALA B 430 -11.67 -64.14 -23.72
N LYS B 431 -10.86 -63.33 -23.02
CA LYS B 431 -11.13 -63.01 -21.63
C LYS B 431 -12.28 -62.01 -21.51
N ALA B 436 -18.00 -54.74 -23.54
CA ALA B 436 -17.74 -53.33 -23.80
C ALA B 436 -18.98 -52.63 -24.33
N SER B 437 -19.89 -53.40 -24.92
CA SER B 437 -21.13 -52.85 -25.46
C SER B 437 -22.15 -52.55 -24.37
N GLU B 438 -21.95 -53.05 -23.15
CA GLU B 438 -22.79 -52.62 -22.03
C GLU B 438 -22.61 -51.12 -21.77
N LYS B 439 -21.45 -50.58 -22.13
CA LYS B 439 -21.22 -49.15 -21.98
C LYS B 439 -22.10 -48.34 -22.95
N VAL B 440 -22.14 -48.76 -24.22
CA VAL B 440 -22.93 -48.01 -25.20
C VAL B 440 -24.42 -48.25 -24.99
N GLU B 441 -24.80 -49.46 -24.59
CA GLU B 441 -26.21 -49.70 -24.24
C GLU B 441 -26.60 -48.91 -23.00
N MET B 442 -25.68 -48.72 -22.06
CA MET B 442 -25.92 -47.87 -20.91
C MET B 442 -26.10 -46.41 -21.34
N GLU B 443 -25.23 -45.93 -22.22
CA GLU B 443 -25.37 -44.58 -22.75
C GLU B 443 -26.69 -44.41 -23.48
N ALA B 444 -27.18 -45.47 -24.13
CA ALA B 444 -28.45 -45.38 -24.84
C ALA B 444 -29.62 -45.35 -23.87
N LYS B 445 -29.67 -46.30 -22.94
CA LYS B 445 -30.77 -46.36 -21.97
C LYS B 445 -30.73 -45.22 -20.96
N LYS B 446 -29.63 -44.46 -20.91
CA LYS B 446 -29.64 -43.22 -20.14
C LYS B 446 -30.57 -42.17 -20.73
N LYS B 447 -31.10 -42.40 -21.92
CA LYS B 447 -32.02 -41.49 -22.58
C LYS B 447 -33.47 -41.93 -22.48
N LYS B 448 -33.75 -42.97 -21.70
CA LYS B 448 -35.10 -43.51 -21.62
C LYS B 448 -35.63 -43.64 -20.20
N MET B 449 -34.79 -44.07 -19.26
CA MET B 449 -35.22 -44.32 -17.89
C MET B 449 -34.54 -43.36 -16.92
N CYS B 450 -35.24 -43.05 -15.84
CA CYS B 450 -34.66 -42.24 -14.78
C CYS B 450 -33.46 -42.95 -14.17
N HIS B 451 -32.47 -42.16 -13.75
CA HIS B 451 -31.21 -42.73 -13.29
C HIS B 451 -30.48 -41.72 -12.42
N LEU B 452 -29.62 -42.25 -11.55
CA LEU B 452 -28.77 -41.45 -10.68
C LEU B 452 -27.33 -41.60 -11.15
N TRP B 453 -26.69 -40.48 -11.48
CA TRP B 453 -25.32 -40.51 -11.96
C TRP B 453 -24.36 -39.96 -10.91
N ASN B 454 -23.11 -40.39 -11.02
CA ASN B 454 -22.12 -40.22 -9.95
C ASN B 454 -21.75 -38.75 -9.74
N LEU B 455 -21.47 -38.42 -8.48
CA LEU B 455 -20.99 -37.09 -8.09
C LEU B 455 -19.94 -37.29 -6.99
N ASN B 456 -18.67 -37.24 -7.38
CA ASN B 456 -17.57 -37.62 -6.50
C ASN B 456 -16.70 -36.43 -6.15
N GLU B 457 -15.98 -36.56 -5.04
CA GLU B 457 -15.01 -35.55 -4.62
C GLU B 457 -14.00 -35.26 -5.72
N ASP B 458 -13.54 -36.30 -6.42
CA ASP B 458 -12.64 -36.11 -7.54
C ASP B 458 -13.45 -35.66 -8.75
N PRO B 459 -13.14 -34.50 -9.34
CA PRO B 459 -13.89 -34.07 -10.53
C PRO B 459 -13.71 -35.01 -11.71
N ALA B 460 -12.51 -35.58 -11.86
CA ALA B 460 -12.27 -36.51 -12.95
C ALA B 460 -13.03 -37.82 -12.79
N LEU B 461 -13.69 -38.04 -11.65
CA LEU B 461 -14.45 -39.25 -11.39
C LEU B 461 -15.95 -38.99 -11.29
N THR B 462 -16.40 -37.78 -11.61
CA THR B 462 -17.81 -37.46 -11.59
C THR B 462 -18.48 -37.94 -12.87
N ASN B 463 -19.70 -38.47 -12.73
CA ASN B 463 -20.48 -39.00 -13.85
C ASN B 463 -19.74 -40.15 -14.53
N VAL B 464 -19.36 -41.15 -13.73
CA VAL B 464 -18.71 -42.35 -14.23
C VAL B 464 -19.59 -43.58 -14.06
N ILE B 465 -20.25 -43.70 -12.91
CA ILE B 465 -21.20 -44.78 -12.69
C ILE B 465 -22.60 -44.21 -12.75
N VAL B 466 -23.58 -45.10 -12.96
CA VAL B 466 -24.98 -44.72 -13.05
C VAL B 466 -25.84 -45.90 -12.64
N HIS B 467 -26.89 -45.62 -11.89
CA HIS B 467 -27.85 -46.62 -11.44
C HIS B 467 -29.22 -46.26 -12.01
N PHE B 468 -29.77 -47.14 -12.83
CA PHE B 468 -31.03 -46.89 -13.50
C PHE B 468 -32.21 -47.26 -12.60
N ILE B 469 -33.22 -46.39 -12.59
CA ILE B 469 -34.44 -46.60 -11.81
C ILE B 469 -35.48 -47.22 -12.74
N PRO B 470 -35.84 -48.50 -12.57
CA PRO B 470 -36.89 -49.09 -13.40
C PRO B 470 -38.21 -48.37 -13.21
N VAL B 471 -39.13 -48.63 -14.13
CA VAL B 471 -40.47 -48.03 -14.05
C VAL B 471 -41.33 -48.56 -12.91
N GLY B 472 -40.87 -49.56 -12.16
CA GLY B 472 -41.60 -50.06 -11.02
C GLY B 472 -41.00 -49.64 -9.69
N GLU B 473 -41.26 -50.45 -8.68
CA GLU B 473 -40.75 -50.19 -7.33
C GLU B 473 -39.46 -50.98 -7.11
N SER B 474 -38.43 -50.30 -6.63
CA SER B 474 -37.11 -50.90 -6.47
C SER B 474 -36.57 -50.60 -5.08
N VAL B 475 -35.60 -51.43 -4.67
CA VAL B 475 -34.97 -51.32 -3.36
C VAL B 475 -33.48 -51.08 -3.58
N VAL B 476 -32.93 -50.10 -2.88
CA VAL B 476 -31.50 -49.79 -2.92
C VAL B 476 -30.88 -50.25 -1.62
N GLY B 477 -29.71 -50.89 -1.72
CA GLY B 477 -29.02 -51.35 -0.53
C GLY B 477 -27.80 -52.18 -0.89
N ASN B 478 -27.27 -52.85 0.14
CA ASN B 478 -26.09 -53.68 -0.05
C ASN B 478 -26.45 -55.05 -0.61
N LYS B 479 -27.55 -55.63 -0.14
CA LYS B 479 -27.98 -56.95 -0.59
C LYS B 479 -29.47 -56.96 -0.90
N ASN B 485 -35.19 -54.35 -10.63
CA ASN B 485 -36.05 -54.32 -9.47
C ASN B 485 -35.23 -54.09 -8.19
N PHE B 486 -33.92 -54.29 -8.29
CA PHE B 486 -33.02 -54.08 -7.16
C PHE B 486 -31.84 -53.24 -7.63
N ILE B 487 -31.63 -52.10 -6.98
CA ILE B 487 -30.46 -51.26 -7.22
C ILE B 487 -29.44 -51.54 -6.14
N GLN B 488 -28.18 -51.70 -6.54
CA GLN B 488 -27.12 -52.09 -5.62
C GLN B 488 -26.17 -50.93 -5.35
N MET B 489 -25.82 -50.74 -4.08
CA MET B 489 -24.85 -49.73 -3.66
C MET B 489 -24.03 -50.33 -2.52
N SER B 490 -22.95 -51.03 -2.86
CA SER B 490 -22.06 -51.51 -1.82
C SER B 490 -21.12 -50.38 -1.37
N GLY B 491 -20.58 -50.53 -0.17
CA GLY B 491 -19.69 -49.51 0.36
C GLY B 491 -20.11 -48.97 1.71
N LEU B 492 -19.58 -47.80 2.07
CA LEU B 492 -19.82 -47.23 3.38
C LEU B 492 -21.30 -46.90 3.58
N SER B 493 -21.75 -47.07 4.83
CA SER B 493 -23.02 -46.58 5.37
C SER B 493 -24.26 -47.20 4.76
N ILE B 494 -24.14 -48.10 3.78
CA ILE B 494 -25.30 -48.65 3.11
C ILE B 494 -25.78 -49.89 3.85
N LEU B 495 -27.04 -49.89 4.24
CA LEU B 495 -27.67 -51.03 4.89
C LEU B 495 -28.09 -52.06 3.84
N PRO B 496 -28.43 -53.28 4.26
CA PRO B 496 -28.94 -54.26 3.28
C PRO B 496 -30.16 -53.77 2.52
N GLN B 497 -31.09 -53.11 3.19
CA GLN B 497 -32.25 -52.47 2.57
C GLN B 497 -32.21 -51.00 2.97
N HIS B 498 -31.54 -50.18 2.15
CA HIS B 498 -31.30 -48.79 2.53
C HIS B 498 -32.53 -47.92 2.30
N VAL B 499 -32.92 -47.74 1.03
CA VAL B 499 -34.07 -46.91 0.67
C VAL B 499 -34.92 -47.66 -0.34
N THR B 500 -36.08 -47.07 -0.65
CA THR B 500 -37.04 -47.64 -1.60
C THR B 500 -37.48 -46.56 -2.56
N LEU B 501 -37.43 -46.87 -3.86
CA LEU B 501 -37.81 -45.94 -4.91
C LEU B 501 -39.10 -46.41 -5.58
N LYS B 502 -40.02 -45.48 -5.81
CA LYS B 502 -41.30 -45.77 -6.46
C LYS B 502 -41.41 -44.90 -7.71
N ASN B 503 -41.06 -45.46 -8.86
CA ASN B 503 -41.26 -44.78 -10.14
C ASN B 503 -42.66 -45.08 -10.64
N ASP B 504 -43.39 -44.02 -11.00
CA ASP B 504 -44.79 -44.13 -11.41
C ASP B 504 -44.90 -43.74 -12.89
N GLY B 505 -44.47 -44.66 -13.75
CA GLY B 505 -44.55 -44.42 -15.18
C GLY B 505 -43.62 -43.35 -15.69
N ASN B 506 -42.47 -43.17 -15.04
CA ASN B 506 -41.50 -42.13 -15.41
C ASN B 506 -42.12 -40.74 -15.40
N ASN B 507 -43.09 -40.52 -14.52
CA ASN B 507 -43.74 -39.22 -14.38
C ASN B 507 -43.63 -38.62 -12.99
N GLN B 508 -43.67 -39.45 -11.94
CA GLN B 508 -43.52 -38.98 -10.57
C GLN B 508 -42.73 -40.03 -9.79
N ILE B 509 -41.50 -39.69 -9.42
CA ILE B 509 -40.59 -40.61 -8.74
C ILE B 509 -40.52 -40.22 -7.28
N HIS B 510 -40.66 -41.19 -6.38
CA HIS B 510 -40.65 -40.97 -4.95
C HIS B 510 -39.54 -41.79 -4.29
N LEU B 511 -38.90 -41.20 -3.28
CA LEU B 511 -37.85 -41.84 -2.51
C LEU B 511 -38.30 -41.96 -1.07
N SER B 512 -37.97 -43.09 -0.44
CA SER B 512 -38.40 -43.34 0.93
C SER B 512 -37.30 -44.04 1.72
N PRO B 513 -36.86 -43.48 2.85
CA PRO B 513 -35.87 -44.17 3.68
C PRO B 513 -36.49 -45.36 4.40
N CYS B 514 -35.61 -46.12 5.08
CA CYS B 514 -36.03 -47.31 5.81
C CYS B 514 -35.64 -47.24 7.28
N SER B 515 -35.37 -46.05 7.80
CA SER B 515 -34.99 -45.89 9.20
C SER B 515 -35.13 -44.42 9.60
N GLU B 516 -35.61 -44.19 10.81
CA GLU B 516 -35.65 -42.84 11.36
C GLU B 516 -34.24 -42.29 11.54
N ASP B 517 -33.35 -43.11 12.11
CA ASP B 517 -31.97 -42.71 12.37
C ASP B 517 -31.07 -43.14 11.19
N LEU B 518 -31.35 -42.54 10.03
CA LEU B 518 -30.57 -42.78 8.82
C LEU B 518 -30.51 -41.48 8.05
N ASP B 519 -29.29 -41.00 7.81
CA ASP B 519 -29.07 -39.65 7.29
C ASP B 519 -29.03 -39.68 5.77
N ILE B 520 -30.17 -39.39 5.13
CA ILE B 520 -30.24 -39.19 3.69
C ILE B 520 -30.67 -37.76 3.42
N PHE B 521 -30.08 -37.16 2.39
CA PHE B 521 -30.30 -35.76 2.07
C PHE B 521 -30.80 -35.61 0.64
N ILE B 522 -31.62 -34.58 0.42
CA ILE B 522 -32.12 -34.21 -0.89
C ILE B 522 -31.97 -32.71 -1.04
N ASN B 523 -31.24 -32.27 -2.07
CA ASN B 523 -30.95 -30.86 -2.30
C ASN B 523 -30.25 -30.22 -1.11
N GLY B 524 -29.53 -31.02 -0.33
CA GLY B 524 -28.86 -30.54 0.86
C GLY B 524 -29.72 -30.41 2.09
N LYS B 525 -31.01 -30.80 2.01
CA LYS B 525 -31.93 -30.72 3.13
C LYS B 525 -32.16 -32.11 3.73
N PRO B 526 -32.35 -32.19 5.04
CA PRO B 526 -32.54 -33.51 5.67
C PRO B 526 -33.89 -34.11 5.29
N VAL B 527 -33.88 -35.42 5.07
CA VAL B 527 -35.07 -36.17 4.69
C VAL B 527 -35.46 -37.08 5.84
N HIS B 528 -36.75 -37.04 6.21
CA HIS B 528 -37.27 -37.85 7.29
C HIS B 528 -38.45 -38.73 6.90
N GLY B 529 -38.92 -38.64 5.65
CA GLY B 529 -40.01 -39.48 5.18
C GLY B 529 -39.98 -39.65 3.68
N GLU B 530 -41.10 -40.07 3.09
CA GLU B 530 -41.17 -40.21 1.65
C GLU B 530 -41.21 -38.83 1.00
N THR B 531 -40.39 -38.64 -0.03
CA THR B 531 -40.29 -37.36 -0.71
C THR B 531 -40.18 -37.59 -2.21
N GLN B 532 -40.95 -36.83 -2.99
CA GLN B 532 -40.92 -36.95 -4.43
C GLN B 532 -39.67 -36.28 -5.00
N LEU B 533 -38.93 -37.01 -5.83
CA LEU B 533 -37.78 -36.46 -6.50
C LEU B 533 -38.20 -35.73 -7.77
N GLN B 534 -37.55 -34.62 -8.06
CA GLN B 534 -37.71 -33.93 -9.33
C GLN B 534 -36.36 -33.88 -10.03
N GLN B 535 -36.39 -33.43 -11.28
CA GLN B 535 -35.20 -33.52 -12.12
C GLN B 535 -34.06 -32.66 -11.55
N ASN B 536 -32.84 -33.14 -11.76
CA ASN B 536 -31.61 -32.49 -11.31
C ASN B 536 -31.51 -32.38 -9.80
N ASP B 537 -32.30 -33.16 -9.07
CA ASP B 537 -32.17 -33.20 -7.61
C ASP B 537 -30.87 -33.90 -7.23
N ARG B 538 -30.24 -33.41 -6.15
CA ARG B 538 -28.99 -33.97 -5.65
C ARG B 538 -29.32 -34.81 -4.41
N VAL B 539 -29.14 -36.13 -4.53
CA VAL B 539 -29.52 -37.08 -3.49
C VAL B 539 -28.26 -37.58 -2.81
N PHE B 540 -28.31 -37.66 -1.47
CA PHE B 540 -27.21 -38.18 -0.66
C PHE B 540 -27.71 -39.37 0.12
N PHE B 541 -27.05 -40.51 -0.05
CA PHE B 541 -27.41 -41.73 0.65
C PHE B 541 -26.53 -42.02 1.86
N GLY B 542 -25.28 -41.57 1.83
CA GLY B 542 -24.33 -41.81 2.90
C GLY B 542 -22.98 -42.22 2.34
N GLY B 543 -21.96 -42.09 3.18
CA GLY B 543 -20.59 -42.33 2.75
C GLY B 543 -20.13 -41.47 1.58
N ASN B 544 -19.86 -42.11 0.45
CA ASN B 544 -19.52 -41.39 -0.77
C ASN B 544 -20.62 -41.45 -1.81
N HIS B 545 -21.74 -42.10 -1.51
CA HIS B 545 -22.84 -42.25 -2.47
C HIS B 545 -23.60 -40.93 -2.55
N LEU B 546 -23.14 -40.05 -3.42
CA LEU B 546 -23.79 -38.78 -3.70
C LEU B 546 -24.07 -38.72 -5.20
N TYR B 547 -25.34 -38.66 -5.57
CA TYR B 547 -25.74 -38.77 -6.97
C TYR B 547 -26.67 -37.62 -7.34
N VAL B 548 -26.92 -37.50 -8.64
CA VAL B 548 -27.86 -36.52 -9.19
C VAL B 548 -28.94 -37.27 -9.94
N PHE B 549 -30.19 -36.91 -9.71
CA PHE B 549 -31.33 -37.61 -10.30
C PHE B 549 -31.71 -36.96 -11.63
N ASN B 550 -31.63 -37.74 -12.70
CA ASN B 550 -32.06 -37.31 -14.03
C ASN B 550 -33.27 -38.11 -14.47
N ASN B 551 -34.16 -37.45 -15.20
CA ASN B 551 -35.36 -38.08 -15.76
C ASN B 551 -35.44 -37.70 -17.23
N PRO B 552 -35.12 -38.61 -18.14
CA PRO B 552 -35.03 -38.23 -19.56
C PRO B 552 -36.39 -37.99 -20.21
N THR B 553 -37.47 -38.53 -19.65
CA THR B 553 -38.77 -38.42 -20.31
C THR B 553 -39.31 -36.99 -20.26
N LYS B 554 -39.01 -36.25 -19.20
CA LYS B 554 -39.57 -34.93 -18.98
C LYS B 554 -38.48 -33.88 -18.89
N LYS B 555 -38.86 -32.64 -19.13
CA LYS B 555 -38.07 -31.44 -18.79
C LYS B 555 -36.71 -31.52 -19.49
N GLY B 556 -35.63 -31.14 -18.82
CA GLY B 556 -34.30 -31.18 -19.39
C GLY B 556 -33.22 -31.45 -18.36
N ILE B 557 -32.28 -32.33 -18.70
CA ILE B 557 -31.26 -32.77 -17.76
C ILE B 557 -30.19 -31.70 -17.59
N ARG B 558 -29.26 -31.93 -16.66
CA ARG B 558 -28.11 -31.04 -16.45
C ARG B 558 -26.95 -31.90 -15.98
N THR B 559 -25.97 -32.12 -16.86
CA THR B 559 -24.80 -32.93 -16.53
C THR B 559 -23.63 -32.10 -16.03
N ASP B 560 -23.89 -30.87 -15.56
CA ASP B 560 -22.83 -29.98 -15.12
C ASP B 560 -22.83 -29.77 -13.61
N ILE B 561 -23.64 -30.51 -12.87
CA ILE B 561 -23.62 -30.43 -11.41
C ILE B 561 -22.28 -30.97 -10.91
N THR B 562 -21.61 -30.20 -10.06
CA THR B 562 -20.32 -30.58 -9.52
C THR B 562 -20.44 -30.92 -8.04
N TYR B 563 -19.44 -31.65 -7.54
CA TYR B 563 -19.35 -31.95 -6.11
C TYR B 563 -19.34 -30.70 -5.27
N GLU B 564 -18.91 -29.56 -5.83
CA GLU B 564 -18.87 -28.32 -5.06
C GLU B 564 -20.27 -27.79 -4.80
N ASN B 565 -21.18 -27.91 -5.77
CA ASN B 565 -22.53 -27.39 -5.57
C ASN B 565 -23.30 -28.19 -4.53
N ALA B 566 -23.19 -29.53 -4.59
CA ALA B 566 -23.92 -30.37 -3.65
C ALA B 566 -23.46 -30.15 -2.22
N GLN B 567 -22.14 -30.25 -1.99
CA GLN B 567 -21.62 -30.00 -0.66
C GLN B 567 -21.83 -28.55 -0.22
N ALA B 568 -21.85 -27.62 -1.19
CA ALA B 568 -22.08 -26.22 -0.86
C ALA B 568 -23.49 -26.02 -0.30
N GLU B 569 -24.50 -26.58 -0.97
CA GLU B 569 -25.87 -26.44 -0.46
C GLU B 569 -26.07 -27.26 0.81
N ILE B 570 -25.37 -28.40 0.93
CA ILE B 570 -25.42 -29.17 2.18
C ILE B 570 -24.92 -28.32 3.34
N ALA B 571 -23.77 -27.66 3.17
CA ALA B 571 -23.24 -26.81 4.22
C ALA B 571 -24.12 -25.59 4.44
N GLN B 572 -24.71 -25.05 3.38
CA GLN B 572 -25.65 -23.94 3.51
C GLN B 572 -26.79 -24.30 4.46
N ASN B 573 -27.47 -25.42 4.19
CA ASN B 573 -28.59 -25.81 5.04
C ASN B 573 -28.11 -26.23 6.42
N HIS B 574 -26.95 -26.88 6.52
CA HIS B 574 -26.43 -27.31 7.81
C HIS B 574 -26.10 -26.12 8.71
N ALA B 575 -25.63 -25.02 8.13
CA ALA B 575 -25.36 -23.82 8.90
C ALA B 575 -26.62 -23.00 9.16
N ALA B 576 -27.58 -23.02 8.23
CA ALA B 576 -28.85 -22.35 8.47
C ALA B 576 -29.65 -23.04 9.57
N ALA B 577 -29.43 -24.34 9.77
CA ALA B 577 -30.10 -25.04 10.86
C ALA B 577 -29.50 -24.68 12.21
N LEU B 578 -28.19 -24.49 12.28
CA LEU B 578 -27.52 -24.16 13.53
C LEU B 578 -27.72 -22.69 13.89
N ARG B 589 -25.89 -16.48 2.83
CA ARG B 589 -25.97 -15.97 4.20
C ARG B 589 -24.59 -15.60 4.72
N ASP B 590 -23.92 -16.56 5.36
CA ASP B 590 -22.56 -16.38 5.85
C ASP B 590 -21.65 -17.32 5.05
N LEU B 591 -20.61 -16.75 4.43
CA LEU B 591 -19.82 -17.46 3.43
C LEU B 591 -18.55 -18.09 3.99
N ILE B 592 -17.81 -17.36 4.82
CA ILE B 592 -16.47 -17.80 5.21
C ILE B 592 -16.55 -19.12 5.99
N LEU B 593 -17.55 -19.27 6.85
CA LEU B 593 -17.67 -20.49 7.63
C LEU B 593 -18.05 -21.68 6.74
N GLU B 594 -18.88 -21.44 5.73
CA GLU B 594 -19.36 -22.54 4.89
C GLU B 594 -18.26 -23.10 3.99
N GLU B 595 -17.29 -22.26 3.61
CA GLU B 595 -16.12 -22.76 2.88
C GLU B 595 -15.36 -23.80 3.70
N GLU B 596 -15.55 -23.82 5.02
CA GLU B 596 -14.93 -24.79 5.90
C GLU B 596 -15.87 -25.95 6.25
N LEU B 597 -17.17 -25.69 6.37
CA LEU B 597 -18.13 -26.77 6.55
C LEU B 597 -18.16 -27.69 5.34
N MET B 598 -17.95 -27.13 4.13
CA MET B 598 -17.86 -27.95 2.93
C MET B 598 -16.73 -28.97 3.04
N SER B 599 -15.66 -28.64 3.77
CA SER B 599 -14.57 -29.57 3.98
C SER B 599 -14.79 -30.48 5.18
N THR B 600 -15.53 -30.00 6.18
CA THR B 600 -15.66 -30.76 7.42
C THR B 600 -16.78 -31.81 7.35
N LEU B 601 -17.94 -31.43 6.79
CA LEU B 601 -19.12 -32.30 6.87
C LEU B 601 -18.97 -33.63 6.12
N PRO B 602 -18.43 -33.68 4.89
CA PRO B 602 -18.20 -35.01 4.28
C PRO B 602 -17.30 -35.89 5.13
N LEU B 603 -16.25 -35.31 5.72
CA LEU B 603 -15.34 -36.10 6.54
C LEU B 603 -16.03 -36.63 7.79
N VAL B 604 -16.92 -35.84 8.41
CA VAL B 604 -17.59 -36.34 9.61
C VAL B 604 -18.63 -37.38 9.26
N GLN B 605 -19.31 -37.24 8.11
CA GLN B 605 -20.21 -38.30 7.66
C GLN B 605 -19.46 -39.60 7.44
N ARG B 606 -18.35 -39.54 6.71
CA ARG B 606 -17.55 -40.73 6.45
C ARG B 606 -16.98 -41.29 7.75
N ALA B 607 -16.65 -40.44 8.71
CA ALA B 607 -16.14 -40.92 9.99
C ALA B 607 -17.22 -41.64 10.79
N ASN B 608 -18.46 -41.14 10.73
CA ASN B 608 -19.56 -41.83 11.40
C ASN B 608 -19.78 -43.21 10.80
N ALA B 609 -19.88 -43.28 9.46
CA ALA B 609 -20.09 -44.57 8.82
C ALA B 609 -18.92 -45.51 9.09
N MET B 610 -17.70 -44.98 9.07
CA MET B 610 -16.50 -45.77 9.28
C MET B 610 -16.42 -46.29 10.72
N ALA B 611 -16.87 -45.48 11.69
CA ALA B 611 -16.89 -45.94 13.07
C ALA B 611 -17.94 -47.02 13.26
N THR B 612 -19.12 -46.84 12.67
CA THR B 612 -20.16 -47.85 12.85
C THR B 612 -19.85 -49.14 12.11
N GLU B 613 -19.00 -49.10 11.08
CA GLU B 613 -18.57 -50.34 10.45
C GLU B 613 -17.37 -50.97 11.14
N LEU B 614 -16.45 -50.16 11.68
CA LEU B 614 -15.30 -50.66 12.41
C LEU B 614 -15.65 -51.19 13.80
N GLY B 615 -16.93 -51.21 14.17
CA GLY B 615 -17.35 -51.66 15.47
C GLY B 615 -17.26 -50.63 16.57
N ARG B 616 -16.69 -49.45 16.30
CA ARG B 616 -16.59 -48.42 17.33
C ARG B 616 -17.94 -47.76 17.56
N ASN B 617 -18.38 -47.75 18.82
CA ASN B 617 -19.68 -47.19 19.18
C ASN B 617 -19.49 -45.71 19.55
N VAL B 618 -19.16 -44.92 18.52
CA VAL B 618 -18.84 -43.51 18.67
C VAL B 618 -19.57 -42.72 17.60
N LYS B 619 -20.04 -41.53 17.96
CA LYS B 619 -20.67 -40.60 17.03
C LYS B 619 -19.92 -39.27 17.03
N PHE B 620 -19.74 -38.69 15.84
CA PHE B 620 -19.07 -37.42 15.69
C PHE B 620 -20.08 -36.35 15.30
N GLU B 621 -19.95 -35.16 15.89
CA GLU B 621 -20.85 -34.05 15.62
C GLU B 621 -20.05 -32.76 15.58
N ILE B 622 -20.58 -31.77 14.87
CA ILE B 622 -19.91 -30.49 14.64
C ILE B 622 -20.45 -29.46 15.61
N VAL B 623 -19.54 -28.75 16.28
CA VAL B 623 -19.90 -27.69 17.22
C VAL B 623 -19.22 -26.40 16.77
N LEU B 624 -19.99 -25.32 16.73
CA LEU B 624 -19.50 -24.02 16.27
C LEU B 624 -19.26 -23.11 17.46
N VAL B 625 -18.05 -22.54 17.54
CA VAL B 625 -17.70 -21.55 18.54
C VAL B 625 -17.67 -20.20 17.83
N SER B 626 -18.71 -19.40 18.03
CA SER B 626 -18.86 -18.12 17.34
C SER B 626 -17.96 -17.06 17.97
N PRO B 627 -17.68 -15.97 17.24
CA PRO B 627 -16.92 -14.87 17.84
C PRO B 627 -17.59 -14.25 19.05
N GLU B 628 -18.93 -14.21 19.08
CA GLU B 628 -19.62 -13.65 20.24
C GLU B 628 -19.38 -14.50 21.49
N MET B 629 -19.28 -15.82 21.32
CA MET B 629 -19.01 -16.69 22.46
C MET B 629 -17.59 -16.52 22.99
N ARG B 630 -16.68 -15.98 22.20
CA ARG B 630 -15.32 -15.70 22.62
C ARG B 630 -15.13 -14.24 23.04
N GLY B 631 -16.22 -13.50 23.23
CA GLY B 631 -16.13 -12.10 23.59
C GLY B 631 -15.58 -11.23 22.48
N LEU B 632 -16.10 -11.42 21.27
CA LEU B 632 -15.61 -10.70 20.10
C LEU B 632 -16.79 -10.32 19.22
N THR B 633 -16.54 -9.36 18.33
CA THR B 633 -17.50 -8.92 17.32
C THR B 633 -17.00 -9.14 15.91
N SER B 634 -15.71 -8.92 15.65
CA SER B 634 -15.08 -9.17 14.36
C SER B 634 -14.16 -10.37 14.54
N GLY B 635 -14.65 -11.56 14.21
CA GLY B 635 -13.87 -12.76 14.38
C GLY B 635 -14.29 -13.85 13.40
N LEU B 636 -13.42 -14.85 13.28
CA LEU B 636 -13.66 -16.01 12.42
C LEU B 636 -14.18 -17.16 13.26
N THR B 637 -15.23 -17.81 12.78
CA THR B 637 -15.87 -18.88 13.55
C THR B 637 -15.00 -20.14 13.55
N GLU B 638 -14.90 -20.78 14.71
CA GLU B 638 -14.14 -22.00 14.88
C GLU B 638 -15.05 -23.22 14.76
N ILE B 639 -14.46 -24.32 14.30
CA ILE B 639 -15.15 -25.59 14.15
C ILE B 639 -14.51 -26.60 15.09
N TRP B 640 -15.31 -27.21 15.95
CA TRP B 640 -14.88 -28.29 16.82
C TRP B 640 -15.73 -29.53 16.56
N VAL B 641 -15.14 -30.69 16.74
CA VAL B 641 -15.81 -31.97 16.50
C VAL B 641 -16.07 -32.63 17.85
N LYS B 642 -17.34 -32.81 18.18
CA LYS B 642 -17.72 -33.47 19.42
C LYS B 642 -17.67 -34.98 19.22
N VAL B 643 -16.90 -35.67 20.05
CA VAL B 643 -16.74 -37.12 19.98
C VAL B 643 -17.54 -37.73 21.11
N HIS B 644 -18.66 -38.36 20.78
CA HIS B 644 -19.55 -38.97 21.76
C HIS B 644 -19.35 -40.48 21.76
N ASN B 645 -18.83 -41.00 22.87
CA ASN B 645 -18.65 -42.44 23.06
C ASN B 645 -19.89 -42.96 23.75
N ILE B 646 -20.88 -43.38 22.96
CA ILE B 646 -22.15 -43.83 23.51
C ILE B 646 -22.04 -45.15 24.27
N SER B 647 -20.91 -45.84 24.16
CA SER B 647 -20.70 -47.05 24.95
C SER B 647 -20.32 -46.70 26.39
N GLU B 648 -19.10 -46.22 26.60
CA GLU B 648 -18.67 -45.81 27.94
C GLU B 648 -19.35 -44.53 28.41
N ASP B 649 -20.10 -43.85 27.55
CA ASP B 649 -20.74 -42.57 27.85
C ASP B 649 -19.71 -41.53 28.31
N THR B 650 -18.79 -41.22 27.41
CA THR B 650 -17.80 -40.17 27.61
C THR B 650 -17.95 -39.14 26.49
N TYR B 651 -17.32 -37.99 26.68
CA TYR B 651 -17.39 -36.89 25.72
C TYR B 651 -16.01 -36.31 25.50
N PHE B 652 -15.66 -36.10 24.23
CA PHE B 652 -14.42 -35.45 23.85
C PHE B 652 -14.74 -34.37 22.82
N LEU B 653 -13.79 -33.44 22.65
CA LEU B 653 -13.98 -32.32 21.73
C LEU B 653 -12.64 -32.02 21.07
N TRP B 654 -12.57 -32.25 19.77
CA TRP B 654 -11.34 -32.09 19.01
C TRP B 654 -11.40 -30.85 18.13
N GLU B 655 -10.28 -30.14 18.05
CA GLU B 655 -10.16 -29.08 17.06
C GLU B 655 -10.16 -29.68 15.66
N LYS B 656 -10.36 -28.82 14.65
CA LYS B 656 -10.53 -29.30 13.29
C LYS B 656 -9.29 -30.04 12.79
N SER B 657 -8.09 -29.52 13.10
CA SER B 657 -6.87 -30.15 12.62
C SER B 657 -6.69 -31.53 13.22
N ARG B 658 -6.87 -31.64 14.55
CA ARG B 658 -6.78 -32.94 15.21
C ARG B 658 -7.78 -33.92 14.61
N PHE B 659 -8.99 -33.45 14.32
CA PHE B 659 -10.00 -34.32 13.72
C PHE B 659 -9.56 -34.81 12.35
N MET B 660 -8.87 -33.97 11.58
CA MET B 660 -8.44 -34.40 10.24
C MET B 660 -7.30 -35.40 10.32
N ASN B 661 -6.37 -35.20 11.26
CA ASN B 661 -5.32 -36.20 11.47
C ASN B 661 -5.93 -37.54 11.86
N ARG B 662 -6.83 -37.54 12.85
CA ARG B 662 -7.46 -38.77 13.26
C ARG B 662 -8.39 -39.34 12.19
N TYR B 663 -8.87 -38.50 11.27
CA TYR B 663 -9.65 -39.01 10.14
C TYR B 663 -8.76 -39.75 9.15
N TYR B 664 -7.55 -39.23 8.90
CA TYR B 664 -6.58 -39.99 8.13
C TYR B 664 -6.32 -41.35 8.78
N GLY B 665 -6.12 -41.34 10.10
CA GLY B 665 -5.95 -42.60 10.81
C GLY B 665 -7.13 -43.55 10.66
N MET B 666 -8.35 -43.00 10.77
CA MET B 666 -9.55 -43.81 10.63
C MET B 666 -9.66 -44.40 9.23
N GLN B 667 -9.35 -43.60 8.20
CA GLN B 667 -9.40 -44.09 6.83
C GLN B 667 -8.41 -45.22 6.61
N GLU B 668 -7.21 -45.09 7.18
CA GLU B 668 -6.25 -46.18 7.16
C GLU B 668 -6.84 -47.44 7.80
N MET B 669 -7.47 -47.27 8.97
CA MET B 669 -8.05 -48.41 9.67
C MET B 669 -9.16 -49.06 8.86
N TYR B 670 -9.95 -48.25 8.16
CA TYR B 670 -11.05 -48.80 7.36
C TYR B 670 -10.54 -49.57 6.15
N GLU B 671 -9.53 -49.02 5.46
CA GLU B 671 -8.90 -49.78 4.38
C GLU B 671 -8.34 -51.10 4.89
N ALA B 672 -7.72 -51.07 6.06
CA ALA B 672 -7.16 -52.30 6.63
C ALA B 672 -8.26 -53.32 6.93
N LYS B 673 -9.39 -52.87 7.49
CA LYS B 673 -10.49 -53.81 7.75
C LYS B 673 -11.07 -54.33 6.45
N GLN B 674 -11.13 -53.50 5.41
CA GLN B 674 -11.56 -53.98 4.10
C GLN B 674 -10.63 -55.06 3.56
N ASP B 675 -9.34 -54.97 3.87
CA ASP B 675 -8.41 -55.99 3.43
C ASP B 675 -8.39 -57.20 4.35
N GLY B 676 -7.68 -57.10 5.47
CA GLY B 676 -7.49 -58.21 6.38
C GLY B 676 -8.00 -57.93 7.78
N SER B 677 -7.76 -58.90 8.67
CA SER B 677 -8.27 -58.83 10.03
C SER B 677 -7.16 -58.63 11.05
N GLU B 678 -6.43 -57.52 10.96
CA GLU B 678 -5.52 -57.10 12.00
C GLU B 678 -5.87 -55.73 12.58
N LYS B 684 -5.07 -49.63 21.85
CA LYS B 684 -5.67 -48.34 22.20
C LYS B 684 -4.71 -47.16 22.05
N GLU B 685 -3.42 -47.34 22.34
CA GLU B 685 -2.47 -46.23 22.22
C GLU B 685 -2.28 -45.77 20.79
N ARG B 686 -2.77 -46.52 19.80
CA ARG B 686 -2.75 -46.10 18.41
C ARG B 686 -4.15 -45.89 17.83
N ASP B 687 -5.19 -46.31 18.55
CA ASP B 687 -6.56 -46.19 18.05
C ASP B 687 -6.96 -44.72 17.93
N PRO B 688 -7.32 -44.25 16.73
CA PRO B 688 -7.72 -42.84 16.59
C PRO B 688 -9.05 -42.51 17.25
N PHE B 689 -9.91 -43.51 17.51
CA PHE B 689 -11.15 -43.25 18.21
C PHE B 689 -10.97 -43.11 19.71
N TYR B 690 -9.82 -43.53 20.24
CA TYR B 690 -9.60 -43.56 21.68
C TYR B 690 -9.05 -42.24 22.19
N GLU B 691 -9.48 -41.86 23.39
CA GLU B 691 -9.07 -40.64 24.05
C GLU B 691 -9.29 -40.91 25.53
N PRO B 692 -8.28 -40.70 26.36
CA PRO B 692 -8.39 -41.06 27.78
C PRO B 692 -9.56 -40.35 28.45
N PRO B 693 -10.45 -41.10 29.11
CA PRO B 693 -11.61 -40.47 29.77
C PRO B 693 -11.23 -39.52 30.90
N ASP B 694 -9.99 -39.56 31.39
CA ASP B 694 -9.55 -38.62 32.41
C ASP B 694 -8.92 -37.37 31.83
N SER B 695 -8.86 -37.24 30.51
CA SER B 695 -8.31 -36.04 29.90
C SER B 695 -9.36 -34.92 29.89
N PRO B 696 -8.96 -33.69 30.22
CA PRO B 696 -9.92 -32.59 30.23
C PRO B 696 -10.38 -32.23 28.83
N VAL B 697 -11.65 -31.83 28.72
CA VAL B 697 -12.25 -31.48 27.44
C VAL B 697 -12.86 -30.09 27.56
N PHE B 698 -12.76 -29.32 26.47
CA PHE B 698 -13.31 -27.96 26.44
C PHE B 698 -14.82 -28.00 26.51
N ILE B 699 -15.40 -27.37 27.54
CA ILE B 699 -16.82 -27.49 27.80
C ILE B 699 -17.49 -26.13 28.02
N ALA B 700 -16.74 -25.14 28.51
CA ALA B 700 -17.33 -23.85 28.85
C ALA B 700 -16.29 -22.76 28.74
N SER B 701 -16.76 -21.51 28.90
CA SER B 701 -15.88 -20.36 28.76
C SER B 701 -16.50 -19.15 29.45
N SER B 702 -15.62 -18.24 29.87
CA SER B 702 -16.02 -16.98 30.49
C SER B 702 -15.35 -15.82 29.77
N VAL B 703 -16.05 -14.69 29.70
CA VAL B 703 -15.54 -13.48 29.09
C VAL B 703 -15.40 -12.42 30.18
N VAL B 704 -14.17 -11.94 30.39
CA VAL B 704 -13.86 -10.98 31.44
C VAL B 704 -13.33 -9.71 30.78
N PHE B 705 -13.99 -8.59 31.05
CA PHE B 705 -13.53 -7.32 30.50
C PHE B 705 -12.23 -6.89 31.17
N LEU B 706 -11.39 -6.21 30.40
CA LEU B 706 -10.11 -5.70 30.89
C LEU B 706 -10.09 -4.19 30.98
N GLN B 707 -11.26 -3.55 30.94
CA GLN B 707 -11.32 -2.09 30.97
C GLN B 707 -10.73 -1.52 32.25
N SER B 708 -10.85 -2.25 33.37
CA SER B 708 -10.33 -1.75 34.64
C SER B 708 -8.81 -1.60 34.60
N LEU B 709 -8.12 -2.48 33.86
CA LEU B 709 -6.68 -2.36 33.73
C LEU B 709 -6.29 -1.11 32.95
N ALA B 710 -7.16 -0.68 32.01
CA ALA B 710 -6.85 0.50 31.22
C ALA B 710 -6.82 1.76 32.08
N TYR B 711 -7.51 1.76 33.21
CA TYR B 711 -7.51 2.88 34.15
C TYR B 711 -6.77 2.55 35.43
N LEU B 712 -6.06 1.42 35.48
CA LEU B 712 -5.22 1.05 36.62
C LEU B 712 -6.00 0.93 37.92
N ILE B 713 -7.26 0.52 37.82
CA ILE B 713 -8.11 0.34 39.00
C ILE B 713 -8.21 -1.16 39.30
N ASP B 714 -7.84 -1.54 40.51
CA ASP B 714 -7.88 -2.94 40.93
C ASP B 714 -9.32 -3.37 41.17
N VAL B 715 -9.75 -4.42 40.47
CA VAL B 715 -11.10 -4.96 40.62
C VAL B 715 -11.03 -6.47 40.77
N GLU B 716 -12.11 -7.03 41.28
CA GLU B 716 -12.24 -8.49 41.45
C GLU B 716 -13.71 -8.80 41.64
N GLU B 717 -14.25 -9.66 40.78
CA GLU B 717 -15.66 -10.02 40.85
C GLU B 717 -15.87 -11.35 40.15
N GLN B 718 -17.10 -11.83 40.17
CA GLN B 718 -17.47 -13.07 39.52
C GLN B 718 -17.96 -12.81 38.10
N PHE B 719 -17.67 -13.75 37.21
CA PHE B 719 -18.12 -13.68 35.83
C PHE B 719 -18.79 -14.99 35.45
N PRO B 720 -19.89 -14.93 34.70
CA PRO B 720 -20.63 -16.16 34.37
C PRO B 720 -19.78 -17.11 33.53
N ILE B 721 -19.98 -18.41 33.77
CA ILE B 721 -19.40 -19.46 32.94
C ILE B 721 -20.53 -20.14 32.18
N VAL B 722 -20.37 -20.24 30.86
CA VAL B 722 -21.43 -20.77 30.01
C VAL B 722 -20.83 -21.84 29.10
N ASP B 723 -21.58 -22.90 28.88
CA ASP B 723 -21.13 -23.99 28.04
C ASP B 723 -21.30 -23.62 26.56
N LEU B 724 -21.02 -24.58 25.68
CA LEU B 724 -21.10 -24.34 24.25
C LEU B 724 -22.52 -24.17 23.75
N SER B 725 -23.52 -24.36 24.61
CA SER B 725 -24.91 -24.12 24.26
C SER B 725 -25.44 -22.82 24.86
N GLY B 726 -24.62 -22.09 25.60
CA GLY B 726 -25.03 -20.81 26.15
C GLY B 726 -25.85 -20.87 27.42
N GLN B 727 -25.52 -21.79 28.33
CA GLN B 727 -26.21 -21.93 29.60
C GLN B 727 -25.24 -21.65 30.74
N GLU B 728 -25.61 -20.73 31.63
CA GLU B 728 -24.77 -20.37 32.76
C GLU B 728 -24.72 -21.54 33.75
N ILE B 729 -23.52 -22.08 33.96
CA ILE B 729 -23.34 -23.23 34.84
C ILE B 729 -22.49 -22.85 36.05
N GLY B 730 -22.58 -21.59 36.47
CA GLY B 730 -21.86 -21.11 37.63
C GLY B 730 -21.21 -19.77 37.35
N LEU B 731 -20.34 -19.36 38.27
CA LEU B 731 -19.63 -18.09 38.18
C LEU B 731 -18.17 -18.30 38.52
N LEU B 732 -17.29 -17.68 37.74
CA LEU B 732 -15.84 -17.80 37.94
C LEU B 732 -15.34 -16.50 38.55
N THR B 733 -14.87 -16.57 39.79
CA THR B 733 -14.30 -15.41 40.48
C THR B 733 -12.89 -15.17 39.96
N VAL B 734 -12.68 -14.04 39.28
CA VAL B 734 -11.37 -13.67 38.79
C VAL B 734 -10.99 -12.31 39.37
N GLY B 735 -9.68 -12.05 39.40
CA GLY B 735 -9.16 -10.81 39.94
C GLY B 735 -8.22 -10.11 38.99
N LEU B 736 -8.39 -8.80 38.85
CA LEU B 736 -7.61 -7.98 37.91
C LEU B 736 -7.03 -6.80 38.66
N SER B 737 -5.70 -6.79 38.81
CA SER B 737 -5.00 -5.72 39.52
C SER B 737 -3.72 -5.35 38.79
N PRO B 738 -3.37 -4.07 38.74
CA PRO B 738 -2.09 -3.66 38.17
C PRO B 738 -0.99 -3.63 39.22
N CYS B 739 0.25 -3.63 38.71
CA CYS B 739 1.43 -3.55 39.56
C CYS B 739 2.62 -3.15 38.70
N SER B 740 3.74 -2.91 39.35
CA SER B 740 4.93 -2.40 38.67
C SER B 740 5.95 -3.52 38.46
N THR B 741 6.98 -3.20 37.66
CA THR B 741 8.09 -4.10 37.44
C THR B 741 9.09 -4.10 38.59
N THR B 742 9.07 -3.05 39.41
CA THR B 742 10.01 -2.89 40.53
C THR B 742 9.31 -3.21 41.84
N GLY B 743 9.96 -2.85 42.95
CA GLY B 743 9.41 -3.07 44.27
C GLY B 743 8.57 -1.91 44.76
N LYS B 744 8.91 -0.70 44.31
CA LYS B 744 8.08 0.46 44.60
C LYS B 744 6.66 0.24 44.08
N GLU B 745 5.68 0.31 44.98
CA GLU B 745 4.30 0.09 44.59
C GLU B 745 3.86 1.14 43.58
N LEU B 746 2.90 0.76 42.74
CA LEU B 746 2.34 1.68 41.76
C LEU B 746 1.72 2.87 42.47
N ARG B 747 2.22 4.07 42.16
CA ARG B 747 1.78 5.28 42.83
C ARG B 747 0.34 5.61 42.42
N GLY B 748 -0.13 6.78 42.85
CA GLY B 748 -1.48 7.20 42.53
C GLY B 748 -1.55 8.11 41.33
N GLU B 749 -1.87 7.55 40.16
CA GLU B 749 -2.07 8.33 38.95
C GLU B 749 -3.55 8.25 38.56
N TYR B 750 -4.22 9.39 38.58
CA TYR B 750 -5.59 9.47 38.08
C TYR B 750 -5.58 9.31 36.56
N VAL B 751 -6.02 8.16 36.09
CA VAL B 751 -6.04 7.85 34.67
C VAL B 751 -7.41 8.23 34.12
N GLU B 752 -7.46 9.29 33.32
CA GLU B 752 -8.69 9.73 32.67
C GLU B 752 -8.78 9.27 31.22
N ASP B 753 -7.83 8.46 30.76
CA ASP B 753 -7.79 7.94 29.40
C ASP B 753 -6.69 6.87 29.31
N PRO B 754 -7.02 5.68 28.80
CA PRO B 754 -6.00 4.61 28.72
C PRO B 754 -4.78 4.98 27.87
N ASP B 755 -4.87 5.97 26.99
CA ASP B 755 -3.69 6.40 26.25
C ASP B 755 -2.65 7.04 27.15
N GLN B 756 -3.05 7.59 28.30
CA GLN B 756 -2.08 8.14 29.23
C GLN B 756 -1.07 7.10 29.70
N LEU B 757 -1.40 5.81 29.56
CA LEU B 757 -0.48 4.75 29.96
C LEU B 757 0.66 4.55 28.98
N ILE B 758 0.64 5.22 27.83
CA ILE B 758 1.68 4.98 26.81
C ILE B 758 3.02 5.42 27.34
N GLY B 759 3.99 4.50 27.36
CA GLY B 759 5.37 4.79 27.70
C GLY B 759 5.82 4.22 29.03
N LYS B 760 4.90 4.05 29.97
CA LYS B 760 5.27 3.67 31.33
C LYS B 760 5.59 2.17 31.41
N ASN B 761 6.39 1.81 32.41
CA ASN B 761 6.73 0.41 32.68
C ASN B 761 5.76 -0.12 33.71
N ILE B 762 4.67 -0.72 33.23
CA ILE B 762 3.59 -1.22 34.09
C ILE B 762 3.32 -2.68 33.74
N ALA B 763 3.04 -3.48 34.77
CA ALA B 763 2.62 -4.86 34.63
C ALA B 763 1.20 -5.02 35.13
N PHE B 764 0.63 -6.20 34.91
CA PHE B 764 -0.75 -6.47 35.29
C PHE B 764 -0.89 -7.92 35.74
N LYS B 765 -1.61 -8.12 36.83
CA LYS B 765 -1.74 -9.43 37.47
C LYS B 765 -3.15 -9.97 37.28
N VAL B 766 -3.25 -11.15 36.69
CA VAL B 766 -4.53 -11.85 36.54
C VAL B 766 -4.61 -12.94 37.61
N LYS B 767 -5.70 -12.94 38.36
CA LYS B 767 -5.93 -13.92 39.43
C LYS B 767 -7.27 -14.60 39.17
N VAL B 768 -7.24 -15.79 38.57
CA VAL B 768 -8.43 -16.63 38.46
C VAL B 768 -8.63 -17.32 39.80
N ILE B 769 -9.42 -16.69 40.68
CA ILE B 769 -9.51 -17.09 42.07
C ILE B 769 -10.14 -18.47 42.20
N SER B 770 -11.42 -18.58 41.88
CA SER B 770 -12.15 -19.83 42.11
C SER B 770 -13.40 -19.83 41.24
N ALA B 771 -14.24 -20.86 41.42
CA ALA B 771 -15.48 -21.02 40.67
C ALA B 771 -16.53 -21.63 41.58
N VAL B 772 -17.77 -21.17 41.44
CA VAL B 772 -18.89 -21.61 42.27
C VAL B 772 -20.10 -21.86 41.37
N GLY B 773 -20.70 -23.04 41.50
CA GLY B 773 -21.93 -23.36 40.81
C GLY B 773 -21.83 -24.40 39.71
N LEU B 774 -20.69 -25.06 39.56
CA LEU B 774 -20.50 -26.03 38.48
C LEU B 774 -21.41 -27.24 38.68
N PRO B 775 -21.74 -27.95 37.59
CA PRO B 775 -22.62 -29.13 37.72
C PRO B 775 -21.95 -30.29 38.43
N ARG B 776 -22.62 -31.45 38.42
CA ARG B 776 -22.18 -32.58 39.22
C ARG B 776 -21.26 -33.55 38.49
N ARG B 777 -21.31 -33.58 37.15
CA ARG B 777 -20.49 -34.53 36.40
C ARG B 777 -19.02 -34.14 36.33
N ILE B 778 -18.64 -32.98 36.86
CA ILE B 778 -17.27 -32.50 36.79
C ILE B 778 -16.50 -33.00 38.01
N LEU B 779 -15.48 -33.83 37.77
CA LEU B 779 -14.64 -34.35 38.84
C LEU B 779 -13.27 -33.70 38.91
N LYS B 780 -12.82 -33.05 37.83
CA LYS B 780 -11.58 -32.30 37.79
C LYS B 780 -11.74 -31.19 36.75
N SER B 781 -11.19 -30.02 37.03
CA SER B 781 -11.41 -28.86 36.16
C SER B 781 -10.22 -27.90 36.25
N ASN B 782 -9.85 -27.32 35.11
CA ASN B 782 -8.83 -26.29 35.04
C ASN B 782 -9.33 -25.12 34.19
N CYS B 783 -8.47 -24.13 33.98
CA CYS B 783 -8.78 -22.98 33.16
C CYS B 783 -7.59 -22.65 32.27
N LYS B 784 -7.88 -22.00 31.13
CA LYS B 784 -6.85 -21.60 30.18
C LYS B 784 -7.20 -20.25 29.59
N TYR B 785 -6.16 -19.49 29.26
CA TYR B 785 -6.28 -18.20 28.58
C TYR B 785 -4.91 -17.78 28.09
N ARG B 786 -4.90 -16.98 27.03
CA ARG B 786 -3.67 -16.42 26.49
C ARG B 786 -3.76 -14.90 26.53
N PHE B 787 -2.84 -14.28 27.27
CA PHE B 787 -2.81 -12.83 27.41
C PHE B 787 -2.21 -12.19 26.17
N PHE B 788 -2.13 -10.87 26.17
CA PHE B 788 -1.61 -10.13 25.04
C PHE B 788 -0.09 -10.23 24.99
N GLY B 789 0.44 -10.62 23.82
CA GLY B 789 1.88 -10.67 23.63
C GLY B 789 2.59 -11.66 24.54
N SER B 790 2.01 -12.84 24.73
CA SER B 790 2.61 -13.87 25.56
C SER B 790 3.03 -15.10 24.79
N LYS B 791 2.24 -15.51 23.79
CA LYS B 791 2.46 -16.73 22.99
C LYS B 791 2.77 -17.95 23.88
N LYS B 792 2.23 -17.94 25.11
CA LYS B 792 2.38 -19.04 26.04
C LYS B 792 1.04 -19.22 26.76
N MET B 793 0.32 -20.29 26.41
CA MET B 793 -1.02 -20.51 26.95
C MET B 793 -1.00 -20.64 28.46
N THR B 794 -1.52 -19.64 29.16
CA THR B 794 -1.55 -19.65 30.61
C THR B 794 -2.62 -20.61 31.10
N THR B 795 -2.22 -21.57 31.94
CA THR B 795 -3.13 -22.58 32.47
C THR B 795 -3.11 -22.55 33.99
N THR B 796 -4.19 -23.05 34.58
CA THR B 796 -4.29 -23.24 36.01
C THR B 796 -4.10 -24.71 36.36
N ALA B 797 -4.02 -24.99 37.65
CA ALA B 797 -4.04 -26.37 38.10
C ALA B 797 -5.44 -26.95 37.90
N THR B 798 -5.53 -28.27 38.00
CA THR B 798 -6.78 -28.99 37.81
C THR B 798 -7.35 -29.36 39.17
N VAL B 799 -8.43 -28.66 39.59
CA VAL B 799 -9.01 -28.81 40.92
C VAL B 799 -10.15 -29.82 40.85
N SER B 800 -10.32 -30.59 41.93
CA SER B 800 -11.21 -31.73 41.90
C SER B 800 -12.65 -31.36 42.22
N GLY B 801 -12.86 -30.47 43.18
CA GLY B 801 -14.20 -30.22 43.67
C GLY B 801 -15.11 -29.61 42.62
N ASN B 802 -16.41 -29.68 42.90
CA ASN B 802 -17.39 -29.04 42.02
C ASN B 802 -17.36 -27.53 42.18
N THR B 803 -16.95 -27.05 43.35
CA THR B 803 -16.68 -25.63 43.57
C THR B 803 -15.18 -25.47 43.72
N PRO B 804 -14.43 -25.38 42.60
CA PRO B 804 -12.97 -25.44 42.68
C PRO B 804 -12.38 -24.23 43.39
N ALA B 805 -11.08 -24.35 43.69
CA ALA B 805 -10.29 -23.28 44.32
C ALA B 805 -8.95 -23.24 43.59
N TYR B 806 -8.97 -22.67 42.37
CA TYR B 806 -7.77 -22.67 41.53
C TYR B 806 -6.65 -21.89 42.19
N GLY B 807 -6.94 -20.67 42.64
CA GLY B 807 -5.91 -19.83 43.23
C GLY B 807 -4.78 -19.49 42.28
N HIS B 808 -5.13 -19.21 41.02
CA HIS B 808 -4.12 -18.93 40.00
C HIS B 808 -3.66 -17.48 40.07
N GLU B 809 -2.43 -17.25 39.65
CA GLU B 809 -1.85 -15.90 39.65
C GLU B 809 -0.68 -15.87 38.68
N GLU B 810 -0.63 -14.81 37.85
CA GLU B 810 0.51 -14.58 36.96
C GLU B 810 0.46 -13.14 36.49
N THR B 811 1.58 -12.44 36.64
CA THR B 811 1.72 -11.09 36.11
C THR B 811 2.25 -11.14 34.68
N PHE B 812 1.88 -10.13 33.90
CA PHE B 812 2.31 -10.02 32.51
C PHE B 812 3.05 -8.68 32.34
N GLN B 813 4.36 -8.76 32.15
CA GLN B 813 5.19 -7.57 32.11
C GLN B 813 5.10 -6.88 30.76
N PHE B 814 4.96 -5.56 30.79
CA PHE B 814 5.00 -4.72 29.59
C PHE B 814 5.98 -3.59 29.86
N LYS B 815 7.16 -3.66 29.22
CA LYS B 815 8.16 -2.62 29.49
C LYS B 815 7.70 -1.27 28.92
N PRO B 816 7.39 -1.12 27.63
CA PRO B 816 6.58 0.03 27.23
C PRO B 816 5.12 -0.35 27.03
N VAL B 817 4.22 0.30 27.77
CA VAL B 817 2.80 0.09 27.53
C VAL B 817 2.47 0.73 26.19
N THR B 818 2.46 -0.08 25.13
CA THR B 818 2.29 0.44 23.79
C THR B 818 0.82 0.76 23.52
N LYS B 819 0.58 1.46 22.41
CA LYS B 819 -0.78 1.71 21.98
C LYS B 819 -1.53 0.41 21.73
N GLU B 820 -0.81 -0.64 21.35
CA GLU B 820 -1.44 -1.94 21.17
C GLU B 820 -1.87 -2.55 22.49
N VAL B 821 -1.04 -2.42 23.52
CA VAL B 821 -1.39 -2.95 24.85
C VAL B 821 -2.49 -2.11 25.48
N ALA B 822 -2.41 -0.78 25.33
CA ALA B 822 -3.46 0.08 25.85
C ALA B 822 -4.78 -0.17 25.14
N ASP B 823 -4.74 -0.32 23.81
CA ASP B 823 -5.94 -0.69 23.06
C ASP B 823 -6.49 -2.04 23.51
N TYR B 824 -5.60 -3.00 23.74
CA TYR B 824 -6.04 -4.30 24.26
C TYR B 824 -6.81 -4.13 25.57
N LEU B 825 -6.20 -3.45 26.54
CA LEU B 825 -6.85 -3.27 27.83
C LEU B 825 -8.14 -2.47 27.72
N ALA B 826 -8.20 -1.54 26.77
CA ALA B 826 -9.37 -0.66 26.68
C ALA B 826 -10.55 -1.34 26.00
N ASN B 827 -10.31 -1.96 24.85
CA ASN B 827 -11.39 -2.44 24.00
C ASN B 827 -11.53 -3.96 23.97
N SER B 828 -10.46 -4.72 24.21
CA SER B 828 -10.55 -6.17 24.18
C SER B 828 -10.92 -6.70 25.57
N ASN B 829 -11.09 -8.01 25.66
CA ASN B 829 -11.45 -8.65 26.92
C ASN B 829 -10.94 -10.08 26.92
N LEU B 830 -10.56 -10.54 28.11
CA LEU B 830 -9.92 -11.84 28.25
C LEU B 830 -10.91 -12.97 28.01
N TYR B 831 -10.41 -14.07 27.43
CA TYR B 831 -11.21 -15.23 27.09
C TYR B 831 -10.66 -16.44 27.85
N ILE B 832 -11.42 -16.91 28.83
CA ILE B 832 -11.00 -18.01 29.71
C ILE B 832 -11.88 -19.22 29.40
N THR B 833 -11.24 -20.35 29.13
CA THR B 833 -11.94 -21.58 28.77
C THR B 833 -11.82 -22.61 29.89
N PHE B 834 -12.87 -23.41 30.06
CA PHE B 834 -12.87 -24.52 31.00
C PHE B 834 -12.46 -25.81 30.30
N TRP B 835 -11.94 -26.74 31.10
CA TRP B 835 -11.62 -28.10 30.64
C TRP B 835 -11.91 -29.03 31.80
N GLY B 836 -12.99 -29.80 31.70
CA GLY B 836 -13.43 -30.63 32.80
C GLY B 836 -13.63 -32.08 32.38
N THR B 837 -13.21 -32.99 33.25
CA THR B 837 -13.37 -34.42 33.01
C THR B 837 -14.68 -34.91 33.60
N GLN B 838 -15.21 -35.99 33.02
CA GLN B 838 -16.49 -36.54 33.45
C GLN B 838 -16.32 -37.65 34.50
N ARG B 839 -15.45 -38.61 34.23
CA ARG B 839 -15.25 -39.74 35.13
C ARG B 839 -13.86 -39.72 35.77
PB ADP C . 2.45 29.60 -6.26
O1B ADP C . 2.91 28.35 -5.55
O2B ADP C . 2.02 30.72 -5.34
O3B ADP C . 3.36 30.04 -7.38
PA ADP C . 0.02 28.21 -6.30
O1A ADP C . 0.14 26.82 -6.89
O2A ADP C . 0.14 28.43 -4.81
O3A ADP C . 1.10 29.16 -7.02
O5' ADP C . -1.38 28.84 -6.76
C5' ADP C . -2.30 29.30 -5.78
C4' ADP C . -3.71 28.82 -6.10
O4' ADP C . -4.06 29.18 -7.44
C3' ADP C . -3.80 27.30 -6.01
O3' ADP C . -4.59 26.93 -4.88
C2' ADP C . -4.47 26.84 -7.29
O2' ADP C . -5.72 26.22 -6.97
C1' ADP C . -4.70 28.09 -8.11
N9 ADP C . -4.08 27.94 -9.45
C8 ADP C . -2.83 28.31 -9.77
N7 ADP C . -2.55 28.03 -11.07
C5 ADP C . -3.64 27.44 -11.60
C6 ADP C . -4.02 26.90 -12.92
N6 ADP C . -3.15 26.92 -13.97
N1 ADP C . -5.26 26.38 -13.06
C2 ADP C . -6.13 26.36 -12.03
N3 ADP C . -5.86 26.84 -10.81
C4 ADP C . -4.65 27.38 -10.53
MG MG D . 4.39 27.34 -3.65
PB ADP E . -6.01 -32.75 -8.59
O1B ADP E . -5.92 -34.08 -9.27
O2B ADP E . -7.17 -32.60 -7.64
O3B ADP E . -4.70 -32.23 -8.04
PA ADP E . -7.62 -31.93 -10.73
O1A ADP E . -7.14 -32.27 -12.13
O2A ADP E . -8.60 -32.82 -10.01
O3A ADP E . -6.34 -31.71 -9.78
O5' ADP E . -8.27 -30.45 -10.77
C5' ADP E . -9.62 -30.26 -10.39
C4' ADP E . -10.24 -29.16 -11.25
O4' ADP E . -9.35 -28.05 -11.36
C3' ADP E . -10.54 -29.65 -12.65
O3' ADP E . -11.94 -29.87 -12.82
C2' ADP E . -10.07 -28.55 -13.57
O2' ADP E . -11.18 -27.97 -14.25
C1' ADP E . -9.41 -27.50 -12.68
N9 ADP E . -8.03 -27.23 -13.18
C8 ADP E . -6.89 -27.71 -12.64
N7 ADP E . -5.81 -27.27 -13.32
C5 ADP E . -6.25 -26.48 -14.32
C6 ADP E . -5.64 -25.69 -15.41
N6 ADP E . -4.29 -25.66 -15.58
N1 ADP E . -6.46 -25.01 -16.23
C2 ADP E . -7.79 -25.03 -16.09
N3 ADP E . -8.42 -25.72 -15.12
C4 ADP E . -7.72 -26.46 -14.21
MG MG F . -6.02 -36.24 -8.38
#